data_6XXZ
# 
_entry.id   6XXZ 
# 
_audit_conform.dict_name       mmcif_pdbx.dic 
_audit_conform.dict_version    5.399 
_audit_conform.dict_location   http://mmcif.pdb.org/dictionaries/ascii/mmcif_pdbx.dic 
# 
loop_
_database_2.database_id 
_database_2.database_code 
_database_2.pdbx_database_accession 
_database_2.pdbx_DOI 
PDB   6XXZ         pdb_00006xxz 10.2210/pdb6xxz/pdb 
WWPDB D_1292106464 ?            ?                   
# 
loop_
_pdbx_audit_revision_history.ordinal 
_pdbx_audit_revision_history.data_content_type 
_pdbx_audit_revision_history.major_revision 
_pdbx_audit_revision_history.minor_revision 
_pdbx_audit_revision_history.revision_date 
1 'Structure model' 1 0 2020-03-18 
2 'Structure model' 1 1 2020-03-25 
3 'Structure model' 1 2 2024-11-20 
# 
_pdbx_audit_revision_details.ordinal             1 
_pdbx_audit_revision_details.revision_ordinal    1 
_pdbx_audit_revision_details.data_content_type   'Structure model' 
_pdbx_audit_revision_details.provider            repository 
_pdbx_audit_revision_details.type                'Initial release' 
_pdbx_audit_revision_details.description         ? 
_pdbx_audit_revision_details.details             ? 
# 
loop_
_pdbx_audit_revision_group.ordinal 
_pdbx_audit_revision_group.revision_ordinal 
_pdbx_audit_revision_group.data_content_type 
_pdbx_audit_revision_group.group 
1 2 'Structure model' 'Database references' 
2 3 'Structure model' Advisory              
3 3 'Structure model' 'Data collection'     
4 3 'Structure model' 'Database references' 
5 3 'Structure model' 'Structure summary'   
# 
loop_
_pdbx_audit_revision_category.ordinal 
_pdbx_audit_revision_category.revision_ordinal 
_pdbx_audit_revision_category.data_content_type 
_pdbx_audit_revision_category.category 
1 2 'Structure model' citation                     
2 2 'Structure model' citation_author              
3 3 'Structure model' chem_comp_atom               
4 3 'Structure model' chem_comp_bond               
5 3 'Structure model' database_2                   
6 3 'Structure model' pdbx_entry_details           
7 3 'Structure model' pdbx_modification_feature    
8 3 'Structure model' pdbx_unobs_or_zero_occ_atoms 
# 
loop_
_pdbx_audit_revision_item.ordinal 
_pdbx_audit_revision_item.revision_ordinal 
_pdbx_audit_revision_item.data_content_type 
_pdbx_audit_revision_item.item 
1 2 'Structure model' '_citation.journal_volume'                     
2 2 'Structure model' '_citation.page_first'                         
3 2 'Structure model' '_citation.page_last'                          
4 2 'Structure model' '_citation_author.identifier_ORCID'            
5 3 'Structure model' '_database_2.pdbx_DOI'                         
6 3 'Structure model' '_database_2.pdbx_database_accession'          
7 3 'Structure model' '_pdbx_entry_details.has_protein_modification' 
# 
_pdbx_database_status.status_code                     REL 
_pdbx_database_status.status_code_sf                  REL 
_pdbx_database_status.status_code_mr                  ? 
_pdbx_database_status.entry_id                        6XXZ 
_pdbx_database_status.recvd_initial_deposition_date   2020-01-29 
_pdbx_database_status.SG_entry                        N 
_pdbx_database_status.deposit_site                    PDBE 
_pdbx_database_status.process_site                    PDBE 
_pdbx_database_status.status_code_cs                  ? 
_pdbx_database_status.status_code_nmr_data            ? 
_pdbx_database_status.methods_development_category    ? 
_pdbx_database_status.pdb_format_compatible           Y 
# 
loop_
_audit_author.name 
_audit_author.pdbx_ordinal 
_audit_author.identifier_ORCID 
'Edgell, C.L.'   1 0000-0003-0448-122X 
'Savery, N.J.'   2 0000-0002-0803-4075 
'Woolfson, D.N.' 3 0000-0002-0394-3202 
# 
_citation.abstract                  ? 
_citation.abstract_id_CAS           ? 
_citation.book_id_ISBN              ? 
_citation.book_publisher            ? 
_citation.book_publisher_city       ? 
_citation.book_title                ? 
_citation.coordinate_linkage        ? 
_citation.country                   US 
_citation.database_id_Medline       ? 
_citation.details                   ? 
_citation.id                        primary 
_citation.journal_abbrev            Biochemistry 
_citation.journal_id_ASTM           BICHAW 
_citation.journal_id_CSD            0033 
_citation.journal_id_ISSN           0006-2960 
_citation.journal_full              ? 
_citation.journal_issue             ? 
_citation.journal_volume            59 
_citation.language                  ? 
_citation.page_first                1087 
_citation.page_last                 1092 
_citation.title                     'RobustDe Novo-Designed Homotetrameric Coiled Coils.' 
_citation.year                      2020 
_citation.database_id_CSD           ? 
_citation.pdbx_database_id_DOI      10.1021/acs.biochem.0c00082 
_citation.pdbx_database_id_PubMed   32133841 
_citation.unpublished_flag          ? 
# 
loop_
_citation_author.citation_id 
_citation_author.name 
_citation_author.ordinal 
_citation_author.identifier_ORCID 
primary 'Edgell, C.L.'   1 ? 
primary 'Savery, N.J.'   2 ? 
primary 'Woolfson, D.N.' 3 ? 
# 
loop_
_entity.id 
_entity.type 
_entity.src_method 
_entity.pdbx_description 
_entity.formula_weight 
_entity.pdbx_number_of_molecules 
_entity.pdbx_ec 
_entity.pdbx_mutation 
_entity.pdbx_fragment 
_entity.details 
1 polymer     syn 2-EK-4           3462.024 2  ? ? ? ? 
2 non-polymer syn 'PROPANOIC ACID' 74.079   2  ? ? ? ? 
3 water       nat water            18.015   41 ? ? ? ? 
# 
_entity_poly.entity_id                      1 
_entity_poly.type                           'polypeptide(L)' 
_entity_poly.nstd_linkage                   no 
_entity_poly.nstd_monomer                   yes 
_entity_poly.pdbx_seq_one_letter_code       '(ACE)GEIKQQLAEIKQQLAEIKWQLAEIKQQLAG(NH2)' 
_entity_poly.pdbx_seq_one_letter_code_can   XGEIKQQLAEIKQQLAEIKWQLAEIKQQLAGX 
_entity_poly.pdbx_strand_id                 A,B 
_entity_poly.pdbx_target_identifier         ? 
# 
loop_
_pdbx_entity_nonpoly.entity_id 
_pdbx_entity_nonpoly.name 
_pdbx_entity_nonpoly.comp_id 
2 'PROPANOIC ACID' PPI 
3 water            HOH 
# 
loop_
_entity_poly_seq.entity_id 
_entity_poly_seq.num 
_entity_poly_seq.mon_id 
_entity_poly_seq.hetero 
1 1  ACE n 
1 2  GLY n 
1 3  GLU n 
1 4  ILE n 
1 5  LYS n 
1 6  GLN n 
1 7  GLN n 
1 8  LEU n 
1 9  ALA n 
1 10 GLU n 
1 11 ILE n 
1 12 LYS n 
1 13 GLN n 
1 14 GLN n 
1 15 LEU n 
1 16 ALA n 
1 17 GLU n 
1 18 ILE n 
1 19 LYS n 
1 20 TRP n 
1 21 GLN n 
1 22 LEU n 
1 23 ALA n 
1 24 GLU n 
1 25 ILE n 
1 26 LYS n 
1 27 GLN n 
1 28 GLN n 
1 29 LEU n 
1 30 ALA n 
1 31 GLY n 
1 32 NH2 n 
# 
_pdbx_entity_src_syn.entity_id              1 
_pdbx_entity_src_syn.pdbx_src_id            1 
_pdbx_entity_src_syn.pdbx_alt_source_flag   sample 
_pdbx_entity_src_syn.pdbx_beg_seq_num       1 
_pdbx_entity_src_syn.pdbx_end_seq_num       32 
_pdbx_entity_src_syn.organism_scientific    'synthetic construct' 
_pdbx_entity_src_syn.organism_common_name   ? 
_pdbx_entity_src_syn.ncbi_taxonomy_id       32630 
_pdbx_entity_src_syn.details                ? 
# 
loop_
_chem_comp.id 
_chem_comp.type 
_chem_comp.mon_nstd_flag 
_chem_comp.name 
_chem_comp.pdbx_synonyms 
_chem_comp.formula 
_chem_comp.formula_weight 
ACE non-polymer         . 'ACETYL GROUP'   ? 'C2 H4 O'        44.053  
ALA 'L-peptide linking' y ALANINE          ? 'C3 H7 N O2'     89.093  
GLN 'L-peptide linking' y GLUTAMINE        ? 'C5 H10 N2 O3'   146.144 
GLU 'L-peptide linking' y 'GLUTAMIC ACID'  ? 'C5 H9 N O4'     147.129 
GLY 'peptide linking'   y GLYCINE          ? 'C2 H5 N O2'     75.067  
HOH non-polymer         . WATER            ? 'H2 O'           18.015  
ILE 'L-peptide linking' y ISOLEUCINE       ? 'C6 H13 N O2'    131.173 
LEU 'L-peptide linking' y LEUCINE          ? 'C6 H13 N O2'    131.173 
LYS 'L-peptide linking' y LYSINE           ? 'C6 H15 N2 O2 1' 147.195 
NH2 non-polymer         . 'AMINO GROUP'    ? 'H2 N'           16.023  
PPI non-polymer         . 'PROPANOIC ACID' ? 'C3 H6 O2'       74.079  
TRP 'L-peptide linking' y TRYPTOPHAN       ? 'C11 H12 N2 O2'  204.225 
# 
loop_
_pdbx_poly_seq_scheme.asym_id 
_pdbx_poly_seq_scheme.entity_id 
_pdbx_poly_seq_scheme.seq_id 
_pdbx_poly_seq_scheme.mon_id 
_pdbx_poly_seq_scheme.ndb_seq_num 
_pdbx_poly_seq_scheme.pdb_seq_num 
_pdbx_poly_seq_scheme.auth_seq_num 
_pdbx_poly_seq_scheme.pdb_mon_id 
_pdbx_poly_seq_scheme.auth_mon_id 
_pdbx_poly_seq_scheme.pdb_strand_id 
_pdbx_poly_seq_scheme.pdb_ins_code 
_pdbx_poly_seq_scheme.hetero 
A 1 1  ACE 1  0  0  ACE ACE A . n 
A 1 2  GLY 2  1  1  GLY GLY A . n 
A 1 3  GLU 3  2  2  GLU GLU A . n 
A 1 4  ILE 4  3  3  ILE ILE A . n 
A 1 5  LYS 5  4  4  LYS LYS A . n 
A 1 6  GLN 6  5  5  GLN GLN A . n 
A 1 7  GLN 7  6  6  GLN GLN A . n 
A 1 8  LEU 8  7  7  LEU LEU A . n 
A 1 9  ALA 9  8  8  ALA ALA A . n 
A 1 10 GLU 10 9  9  GLU GLU A . n 
A 1 11 ILE 11 10 10 ILE ILE A . n 
A 1 12 LYS 12 11 11 LYS LYS A . n 
A 1 13 GLN 13 12 12 GLN GLN A . n 
A 1 14 GLN 14 13 13 GLN GLN A . n 
A 1 15 LEU 15 14 14 LEU LEU A . n 
A 1 16 ALA 16 15 15 ALA ALA A . n 
A 1 17 GLU 17 16 16 GLU GLU A . n 
A 1 18 ILE 18 17 17 ILE ILE A . n 
A 1 19 LYS 19 18 18 LYS LYS A . n 
A 1 20 TRP 20 19 19 TRP TRP A . n 
A 1 21 GLN 21 20 20 GLN GLN A . n 
A 1 22 LEU 22 21 21 LEU LEU A . n 
A 1 23 ALA 23 22 22 ALA ALA A . n 
A 1 24 GLU 24 23 23 GLU GLU A . n 
A 1 25 ILE 25 24 24 ILE ILE A . n 
A 1 26 LYS 26 25 25 LYS LYS A . n 
A 1 27 GLN 27 26 26 GLN GLN A . n 
A 1 28 GLN 28 27 27 GLN GLN A . n 
A 1 29 LEU 29 28 28 LEU LEU A . n 
A 1 30 ALA 30 29 29 ALA ALA A . n 
A 1 31 GLY 31 30 30 GLY GLY A . n 
A 1 32 NH2 32 31 ?  ?   ?   A . n 
B 1 1  ACE 1  0  0  ACE ACE B . n 
B 1 2  GLY 2  1  1  GLY GLY B . n 
B 1 3  GLU 3  2  2  GLU GLU B . n 
B 1 4  ILE 4  3  3  ILE ILE B . n 
B 1 5  LYS 5  4  4  LYS LYS B . n 
B 1 6  GLN 6  5  5  GLN GLN B . n 
B 1 7  GLN 7  6  6  GLN GLN B . n 
B 1 8  LEU 8  7  7  LEU LEU B . n 
B 1 9  ALA 9  8  8  ALA ALA B . n 
B 1 10 GLU 10 9  9  GLU GLU B . n 
B 1 11 ILE 11 10 10 ILE ILE B . n 
B 1 12 LYS 12 11 11 LYS LYS B . n 
B 1 13 GLN 13 12 12 GLN GLN B . n 
B 1 14 GLN 14 13 13 GLN GLN B . n 
B 1 15 LEU 15 14 14 LEU LEU B . n 
B 1 16 ALA 16 15 15 ALA ALA B . n 
B 1 17 GLU 17 16 16 GLU GLU B . n 
B 1 18 ILE 18 17 17 ILE ILE B . n 
B 1 19 LYS 19 18 18 LYS LYS B . n 
B 1 20 TRP 20 19 19 TRP TRP B . n 
B 1 21 GLN 21 20 20 GLN GLN B . n 
B 1 22 LEU 22 21 21 LEU LEU B . n 
B 1 23 ALA 23 22 22 ALA ALA B . n 
B 1 24 GLU 24 23 23 GLU GLU B . n 
B 1 25 ILE 25 24 24 ILE ILE B . n 
B 1 26 LYS 26 25 25 LYS LYS B . n 
B 1 27 GLN 27 26 26 GLN GLN B . n 
B 1 28 GLN 28 27 27 GLN GLN B . n 
B 1 29 LEU 29 28 28 LEU LEU B . n 
B 1 30 ALA 30 29 29 ALA ALA B . n 
B 1 31 GLY 31 30 30 GLY GLY B . n 
B 1 32 NH2 32 31 ?  ?   ?   B . n 
# 
loop_
_pdbx_nonpoly_scheme.asym_id 
_pdbx_nonpoly_scheme.entity_id 
_pdbx_nonpoly_scheme.mon_id 
_pdbx_nonpoly_scheme.ndb_seq_num 
_pdbx_nonpoly_scheme.pdb_seq_num 
_pdbx_nonpoly_scheme.auth_seq_num 
_pdbx_nonpoly_scheme.pdb_mon_id 
_pdbx_nonpoly_scheme.auth_mon_id 
_pdbx_nonpoly_scheme.pdb_strand_id 
_pdbx_nonpoly_scheme.pdb_ins_code 
C 2 PPI 1  101 1  PPI PPI A . 
D 2 PPI 1  101 2  PPI PPI B . 
E 3 HOH 1  201 28 HOH HOH A . 
E 3 HOH 2  202 35 HOH HOH A . 
E 3 HOH 3  203 17 HOH HOH A . 
E 3 HOH 4  204 32 HOH HOH A . 
E 3 HOH 5  205 8  HOH HOH A . 
E 3 HOH 6  206 29 HOH HOH A . 
E 3 HOH 7  207 24 HOH HOH A . 
E 3 HOH 8  208 13 HOH HOH A . 
E 3 HOH 9  209 11 HOH HOH A . 
E 3 HOH 10 210 4  HOH HOH A . 
E 3 HOH 11 211 1  HOH HOH A . 
E 3 HOH 12 212 5  HOH HOH A . 
E 3 HOH 13 213 9  HOH HOH A . 
E 3 HOH 14 214 27 HOH HOH A . 
E 3 HOH 15 215 22 HOH HOH A . 
E 3 HOH 16 216 21 HOH HOH A . 
E 3 HOH 17 217 18 HOH HOH A . 
E 3 HOH 18 218 23 HOH HOH A . 
E 3 HOH 19 219 19 HOH HOH A . 
E 3 HOH 20 220 16 HOH HOH A . 
E 3 HOH 21 221 20 HOH HOH A . 
F 3 HOH 1  201 41 HOH HOH B . 
F 3 HOH 2  202 25 HOH HOH B . 
F 3 HOH 3  203 26 HOH HOH B . 
F 3 HOH 4  204 3  HOH HOH B . 
F 3 HOH 5  205 10 HOH HOH B . 
F 3 HOH 6  206 30 HOH HOH B . 
F 3 HOH 7  207 39 HOH HOH B . 
F 3 HOH 8  208 6  HOH HOH B . 
F 3 HOH 9  209 15 HOH HOH B . 
F 3 HOH 10 210 12 HOH HOH B . 
F 3 HOH 11 211 2  HOH HOH B . 
F 3 HOH 12 212 40 HOH HOH B . 
F 3 HOH 13 213 14 HOH HOH B . 
F 3 HOH 14 214 31 HOH HOH B . 
F 3 HOH 15 215 7  HOH HOH B . 
F 3 HOH 16 216 36 HOH HOH B . 
F 3 HOH 17 217 34 HOH HOH B . 
F 3 HOH 18 218 37 HOH HOH B . 
F 3 HOH 19 219 33 HOH HOH B . 
F 3 HOH 20 220 38 HOH HOH B . 
# 
loop_
_pdbx_unobs_or_zero_occ_atoms.id 
_pdbx_unobs_or_zero_occ_atoms.PDB_model_num 
_pdbx_unobs_or_zero_occ_atoms.polymer_flag 
_pdbx_unobs_or_zero_occ_atoms.occupancy_flag 
_pdbx_unobs_or_zero_occ_atoms.auth_asym_id 
_pdbx_unobs_or_zero_occ_atoms.auth_comp_id 
_pdbx_unobs_or_zero_occ_atoms.auth_seq_id 
_pdbx_unobs_or_zero_occ_atoms.PDB_ins_code 
_pdbx_unobs_or_zero_occ_atoms.auth_atom_id 
_pdbx_unobs_or_zero_occ_atoms.label_alt_id 
_pdbx_unobs_or_zero_occ_atoms.label_asym_id 
_pdbx_unobs_or_zero_occ_atoms.label_comp_id 
_pdbx_unobs_or_zero_occ_atoms.label_seq_id 
_pdbx_unobs_or_zero_occ_atoms.label_atom_id 
1 1 Y 0 A LYS 11 ? CE ? A LYS 12 CE 
2 1 Y 0 A LYS 11 ? NZ ? A LYS 12 NZ 
# 
loop_
_software.citation_id 
_software.classification 
_software.compiler_name 
_software.compiler_version 
_software.contact_author 
_software.contact_author_email 
_software.date 
_software.description 
_software.dependencies 
_software.hardware 
_software.language 
_software.location 
_software.mods 
_software.name 
_software.os 
_software.os_version 
_software.type 
_software.version 
_software.pdbx_ordinal 
? refinement       ? ? ? ? ? ? ? ? ? ? ? PHENIX  ? ? ? 1.16-3546 1 
? 'data reduction' ? ? ? ? ? ? ? ? ? ? ? iMOSFLM ? ? ? 7.2.2     2 
? 'data scaling'   ? ? ? ? ? ? ? ? ? ? ? Aimless ? ? ? .         3 
? phasing          ? ? ? ? ? ? ? ? ? ? ? PHASER  ? ? ? 2.7.0     4 
# 
_cell.angle_alpha                  90.000 
_cell.angle_alpha_esd              ? 
_cell.angle_beta                   90.000 
_cell.angle_beta_esd               ? 
_cell.angle_gamma                  90.000 
_cell.angle_gamma_esd              ? 
_cell.entry_id                     6XXZ 
_cell.details                      ? 
_cell.formula_units_Z              ? 
_cell.length_a                     47.560 
_cell.length_a_esd                 ? 
_cell.length_b                     50.840 
_cell.length_b_esd                 ? 
_cell.length_c                     43.940 
_cell.length_c_esd                 ? 
_cell.volume                       106244.741 
_cell.volume_esd                   ? 
_cell.Z_PDB                        16 
_cell.reciprocal_angle_alpha       ? 
_cell.reciprocal_angle_beta        ? 
_cell.reciprocal_angle_gamma       ? 
_cell.reciprocal_angle_alpha_esd   ? 
_cell.reciprocal_angle_beta_esd    ? 
_cell.reciprocal_angle_gamma_esd   ? 
_cell.reciprocal_length_a          ? 
_cell.reciprocal_length_b          ? 
_cell.reciprocal_length_c          ? 
_cell.reciprocal_length_a_esd      ? 
_cell.reciprocal_length_b_esd      ? 
_cell.reciprocal_length_c_esd      ? 
_cell.pdbx_unique_axis             ? 
# 
_symmetry.entry_id                         6XXZ 
_symmetry.cell_setting                     ? 
_symmetry.Int_Tables_number                21 
_symmetry.space_group_name_Hall            'C 2 2' 
_symmetry.space_group_name_H-M             'C 2 2 2' 
_symmetry.pdbx_full_space_group_name_H-M   ? 
# 
_exptl.absorpt_coefficient_mu     ? 
_exptl.absorpt_correction_T_max   ? 
_exptl.absorpt_correction_T_min   ? 
_exptl.absorpt_correction_type    ? 
_exptl.absorpt_process_details    ? 
_exptl.entry_id                   6XXZ 
_exptl.crystals_number            1 
_exptl.details                    ? 
_exptl.method                     'X-RAY DIFFRACTION' 
_exptl.method_details             ? 
# 
_exptl_crystal.colour                      ? 
_exptl_crystal.density_diffrn              ? 
_exptl_crystal.density_Matthews            1.92 
_exptl_crystal.density_method              ? 
_exptl_crystal.density_percent_sol         35.87 
_exptl_crystal.description                 ? 
_exptl_crystal.F_000                       ? 
_exptl_crystal.id                          1 
_exptl_crystal.preparation                 ? 
_exptl_crystal.size_max                    ? 
_exptl_crystal.size_mid                    ? 
_exptl_crystal.size_min                    ? 
_exptl_crystal.size_rad                    ? 
_exptl_crystal.colour_lustre               ? 
_exptl_crystal.colour_modifier             ? 
_exptl_crystal.colour_primary              ? 
_exptl_crystal.density_meas                ? 
_exptl_crystal.density_meas_esd            ? 
_exptl_crystal.density_meas_gt             ? 
_exptl_crystal.density_meas_lt             ? 
_exptl_crystal.density_meas_temp           ? 
_exptl_crystal.density_meas_temp_esd       ? 
_exptl_crystal.density_meas_temp_gt        ? 
_exptl_crystal.density_meas_temp_lt        ? 
_exptl_crystal.pdbx_crystal_image_url      ? 
_exptl_crystal.pdbx_crystal_image_format   ? 
_exptl_crystal.pdbx_mosaicity              ? 
_exptl_crystal.pdbx_mosaicity_esd          ? 
# 
_exptl_crystal_grow.apparatus       ? 
_exptl_crystal_grow.atmosphere      ? 
_exptl_crystal_grow.crystal_id      1 
_exptl_crystal_grow.details         ? 
_exptl_crystal_grow.method          'VAPOR DIFFUSION, SITTING DROP' 
_exptl_crystal_grow.method_ref      ? 
_exptl_crystal_grow.pH              7.0 
_exptl_crystal_grow.pressure        ? 
_exptl_crystal_grow.pressure_esd    ? 
_exptl_crystal_grow.seeding         ? 
_exptl_crystal_grow.seeding_ref     ? 
_exptl_crystal_grow.temp            293 
_exptl_crystal_grow.temp_details    ? 
_exptl_crystal_grow.temp_esd        ? 
_exptl_crystal_grow.time            ? 
_exptl_crystal_grow.pdbx_details    
;0.1 M sodium propionate, 0.1 M sodium cacodylate trihydrate, 0.1 M bis-tris propane, 25% PEG1500, pH 7.0,  supplemented with 25% glycerol for cryo-protection
;
_exptl_crystal_grow.pdbx_pH_range   ? 
# 
_diffrn.ambient_environment              ? 
_diffrn.ambient_temp                     100 
_diffrn.ambient_temp_details             ? 
_diffrn.ambient_temp_esd                 ? 
_diffrn.crystal_id                       1 
_diffrn.crystal_support                  ? 
_diffrn.crystal_treatment                ? 
_diffrn.details                          ? 
_diffrn.id                               1 
_diffrn.ambient_pressure                 ? 
_diffrn.ambient_pressure_esd             ? 
_diffrn.ambient_pressure_gt              ? 
_diffrn.ambient_pressure_lt              ? 
_diffrn.ambient_temp_gt                  ? 
_diffrn.ambient_temp_lt                  ? 
_diffrn.pdbx_serial_crystal_experiment   N 
# 
_diffrn_detector.details                      ? 
_diffrn_detector.detector                     PIXEL 
_diffrn_detector.diffrn_id                    1 
_diffrn_detector.type                         'DECTRIS PILATUS3 6M' 
_diffrn_detector.area_resol_mean              ? 
_diffrn_detector.dtime                        ? 
_diffrn_detector.pdbx_frames_total            ? 
_diffrn_detector.pdbx_collection_time_total   ? 
_diffrn_detector.pdbx_collection_date         2016-02-04 
_diffrn_detector.pdbx_frequency               ? 
# 
_diffrn_radiation.collimation                      ? 
_diffrn_radiation.diffrn_id                        1 
_diffrn_radiation.filter_edge                      ? 
_diffrn_radiation.inhomogeneity                    ? 
_diffrn_radiation.monochromator                    ? 
_diffrn_radiation.polarisn_norm                    ? 
_diffrn_radiation.polarisn_ratio                   ? 
_diffrn_radiation.probe                            ? 
_diffrn_radiation.type                             ? 
_diffrn_radiation.xray_symbol                      ? 
_diffrn_radiation.wavelength_id                    1 
_diffrn_radiation.pdbx_monochromatic_or_laue_m_l   M 
_diffrn_radiation.pdbx_wavelength_list             ? 
_diffrn_radiation.pdbx_wavelength                  ? 
_diffrn_radiation.pdbx_diffrn_protocol             'SINGLE WAVELENGTH' 
_diffrn_radiation.pdbx_analyzer                    ? 
_diffrn_radiation.pdbx_scattering_type             x-ray 
# 
_diffrn_radiation_wavelength.id           1 
_diffrn_radiation_wavelength.wavelength   0.9763 
_diffrn_radiation_wavelength.wt           1.0 
# 
_diffrn_source.current                     ? 
_diffrn_source.details                     ? 
_diffrn_source.diffrn_id                   1 
_diffrn_source.power                       ? 
_diffrn_source.size                        ? 
_diffrn_source.source                      SYNCHROTRON 
_diffrn_source.target                      ? 
_diffrn_source.type                        'DIAMOND BEAMLINE I03' 
_diffrn_source.voltage                     ? 
_diffrn_source.take-off_angle              ? 
_diffrn_source.pdbx_wavelength_list        0.9763 
_diffrn_source.pdbx_wavelength             ? 
_diffrn_source.pdbx_synchrotron_beamline   I03 
_diffrn_source.pdbx_synchrotron_site       Diamond 
# 
_reflns.B_iso_Wilson_estimate            19.73 
_reflns.entry_id                         6XXZ 
_reflns.data_reduction_details           ? 
_reflns.data_reduction_method            ? 
_reflns.d_resolution_high                1.7 
_reflns.d_resolution_low                 43.94 
_reflns.details                          ? 
_reflns.limit_h_max                      ? 
_reflns.limit_h_min                      ? 
_reflns.limit_k_max                      ? 
_reflns.limit_k_min                      ? 
_reflns.limit_l_max                      ? 
_reflns.limit_l_min                      ? 
_reflns.number_all                       ? 
_reflns.number_obs                       6093 
_reflns.observed_criterion               ? 
_reflns.observed_criterion_F_max         ? 
_reflns.observed_criterion_F_min         ? 
_reflns.observed_criterion_I_max         ? 
_reflns.observed_criterion_I_min         ? 
_reflns.observed_criterion_sigma_F       ? 
_reflns.observed_criterion_sigma_I       ? 
_reflns.percent_possible_obs             99.6 
_reflns.R_free_details                   ? 
_reflns.Rmerge_F_all                     ? 
_reflns.Rmerge_F_obs                     ? 
_reflns.Friedel_coverage                 ? 
_reflns.number_gt                        ? 
_reflns.threshold_expression             ? 
_reflns.pdbx_redundancy                  7.9 
_reflns.pdbx_Rmerge_I_obs                ? 
_reflns.pdbx_Rmerge_I_all                ? 
_reflns.pdbx_Rsym_value                  ? 
_reflns.pdbx_netI_over_av_sigmaI         ? 
_reflns.pdbx_netI_over_sigmaI            12.8 
_reflns.pdbx_res_netI_over_av_sigmaI_2   ? 
_reflns.pdbx_res_netI_over_sigmaI_2      ? 
_reflns.pdbx_chi_squared                 ? 
_reflns.pdbx_scaling_rejects             ? 
_reflns.pdbx_d_res_high_opt              ? 
_reflns.pdbx_d_res_low_opt               ? 
_reflns.pdbx_d_res_opt_method            ? 
_reflns.phase_calculation_details        ? 
_reflns.pdbx_Rrim_I_all                  ? 
_reflns.pdbx_Rpim_I_all                  ? 
_reflns.pdbx_d_opt                       ? 
_reflns.pdbx_number_measured_all         ? 
_reflns.pdbx_diffrn_id                   1 
_reflns.pdbx_ordinal                     1 
_reflns.pdbx_CC_half                     0.99 
_reflns.pdbx_CC_star                     ? 
_reflns.pdbx_R_split                     ? 
# 
_reflns_shell.d_res_high                  1.7 
_reflns_shell.d_res_low                   1.73 
_reflns_shell.meanI_over_sigI_all         ? 
_reflns_shell.meanI_over_sigI_obs         1.9 
_reflns_shell.number_measured_all         ? 
_reflns_shell.number_measured_obs         ? 
_reflns_shell.number_possible             ? 
_reflns_shell.number_unique_all           ? 
_reflns_shell.number_unique_obs           308 
_reflns_shell.percent_possible_all        100 
_reflns_shell.percent_possible_obs        ? 
_reflns_shell.Rmerge_F_all                ? 
_reflns_shell.Rmerge_F_obs                ? 
_reflns_shell.Rmerge_I_all                ? 
_reflns_shell.Rmerge_I_obs                ? 
_reflns_shell.meanI_over_sigI_gt          ? 
_reflns_shell.meanI_over_uI_all           ? 
_reflns_shell.meanI_over_uI_gt            ? 
_reflns_shell.number_measured_gt          ? 
_reflns_shell.number_unique_gt            ? 
_reflns_shell.percent_possible_gt         ? 
_reflns_shell.Rmerge_F_gt                 ? 
_reflns_shell.Rmerge_I_gt                 ? 
_reflns_shell.pdbx_redundancy             7.7 
_reflns_shell.pdbx_Rsym_value             ? 
_reflns_shell.pdbx_chi_squared            ? 
_reflns_shell.pdbx_netI_over_sigmaI_all   ? 
_reflns_shell.pdbx_netI_over_sigmaI_obs   ? 
_reflns_shell.pdbx_Rrim_I_all             ? 
_reflns_shell.pdbx_Rpim_I_all             ? 
_reflns_shell.pdbx_rejects                ? 
_reflns_shell.pdbx_ordinal                1 
_reflns_shell.pdbx_diffrn_id              1 
_reflns_shell.pdbx_CC_half                0.978 
_reflns_shell.pdbx_CC_star                ? 
_reflns_shell.pdbx_R_split                ? 
# 
_refine.aniso_B[1][1]                            ? 
_refine.aniso_B[1][2]                            ? 
_refine.aniso_B[1][3]                            ? 
_refine.aniso_B[2][2]                            ? 
_refine.aniso_B[2][3]                            ? 
_refine.aniso_B[3][3]                            ? 
_refine.B_iso_max                                ? 
_refine.B_iso_mean                               28.34 
_refine.B_iso_min                                ? 
_refine.correlation_coeff_Fo_to_Fc               ? 
_refine.correlation_coeff_Fo_to_Fc_free          ? 
_refine.details                                  ? 
_refine.diff_density_max                         ? 
_refine.diff_density_max_esd                     ? 
_refine.diff_density_min                         ? 
_refine.diff_density_min_esd                     ? 
_refine.diff_density_rms                         ? 
_refine.diff_density_rms_esd                     ? 
_refine.entry_id                                 6XXZ 
_refine.pdbx_refine_id                           'X-RAY DIFFRACTION' 
_refine.ls_abs_structure_details                 ? 
_refine.ls_abs_structure_Flack                   ? 
_refine.ls_abs_structure_Flack_esd               ? 
_refine.ls_abs_structure_Rogers                  ? 
_refine.ls_abs_structure_Rogers_esd              ? 
_refine.ls_d_res_high                            1.70 
_refine.ls_d_res_low                             43.94 
_refine.ls_extinction_coef                       ? 
_refine.ls_extinction_coef_esd                   ? 
_refine.ls_extinction_expression                 ? 
_refine.ls_extinction_method                     ? 
_refine.ls_goodness_of_fit_all                   ? 
_refine.ls_goodness_of_fit_all_esd               ? 
_refine.ls_goodness_of_fit_obs                   ? 
_refine.ls_goodness_of_fit_obs_esd               ? 
_refine.ls_hydrogen_treatment                    ? 
_refine.ls_matrix_type                           ? 
_refine.ls_number_constraints                    ? 
_refine.ls_number_parameters                     ? 
_refine.ls_number_reflns_all                     ? 
_refine.ls_number_reflns_obs                     6073 
_refine.ls_number_reflns_R_free                  333 
_refine.ls_number_reflns_R_work                  ? 
_refine.ls_number_restraints                     ? 
_refine.ls_percent_reflns_obs                    99.07 
_refine.ls_percent_reflns_R_free                 5.48 
_refine.ls_R_factor_all                          ? 
_refine.ls_R_factor_obs                          0.1843 
_refine.ls_R_factor_R_free                       0.2143 
_refine.ls_R_factor_R_free_error                 ? 
_refine.ls_R_factor_R_free_error_details         ? 
_refine.ls_R_factor_R_work                       0.1826 
_refine.ls_R_Fsqd_factor_obs                     ? 
_refine.ls_R_I_factor_obs                        ? 
_refine.ls_redundancy_reflns_all                 ? 
_refine.ls_redundancy_reflns_obs                 ? 
_refine.ls_restrained_S_all                      ? 
_refine.ls_restrained_S_obs                      ? 
_refine.ls_shift_over_esd_max                    ? 
_refine.ls_shift_over_esd_mean                   ? 
_refine.ls_structure_factor_coef                 ? 
_refine.ls_weighting_details                     ? 
_refine.ls_weighting_scheme                      ? 
_refine.ls_wR_factor_all                         ? 
_refine.ls_wR_factor_obs                         ? 
_refine.ls_wR_factor_R_free                      ? 
_refine.ls_wR_factor_R_work                      ? 
_refine.occupancy_max                            ? 
_refine.occupancy_min                            ? 
_refine.solvent_model_details                    ? 
_refine.solvent_model_param_bsol                 ? 
_refine.solvent_model_param_ksol                 ? 
_refine.pdbx_R_complete                          ? 
_refine.ls_R_factor_gt                           ? 
_refine.ls_goodness_of_fit_gt                    ? 
_refine.ls_goodness_of_fit_ref                   ? 
_refine.ls_shift_over_su_max                     ? 
_refine.ls_shift_over_su_max_lt                  ? 
_refine.ls_shift_over_su_mean                    ? 
_refine.ls_shift_over_su_mean_lt                 ? 
_refine.pdbx_ls_sigma_I                          ? 
_refine.pdbx_ls_sigma_F                          1.35 
_refine.pdbx_ls_sigma_Fsqd                       ? 
_refine.pdbx_data_cutoff_high_absF               ? 
_refine.pdbx_data_cutoff_high_rms_absF           ? 
_refine.pdbx_data_cutoff_low_absF                ? 
_refine.pdbx_isotropic_thermal_model             ? 
_refine.pdbx_ls_cross_valid_method               'FREE R-VALUE' 
_refine.pdbx_method_to_determine_struct          'MOLECULAR REPLACEMENT' 
_refine.pdbx_starting_model                      . 
_refine.pdbx_stereochemistry_target_values       ? 
_refine.pdbx_R_Free_selection_details            ? 
_refine.pdbx_stereochem_target_val_spec_case     ? 
_refine.pdbx_overall_ESU_R                       ? 
_refine.pdbx_overall_ESU_R_Free                  ? 
_refine.pdbx_solvent_vdw_probe_radii             1.1100 
_refine.pdbx_solvent_ion_probe_radii             ? 
_refine.pdbx_solvent_shrinkage_radii             0.9000 
_refine.pdbx_real_space_R                        ? 
_refine.pdbx_density_correlation                 ? 
_refine.pdbx_pd_number_of_powder_patterns        ? 
_refine.pdbx_pd_number_of_points                 ? 
_refine.pdbx_pd_meas_number_of_points            ? 
_refine.pdbx_pd_proc_ls_prof_R_factor            ? 
_refine.pdbx_pd_proc_ls_prof_wR_factor           ? 
_refine.pdbx_pd_Marquardt_correlation_coeff      ? 
_refine.pdbx_pd_Fsqrd_R_factor                   ? 
_refine.pdbx_pd_ls_matrix_band_width             ? 
_refine.pdbx_overall_phase_error                 22.4615 
_refine.pdbx_overall_SU_R_free_Cruickshank_DPI   ? 
_refine.pdbx_overall_SU_R_free_Blow_DPI          ? 
_refine.pdbx_overall_SU_R_Blow_DPI               ? 
_refine.pdbx_TLS_residual_ADP_flag               ? 
_refine.pdbx_diffrn_id                           1 
_refine.overall_SU_B                             ? 
_refine.overall_SU_ML                            0.1526 
_refine.overall_SU_R_Cruickshank_DPI             ? 
_refine.overall_SU_R_free                        ? 
_refine.overall_FOM_free_R_set                   ? 
_refine.overall_FOM_work_R_set                   ? 
_refine.pdbx_average_fsc_overall                 ? 
_refine.pdbx_average_fsc_work                    ? 
_refine.pdbx_average_fsc_free                    ? 
# 
_refine_hist.pdbx_refine_id                   'X-RAY DIFFRACTION' 
_refine_hist.cycle_id                         LAST 
_refine_hist.details                          ? 
_refine_hist.d_res_high                       1.70 
_refine_hist.d_res_low                        43.94 
_refine_hist.number_atoms_solvent             41 
_refine_hist.number_atoms_total               539 
_refine_hist.number_reflns_all                ? 
_refine_hist.number_reflns_obs                ? 
_refine_hist.number_reflns_R_free             ? 
_refine_hist.number_reflns_R_work             ? 
_refine_hist.R_factor_all                     ? 
_refine_hist.R_factor_obs                     ? 
_refine_hist.R_factor_R_free                  ? 
_refine_hist.R_factor_R_work                  ? 
_refine_hist.pdbx_number_residues_total       ? 
_refine_hist.pdbx_B_iso_mean_ligand           ? 
_refine_hist.pdbx_B_iso_mean_solvent          ? 
_refine_hist.pdbx_number_atoms_protein        488 
_refine_hist.pdbx_number_atoms_nucleic_acid   0 
_refine_hist.pdbx_number_atoms_ligand         10 
_refine_hist.pdbx_number_atoms_lipid          ? 
_refine_hist.pdbx_number_atoms_carb           ? 
_refine_hist.pdbx_pseudo_atom_details         ? 
# 
loop_
_refine_ls_restr.pdbx_refine_id 
_refine_ls_restr.criterion 
_refine_ls_restr.dev_ideal 
_refine_ls_restr.dev_ideal_target 
_refine_ls_restr.number 
_refine_ls_restr.rejects 
_refine_ls_restr.type 
_refine_ls_restr.weight 
_refine_ls_restr.pdbx_restraint_function 
'X-RAY DIFFRACTION' ? 0.0057 ? 512 ? f_bond_d           ? ? 
'X-RAY DIFFRACTION' ? 0.7346 ? 682 ? f_angle_d          ? ? 
'X-RAY DIFFRACTION' ? 0.0403 ? 74  ? f_chiral_restr     ? ? 
'X-RAY DIFFRACTION' ? 0.0029 ? 90  ? f_plane_restr      ? ? 
'X-RAY DIFFRACTION' ? 9.1899 ? 452 ? f_dihedral_angle_d ? ? 
# 
loop_
_refine_ls_shell.pdbx_refine_id 
_refine_ls_shell.d_res_high 
_refine_ls_shell.d_res_low 
_refine_ls_shell.number_reflns_all 
_refine_ls_shell.number_reflns_obs 
_refine_ls_shell.number_reflns_R_free 
_refine_ls_shell.number_reflns_R_work 
_refine_ls_shell.percent_reflns_obs 
_refine_ls_shell.percent_reflns_R_free 
_refine_ls_shell.R_factor_all 
_refine_ls_shell.R_factor_obs 
_refine_ls_shell.R_factor_R_free 
_refine_ls_shell.R_factor_R_free_error 
_refine_ls_shell.R_factor_R_work 
_refine_ls_shell.redundancy_reflns_all 
_refine_ls_shell.redundancy_reflns_obs 
_refine_ls_shell.wR_factor_all 
_refine_ls_shell.wR_factor_obs 
_refine_ls_shell.wR_factor_R_free 
_refine_ls_shell.wR_factor_R_work 
_refine_ls_shell.pdbx_R_complete 
_refine_ls_shell.pdbx_total_number_of_bins_used 
_refine_ls_shell.pdbx_phase_error 
_refine_ls_shell.pdbx_fsc_work 
_refine_ls_shell.pdbx_fsc_free 
'X-RAY DIFFRACTION' 1.70 2.14  . . 154 2811 99.03 . . . 0.2578 . 0.2008 . . . . . . . . . . . 
'X-RAY DIFFRACTION' 2.14 43.94 . . 179 2929 99.14 . . . 0.2030 . 0.1768 . . . . . . . . . . . 
# 
_struct.entry_id                     6XXZ 
_struct.title                        'Crystal structure of a de novo designed parallel four-helix coiled coil, 2-EK-4' 
_struct.pdbx_model_details           ? 
_struct.pdbx_formula_weight          ? 
_struct.pdbx_formula_weight_method   ? 
_struct.pdbx_model_type_details      ? 
_struct.pdbx_CASP_flag               N 
# 
_struct_keywords.entry_id        6XXZ 
_struct_keywords.text            'coiled coil, tetramer, parallel, DE NOVO PROTEIN' 
_struct_keywords.pdbx_keywords   'DE NOVO PROTEIN' 
# 
loop_
_struct_asym.id 
_struct_asym.pdbx_blank_PDB_chainid_flag 
_struct_asym.pdbx_modified 
_struct_asym.entity_id 
_struct_asym.details 
A N N 1 ? 
B N N 1 ? 
C N N 2 ? 
D N N 2 ? 
E N N 3 ? 
F N N 3 ? 
# 
_struct_ref.id                         1 
_struct_ref.db_name                    PDB 
_struct_ref.db_code                    6XXZ 
_struct_ref.pdbx_db_accession          6XXZ 
_struct_ref.pdbx_db_isoform            ? 
_struct_ref.entity_id                  1 
_struct_ref.pdbx_seq_one_letter_code   ? 
_struct_ref.pdbx_align_begin           1 
# 
loop_
_struct_ref_seq.align_id 
_struct_ref_seq.ref_id 
_struct_ref_seq.pdbx_PDB_id_code 
_struct_ref_seq.pdbx_strand_id 
_struct_ref_seq.seq_align_beg 
_struct_ref_seq.pdbx_seq_align_beg_ins_code 
_struct_ref_seq.seq_align_end 
_struct_ref_seq.pdbx_seq_align_end_ins_code 
_struct_ref_seq.pdbx_db_accession 
_struct_ref_seq.db_align_beg 
_struct_ref_seq.pdbx_db_align_beg_ins_code 
_struct_ref_seq.db_align_end 
_struct_ref_seq.pdbx_db_align_end_ins_code 
_struct_ref_seq.pdbx_auth_seq_align_beg 
_struct_ref_seq.pdbx_auth_seq_align_end 
1 1 6XXZ A 1 ? 32 ? 6XXZ 0 ? 31 ? 0 31 
2 1 6XXZ B 1 ? 32 ? 6XXZ 0 ? 31 ? 0 31 
# 
_pdbx_struct_assembly.id                   1 
_pdbx_struct_assembly.details              author_and_software_defined_assembly 
_pdbx_struct_assembly.method_details       PISA 
_pdbx_struct_assembly.oligomeric_details   tetrameric 
_pdbx_struct_assembly.oligomeric_count     4 
# 
loop_
_pdbx_struct_assembly_prop.biol_id 
_pdbx_struct_assembly_prop.type 
_pdbx_struct_assembly_prop.value 
_pdbx_struct_assembly_prop.details 
1 'ABSA (A^2)' 6850 ? 
1 MORE         -46  ? 
1 'SSA (A^2)'  7460 ? 
# 
_pdbx_struct_assembly_gen.assembly_id       1 
_pdbx_struct_assembly_gen.oper_expression   1,2 
_pdbx_struct_assembly_gen.asym_id_list      A,B,C,D,E,F 
# 
_pdbx_struct_assembly_auth_evidence.id                     1 
_pdbx_struct_assembly_auth_evidence.assembly_id            1 
_pdbx_struct_assembly_auth_evidence.experimental_support   'equilibrium centrifugation' 
_pdbx_struct_assembly_auth_evidence.details                ? 
# 
loop_
_pdbx_struct_oper_list.id 
_pdbx_struct_oper_list.type 
_pdbx_struct_oper_list.name 
_pdbx_struct_oper_list.symmetry_operation 
_pdbx_struct_oper_list.matrix[1][1] 
_pdbx_struct_oper_list.matrix[1][2] 
_pdbx_struct_oper_list.matrix[1][3] 
_pdbx_struct_oper_list.vector[1] 
_pdbx_struct_oper_list.matrix[2][1] 
_pdbx_struct_oper_list.matrix[2][2] 
_pdbx_struct_oper_list.matrix[2][3] 
_pdbx_struct_oper_list.vector[2] 
_pdbx_struct_oper_list.matrix[3][1] 
_pdbx_struct_oper_list.matrix[3][2] 
_pdbx_struct_oper_list.matrix[3][3] 
_pdbx_struct_oper_list.vector[3] 
1 'identity operation'         1_555 x,y,z           1.0000000000  0.0000000000 0.0000000000 0.0000000000 0.0000000000 1.0000000000 0.0000000000 0.0000000000  0.0000000000 0.0000000000 1.0000000000  0.0000000000  
2 'crystal symmetry operation' 6_445 -x-1/2,-y-1/2,z -0.8169997853 0.4558106276 0.3531968609 9.8441590440 0.4558106276 0.1353174016 0.8797305682 -3.8778226278 0.3531968609 0.8797305682 -0.3183176163 -0.0960666884 
# 
loop_
_struct_conf.conf_type_id 
_struct_conf.id 
_struct_conf.pdbx_PDB_helix_id 
_struct_conf.beg_label_comp_id 
_struct_conf.beg_label_asym_id 
_struct_conf.beg_label_seq_id 
_struct_conf.pdbx_beg_PDB_ins_code 
_struct_conf.end_label_comp_id 
_struct_conf.end_label_asym_id 
_struct_conf.end_label_seq_id 
_struct_conf.pdbx_end_PDB_ins_code 
_struct_conf.beg_auth_comp_id 
_struct_conf.beg_auth_asym_id 
_struct_conf.beg_auth_seq_id 
_struct_conf.end_auth_comp_id 
_struct_conf.end_auth_asym_id 
_struct_conf.end_auth_seq_id 
_struct_conf.pdbx_PDB_helix_class 
_struct_conf.details 
_struct_conf.pdbx_PDB_helix_length 
HELX_P HELX_P1 AA1 GLY A 2 ? GLY A 31 ? GLY A 1 GLY A 30 1 ? 30 
HELX_P HELX_P2 AA2 GLY B 2 ? GLY B 31 ? GLY B 1 GLY B 30 1 ? 30 
# 
_struct_conf_type.id          HELX_P 
_struct_conf_type.criteria    ? 
_struct_conf_type.reference   ? 
# 
loop_
_struct_conn.id 
_struct_conn.conn_type_id 
_struct_conn.pdbx_leaving_atom_flag 
_struct_conn.pdbx_PDB_id 
_struct_conn.ptnr1_label_asym_id 
_struct_conn.ptnr1_label_comp_id 
_struct_conn.ptnr1_label_seq_id 
_struct_conn.ptnr1_label_atom_id 
_struct_conn.pdbx_ptnr1_label_alt_id 
_struct_conn.pdbx_ptnr1_PDB_ins_code 
_struct_conn.pdbx_ptnr1_standard_comp_id 
_struct_conn.ptnr1_symmetry 
_struct_conn.ptnr2_label_asym_id 
_struct_conn.ptnr2_label_comp_id 
_struct_conn.ptnr2_label_seq_id 
_struct_conn.ptnr2_label_atom_id 
_struct_conn.pdbx_ptnr2_label_alt_id 
_struct_conn.pdbx_ptnr2_PDB_ins_code 
_struct_conn.ptnr1_auth_asym_id 
_struct_conn.ptnr1_auth_comp_id 
_struct_conn.ptnr1_auth_seq_id 
_struct_conn.ptnr2_auth_asym_id 
_struct_conn.ptnr2_auth_comp_id 
_struct_conn.ptnr2_auth_seq_id 
_struct_conn.ptnr2_symmetry 
_struct_conn.pdbx_ptnr3_label_atom_id 
_struct_conn.pdbx_ptnr3_label_seq_id 
_struct_conn.pdbx_ptnr3_label_comp_id 
_struct_conn.pdbx_ptnr3_label_asym_id 
_struct_conn.pdbx_ptnr3_label_alt_id 
_struct_conn.pdbx_ptnr3_PDB_ins_code 
_struct_conn.details 
_struct_conn.pdbx_dist_value 
_struct_conn.pdbx_value_order 
_struct_conn.pdbx_role 
covale1 covale both ? A ACE 1 C ? ? ? 1_555 A GLY 2 N ? ? A ACE 0 A GLY 1 1_555 ? ? ? ? ? ? ? 1.324 ? ? 
covale2 covale both ? B ACE 1 C ? ? ? 1_555 B GLY 2 N ? ? B ACE 0 B GLY 1 1_555 ? ? ? ? ? ? ? 1.346 ? ? 
# 
_struct_conn_type.id          covale 
_struct_conn_type.criteria    ? 
_struct_conn_type.reference   ? 
# 
loop_
_pdbx_modification_feature.ordinal 
_pdbx_modification_feature.label_comp_id 
_pdbx_modification_feature.label_asym_id 
_pdbx_modification_feature.label_seq_id 
_pdbx_modification_feature.label_alt_id 
_pdbx_modification_feature.modified_residue_label_comp_id 
_pdbx_modification_feature.modified_residue_label_asym_id 
_pdbx_modification_feature.modified_residue_label_seq_id 
_pdbx_modification_feature.modified_residue_label_alt_id 
_pdbx_modification_feature.auth_comp_id 
_pdbx_modification_feature.auth_asym_id 
_pdbx_modification_feature.auth_seq_id 
_pdbx_modification_feature.PDB_ins_code 
_pdbx_modification_feature.symmetry 
_pdbx_modification_feature.modified_residue_auth_comp_id 
_pdbx_modification_feature.modified_residue_auth_asym_id 
_pdbx_modification_feature.modified_residue_auth_seq_id 
_pdbx_modification_feature.modified_residue_PDB_ins_code 
_pdbx_modification_feature.modified_residue_symmetry 
_pdbx_modification_feature.comp_id_linking_atom 
_pdbx_modification_feature.modified_residue_id_linking_atom 
_pdbx_modification_feature.modified_residue_id 
_pdbx_modification_feature.ref_pcm_id 
_pdbx_modification_feature.ref_comp_id 
_pdbx_modification_feature.type 
_pdbx_modification_feature.category 
1 ACE A 1 ? GLY A 2 ? ACE A 0 ? 1_555 GLY A 1 ? 1_555 . . GLY 12 ACE None 'Terminal acetylation' 
2 ACE B 1 ? GLY B 2 ? ACE B 0 ? 1_555 GLY B 1 ? 1_555 . . GLY 12 ACE None 'Terminal acetylation' 
# 
loop_
_struct_site.id 
_struct_site.pdbx_evidence_code 
_struct_site.pdbx_auth_asym_id 
_struct_site.pdbx_auth_comp_id 
_struct_site.pdbx_auth_seq_id 
_struct_site.pdbx_auth_ins_code 
_struct_site.pdbx_num_residues 
_struct_site.details 
AC1 Software A PPI 101 ? 3 'binding site for residue PPI A 101'              
AC2 Software B PPI 101 ? 2 'binding site for residue PPI B 101'              
AC3 Software B ACE 0   ? 8 'binding site for Di-peptide ACE B 0 and GLY B 1' 
# 
loop_
_struct_site_gen.id 
_struct_site_gen.site_id 
_struct_site_gen.pdbx_num_res 
_struct_site_gen.label_comp_id 
_struct_site_gen.label_asym_id 
_struct_site_gen.label_seq_id 
_struct_site_gen.pdbx_auth_ins_code 
_struct_site_gen.auth_comp_id 
_struct_site_gen.auth_asym_id 
_struct_site_gen.auth_seq_id 
_struct_site_gen.label_atom_id 
_struct_site_gen.label_alt_id 
_struct_site_gen.symmetry 
_struct_site_gen.details 
1  AC1 3 ALA A 16 ? ALA A 15  . ? 1_555 ? 
2  AC1 3 LYS A 19 ? LYS A 18  . ? 1_555 ? 
3  AC1 3 TRP A 20 ? TRP A 19  . ? 1_555 ? 
4  AC2 2 TRP B 20 ? TRP B 19  . ? 1_555 ? 
5  AC2 2 HOH F .  ? HOH B 216 . ? 1_555 ? 
6  AC3 8 LEU A 29 ? LEU A 28  . ? 6_444 ? 
7  AC3 8 HOH E .  ? HOH A 205 . ? 6_444 ? 
8  AC3 8 GLU B 3  ? GLU B 2   . ? 1_555 ? 
9  AC3 8 ILE B 4  ? ILE B 3   . ? 1_555 ? 
10 AC3 8 LYS B 5  ? LYS B 4   . ? 1_555 ? 
11 AC3 8 GLN B 6  ? GLN B 5   . ? 1_555 ? 
12 AC3 8 GLN B 13 ? GLN B 12  . ? 3_455 ? 
13 AC3 8 GLN B 28 ? GLN B 27  . ? 1_554 ? 
# 
_pdbx_entry_details.entry_id                   6XXZ 
_pdbx_entry_details.has_ligand_of_interest     N 
_pdbx_entry_details.compound_details           ? 
_pdbx_entry_details.source_details             ? 
_pdbx_entry_details.nonpolymer_details         ? 
_pdbx_entry_details.sequence_details           ? 
_pdbx_entry_details.has_protein_modification   Y 
# 
_pdbx_validate_close_contact.id               1 
_pdbx_validate_close_contact.PDB_model_num    1 
_pdbx_validate_close_contact.auth_atom_id_1   O 
_pdbx_validate_close_contact.auth_asym_id_1   B 
_pdbx_validate_close_contact.auth_comp_id_1   HOH 
_pdbx_validate_close_contact.auth_seq_id_1    208 
_pdbx_validate_close_contact.PDB_ins_code_1   ? 
_pdbx_validate_close_contact.label_alt_id_1   ? 
_pdbx_validate_close_contact.auth_atom_id_2   O 
_pdbx_validate_close_contact.auth_asym_id_2   B 
_pdbx_validate_close_contact.auth_comp_id_2   HOH 
_pdbx_validate_close_contact.auth_seq_id_2    212 
_pdbx_validate_close_contact.PDB_ins_code_2   ? 
_pdbx_validate_close_contact.label_alt_id_2   ? 
_pdbx_validate_close_contact.dist             2.11 
# 
_pdbx_struct_special_symmetry.id              1 
_pdbx_struct_special_symmetry.PDB_model_num   1 
_pdbx_struct_special_symmetry.auth_asym_id    A 
_pdbx_struct_special_symmetry.auth_comp_id    HOH 
_pdbx_struct_special_symmetry.auth_seq_id     201 
_pdbx_struct_special_symmetry.PDB_ins_code    ? 
_pdbx_struct_special_symmetry.label_asym_id   E 
_pdbx_struct_special_symmetry.label_comp_id   HOH 
_pdbx_struct_special_symmetry.label_seq_id    . 
# 
loop_
_space_group_symop.id 
_space_group_symop.operation_xyz 
1 x,y,z           
2 x,-y,-z         
3 -x,y,-z         
4 -x,-y,z         
5 x+1/2,y+1/2,z   
6 x+1/2,-y+1/2,-z 
7 -x+1/2,y+1/2,-z 
8 -x+1/2,-y+1/2,z 
# 
_pdbx_refine_tls.id               1 
_pdbx_refine_tls.pdbx_refine_id   'X-RAY DIFFRACTION' 
_pdbx_refine_tls.details          ? 
_pdbx_refine_tls.method           refined 
_pdbx_refine_tls.origin_x         -0.3299256692 
_pdbx_refine_tls.origin_y         -0.29195236089 
_pdbx_refine_tls.origin_z         -0.0472510259 
_pdbx_refine_tls.T[1][1]          0.098383249659 
_pdbx_refine_tls.T[1][1]_esd      ? 
_pdbx_refine_tls.T[1][2]          0.006722704350 
_pdbx_refine_tls.T[1][2]_esd      ? 
_pdbx_refine_tls.T[1][3]          0.006735954051 
_pdbx_refine_tls.T[1][3]_esd      ? 
_pdbx_refine_tls.T[2][2]          0.133867871304 
_pdbx_refine_tls.T[2][2]_esd      ? 
_pdbx_refine_tls.T[2][3]          0.008213342863 
_pdbx_refine_tls.T[2][3]_esd      ? 
_pdbx_refine_tls.T[3][3]          0.154179230637 
_pdbx_refine_tls.T[3][3]_esd      ? 
_pdbx_refine_tls.L[1][1]          1.65159343613 
_pdbx_refine_tls.L[1][1]_esd      ? 
_pdbx_refine_tls.L[1][2]          0.679763813658 
_pdbx_refine_tls.L[1][2]_esd      ? 
_pdbx_refine_tls.L[1][3]          0.192111326494 
_pdbx_refine_tls.L[1][3]_esd      ? 
_pdbx_refine_tls.L[2][2]          3.6601264200 
_pdbx_refine_tls.L[2][2]_esd      ? 
_pdbx_refine_tls.L[2][3]          1.294444269465 
_pdbx_refine_tls.L[2][3]_esd      ? 
_pdbx_refine_tls.L[3][3]          2.05211269091 
_pdbx_refine_tls.L[3][3]_esd      ? 
_pdbx_refine_tls.S[1][1]          -0.060196720295 
_pdbx_refine_tls.S[1][1]_esd      ? 
_pdbx_refine_tls.S[1][2]          -0.017008236372 
_pdbx_refine_tls.S[1][2]_esd      ? 
_pdbx_refine_tls.S[1][3]          0.044393287999 
_pdbx_refine_tls.S[1][3]_esd      ? 
_pdbx_refine_tls.S[2][1]          0.017136701358 
_pdbx_refine_tls.S[2][1]_esd      ? 
_pdbx_refine_tls.S[2][2]          -0.144836548763 
_pdbx_refine_tls.S[2][2]_esd      ? 
_pdbx_refine_tls.S[2][3]          0.436162460536 
_pdbx_refine_tls.S[2][3]_esd      ? 
_pdbx_refine_tls.S[3][1]          0.068029785385 
_pdbx_refine_tls.S[3][1]_esd      ? 
_pdbx_refine_tls.S[3][2]          -0.161892867617 
_pdbx_refine_tls.S[3][2]_esd      ? 
_pdbx_refine_tls.S[3][3]          0.216857309135 
_pdbx_refine_tls.S[3][3]_esd      ? 
# 
_pdbx_refine_tls_group.id                  1 
_pdbx_refine_tls_group.pdbx_refine_id      'X-RAY DIFFRACTION' 
_pdbx_refine_tls_group.refine_tls_id       1 
_pdbx_refine_tls_group.beg_label_asym_id   ? 
_pdbx_refine_tls_group.beg_label_seq_id    ? 
_pdbx_refine_tls_group.beg_auth_asym_id    ? 
_pdbx_refine_tls_group.beg_auth_seq_id     ? 
_pdbx_refine_tls_group.end_label_asym_id   ? 
_pdbx_refine_tls_group.end_label_seq_id    ? 
_pdbx_refine_tls_group.end_auth_asym_id    ? 
_pdbx_refine_tls_group.end_auth_seq_id     ? 
_pdbx_refine_tls_group.selection           ? 
_pdbx_refine_tls_group.selection_details   all 
# 
loop_
_pdbx_unobs_or_zero_occ_residues.id 
_pdbx_unobs_or_zero_occ_residues.PDB_model_num 
_pdbx_unobs_or_zero_occ_residues.polymer_flag 
_pdbx_unobs_or_zero_occ_residues.occupancy_flag 
_pdbx_unobs_or_zero_occ_residues.auth_asym_id 
_pdbx_unobs_or_zero_occ_residues.auth_comp_id 
_pdbx_unobs_or_zero_occ_residues.auth_seq_id 
_pdbx_unobs_or_zero_occ_residues.PDB_ins_code 
_pdbx_unobs_or_zero_occ_residues.label_asym_id 
_pdbx_unobs_or_zero_occ_residues.label_comp_id 
_pdbx_unobs_or_zero_occ_residues.label_seq_id 
1 1 Y 1 A NH2 31 ? A NH2 32 
2 1 Y 1 B NH2 31 ? B NH2 32 
# 
loop_
_chem_comp_atom.comp_id 
_chem_comp_atom.atom_id 
_chem_comp_atom.type_symbol 
_chem_comp_atom.pdbx_aromatic_flag 
_chem_comp_atom.pdbx_stereo_config 
_chem_comp_atom.pdbx_ordinal 
ACE C    C N N 1   
ACE O    O N N 2   
ACE CH3  C N N 3   
ACE H    H N N 4   
ACE H1   H N N 5   
ACE H2   H N N 6   
ACE H3   H N N 7   
ALA N    N N N 8   
ALA CA   C N S 9   
ALA C    C N N 10  
ALA O    O N N 11  
ALA CB   C N N 12  
ALA OXT  O N N 13  
ALA H    H N N 14  
ALA H2   H N N 15  
ALA HA   H N N 16  
ALA HB1  H N N 17  
ALA HB2  H N N 18  
ALA HB3  H N N 19  
ALA HXT  H N N 20  
GLN N    N N N 21  
GLN CA   C N S 22  
GLN C    C N N 23  
GLN O    O N N 24  
GLN CB   C N N 25  
GLN CG   C N N 26  
GLN CD   C N N 27  
GLN OE1  O N N 28  
GLN NE2  N N N 29  
GLN OXT  O N N 30  
GLN H    H N N 31  
GLN H2   H N N 32  
GLN HA   H N N 33  
GLN HB2  H N N 34  
GLN HB3  H N N 35  
GLN HG2  H N N 36  
GLN HG3  H N N 37  
GLN HE21 H N N 38  
GLN HE22 H N N 39  
GLN HXT  H N N 40  
GLU N    N N N 41  
GLU CA   C N S 42  
GLU C    C N N 43  
GLU O    O N N 44  
GLU CB   C N N 45  
GLU CG   C N N 46  
GLU CD   C N N 47  
GLU OE1  O N N 48  
GLU OE2  O N N 49  
GLU OXT  O N N 50  
GLU H    H N N 51  
GLU H2   H N N 52  
GLU HA   H N N 53  
GLU HB2  H N N 54  
GLU HB3  H N N 55  
GLU HG2  H N N 56  
GLU HG3  H N N 57  
GLU HE2  H N N 58  
GLU HXT  H N N 59  
GLY N    N N N 60  
GLY CA   C N N 61  
GLY C    C N N 62  
GLY O    O N N 63  
GLY OXT  O N N 64  
GLY H    H N N 65  
GLY H2   H N N 66  
GLY HA2  H N N 67  
GLY HA3  H N N 68  
GLY HXT  H N N 69  
HOH O    O N N 70  
HOH H1   H N N 71  
HOH H2   H N N 72  
ILE N    N N N 73  
ILE CA   C N S 74  
ILE C    C N N 75  
ILE O    O N N 76  
ILE CB   C N S 77  
ILE CG1  C N N 78  
ILE CG2  C N N 79  
ILE CD1  C N N 80  
ILE OXT  O N N 81  
ILE H    H N N 82  
ILE H2   H N N 83  
ILE HA   H N N 84  
ILE HB   H N N 85  
ILE HG12 H N N 86  
ILE HG13 H N N 87  
ILE HG21 H N N 88  
ILE HG22 H N N 89  
ILE HG23 H N N 90  
ILE HD11 H N N 91  
ILE HD12 H N N 92  
ILE HD13 H N N 93  
ILE HXT  H N N 94  
LEU N    N N N 95  
LEU CA   C N S 96  
LEU C    C N N 97  
LEU O    O N N 98  
LEU CB   C N N 99  
LEU CG   C N N 100 
LEU CD1  C N N 101 
LEU CD2  C N N 102 
LEU OXT  O N N 103 
LEU H    H N N 104 
LEU H2   H N N 105 
LEU HA   H N N 106 
LEU HB2  H N N 107 
LEU HB3  H N N 108 
LEU HG   H N N 109 
LEU HD11 H N N 110 
LEU HD12 H N N 111 
LEU HD13 H N N 112 
LEU HD21 H N N 113 
LEU HD22 H N N 114 
LEU HD23 H N N 115 
LEU HXT  H N N 116 
LYS N    N N N 117 
LYS CA   C N S 118 
LYS C    C N N 119 
LYS O    O N N 120 
LYS CB   C N N 121 
LYS CG   C N N 122 
LYS CD   C N N 123 
LYS CE   C N N 124 
LYS NZ   N N N 125 
LYS OXT  O N N 126 
LYS H    H N N 127 
LYS H2   H N N 128 
LYS HA   H N N 129 
LYS HB2  H N N 130 
LYS HB3  H N N 131 
LYS HG2  H N N 132 
LYS HG3  H N N 133 
LYS HD2  H N N 134 
LYS HD3  H N N 135 
LYS HE2  H N N 136 
LYS HE3  H N N 137 
LYS HZ1  H N N 138 
LYS HZ2  H N N 139 
LYS HZ3  H N N 140 
LYS HXT  H N N 141 
NH2 N    N N N 142 
NH2 HN1  H N N 143 
NH2 HN2  H N N 144 
PPI C1   C N N 145 
PPI C2   C N N 146 
PPI C3   C N N 147 
PPI O1   O N N 148 
PPI O2   O N N 149 
PPI H21  H N N 150 
PPI H22  H N N 151 
PPI H31  H N N 152 
PPI H32  H N N 153 
PPI H33  H N N 154 
PPI HO2  H N N 155 
TRP N    N N N 156 
TRP CA   C N S 157 
TRP C    C N N 158 
TRP O    O N N 159 
TRP CB   C N N 160 
TRP CG   C Y N 161 
TRP CD1  C Y N 162 
TRP CD2  C Y N 163 
TRP NE1  N Y N 164 
TRP CE2  C Y N 165 
TRP CE3  C Y N 166 
TRP CZ2  C Y N 167 
TRP CZ3  C Y N 168 
TRP CH2  C Y N 169 
TRP OXT  O N N 170 
TRP H    H N N 171 
TRP H2   H N N 172 
TRP HA   H N N 173 
TRP HB2  H N N 174 
TRP HB3  H N N 175 
TRP HD1  H N N 176 
TRP HE1  H N N 177 
TRP HE3  H N N 178 
TRP HZ2  H N N 179 
TRP HZ3  H N N 180 
TRP HH2  H N N 181 
TRP HXT  H N N 182 
# 
loop_
_chem_comp_bond.comp_id 
_chem_comp_bond.atom_id_1 
_chem_comp_bond.atom_id_2 
_chem_comp_bond.value_order 
_chem_comp_bond.pdbx_aromatic_flag 
_chem_comp_bond.pdbx_stereo_config 
_chem_comp_bond.pdbx_ordinal 
ACE C   O    doub N N 1   
ACE C   CH3  sing N N 2   
ACE C   H    sing N N 3   
ACE CH3 H1   sing N N 4   
ACE CH3 H2   sing N N 5   
ACE CH3 H3   sing N N 6   
ALA N   CA   sing N N 7   
ALA N   H    sing N N 8   
ALA N   H2   sing N N 9   
ALA CA  C    sing N N 10  
ALA CA  CB   sing N N 11  
ALA CA  HA   sing N N 12  
ALA C   O    doub N N 13  
ALA C   OXT  sing N N 14  
ALA CB  HB1  sing N N 15  
ALA CB  HB2  sing N N 16  
ALA CB  HB3  sing N N 17  
ALA OXT HXT  sing N N 18  
GLN N   CA   sing N N 19  
GLN N   H    sing N N 20  
GLN N   H2   sing N N 21  
GLN CA  C    sing N N 22  
GLN CA  CB   sing N N 23  
GLN CA  HA   sing N N 24  
GLN C   O    doub N N 25  
GLN C   OXT  sing N N 26  
GLN CB  CG   sing N N 27  
GLN CB  HB2  sing N N 28  
GLN CB  HB3  sing N N 29  
GLN CG  CD   sing N N 30  
GLN CG  HG2  sing N N 31  
GLN CG  HG3  sing N N 32  
GLN CD  OE1  doub N N 33  
GLN CD  NE2  sing N N 34  
GLN NE2 HE21 sing N N 35  
GLN NE2 HE22 sing N N 36  
GLN OXT HXT  sing N N 37  
GLU N   CA   sing N N 38  
GLU N   H    sing N N 39  
GLU N   H2   sing N N 40  
GLU CA  C    sing N N 41  
GLU CA  CB   sing N N 42  
GLU CA  HA   sing N N 43  
GLU C   O    doub N N 44  
GLU C   OXT  sing N N 45  
GLU CB  CG   sing N N 46  
GLU CB  HB2  sing N N 47  
GLU CB  HB3  sing N N 48  
GLU CG  CD   sing N N 49  
GLU CG  HG2  sing N N 50  
GLU CG  HG3  sing N N 51  
GLU CD  OE1  doub N N 52  
GLU CD  OE2  sing N N 53  
GLU OE2 HE2  sing N N 54  
GLU OXT HXT  sing N N 55  
GLY N   CA   sing N N 56  
GLY N   H    sing N N 57  
GLY N   H2   sing N N 58  
GLY CA  C    sing N N 59  
GLY CA  HA2  sing N N 60  
GLY CA  HA3  sing N N 61  
GLY C   O    doub N N 62  
GLY C   OXT  sing N N 63  
GLY OXT HXT  sing N N 64  
HOH O   H1   sing N N 65  
HOH O   H2   sing N N 66  
ILE N   CA   sing N N 67  
ILE N   H    sing N N 68  
ILE N   H2   sing N N 69  
ILE CA  C    sing N N 70  
ILE CA  CB   sing N N 71  
ILE CA  HA   sing N N 72  
ILE C   O    doub N N 73  
ILE C   OXT  sing N N 74  
ILE CB  CG1  sing N N 75  
ILE CB  CG2  sing N N 76  
ILE CB  HB   sing N N 77  
ILE CG1 CD1  sing N N 78  
ILE CG1 HG12 sing N N 79  
ILE CG1 HG13 sing N N 80  
ILE CG2 HG21 sing N N 81  
ILE CG2 HG22 sing N N 82  
ILE CG2 HG23 sing N N 83  
ILE CD1 HD11 sing N N 84  
ILE CD1 HD12 sing N N 85  
ILE CD1 HD13 sing N N 86  
ILE OXT HXT  sing N N 87  
LEU N   CA   sing N N 88  
LEU N   H    sing N N 89  
LEU N   H2   sing N N 90  
LEU CA  C    sing N N 91  
LEU CA  CB   sing N N 92  
LEU CA  HA   sing N N 93  
LEU C   O    doub N N 94  
LEU C   OXT  sing N N 95  
LEU CB  CG   sing N N 96  
LEU CB  HB2  sing N N 97  
LEU CB  HB3  sing N N 98  
LEU CG  CD1  sing N N 99  
LEU CG  CD2  sing N N 100 
LEU CG  HG   sing N N 101 
LEU CD1 HD11 sing N N 102 
LEU CD1 HD12 sing N N 103 
LEU CD1 HD13 sing N N 104 
LEU CD2 HD21 sing N N 105 
LEU CD2 HD22 sing N N 106 
LEU CD2 HD23 sing N N 107 
LEU OXT HXT  sing N N 108 
LYS N   CA   sing N N 109 
LYS N   H    sing N N 110 
LYS N   H2   sing N N 111 
LYS CA  C    sing N N 112 
LYS CA  CB   sing N N 113 
LYS CA  HA   sing N N 114 
LYS C   O    doub N N 115 
LYS C   OXT  sing N N 116 
LYS CB  CG   sing N N 117 
LYS CB  HB2  sing N N 118 
LYS CB  HB3  sing N N 119 
LYS CG  CD   sing N N 120 
LYS CG  HG2  sing N N 121 
LYS CG  HG3  sing N N 122 
LYS CD  CE   sing N N 123 
LYS CD  HD2  sing N N 124 
LYS CD  HD3  sing N N 125 
LYS CE  NZ   sing N N 126 
LYS CE  HE2  sing N N 127 
LYS CE  HE3  sing N N 128 
LYS NZ  HZ1  sing N N 129 
LYS NZ  HZ2  sing N N 130 
LYS NZ  HZ3  sing N N 131 
LYS OXT HXT  sing N N 132 
NH2 N   HN1  sing N N 133 
NH2 N   HN2  sing N N 134 
PPI C1  C2   sing N N 135 
PPI C1  O1   doub N N 136 
PPI C1  O2   sing N N 137 
PPI C2  C3   sing N N 138 
PPI C2  H21  sing N N 139 
PPI C2  H22  sing N N 140 
PPI C3  H31  sing N N 141 
PPI C3  H32  sing N N 142 
PPI C3  H33  sing N N 143 
PPI O2  HO2  sing N N 144 
TRP N   CA   sing N N 145 
TRP N   H    sing N N 146 
TRP N   H2   sing N N 147 
TRP CA  C    sing N N 148 
TRP CA  CB   sing N N 149 
TRP CA  HA   sing N N 150 
TRP C   O    doub N N 151 
TRP C   OXT  sing N N 152 
TRP CB  CG   sing N N 153 
TRP CB  HB2  sing N N 154 
TRP CB  HB3  sing N N 155 
TRP CG  CD1  doub Y N 156 
TRP CG  CD2  sing Y N 157 
TRP CD1 NE1  sing Y N 158 
TRP CD1 HD1  sing N N 159 
TRP CD2 CE2  doub Y N 160 
TRP CD2 CE3  sing Y N 161 
TRP NE1 CE2  sing Y N 162 
TRP NE1 HE1  sing N N 163 
TRP CE2 CZ2  sing Y N 164 
TRP CE3 CZ3  doub Y N 165 
TRP CE3 HE3  sing N N 166 
TRP CZ2 CH2  doub Y N 167 
TRP CZ2 HZ2  sing N N 168 
TRP CZ3 CH2  sing Y N 169 
TRP CZ3 HZ3  sing N N 170 
TRP CH2 HH2  sing N N 171 
TRP OXT HXT  sing N N 172 
# 
loop_
_pdbx_audit_support.funding_organization 
_pdbx_audit_support.country 
_pdbx_audit_support.grant_number 
_pdbx_audit_support.ordinal 
'Biotechnology and Biological Sciences Research Council (BBSRC)' 'United Kingdom' BB/S002820/1 1 
'Biotechnology and Biological Sciences Research Council (BBSRC)' 'United Kingdom' EP/L016494/1 2 
'Engineering and Physical Sciences Research Council'             'United Kingdom' EP/L016494/1 3 
# 
_space_group.name_H-M_alt     'C 2 2 2' 
_space_group.name_Hall        'C 2 2' 
_space_group.IT_number        21 
_space_group.crystal_system   orthorhombic 
_space_group.id               1 
# 
_atom_sites.entry_id                    6XXZ 
_atom_sites.Cartn_transf_matrix[1][1]   ? 
_atom_sites.Cartn_transf_matrix[1][2]   ? 
_atom_sites.Cartn_transf_matrix[1][3]   ? 
_atom_sites.Cartn_transf_matrix[2][1]   ? 
_atom_sites.Cartn_transf_matrix[2][2]   ? 
_atom_sites.Cartn_transf_matrix[2][3]   ? 
_atom_sites.Cartn_transf_matrix[3][1]   ? 
_atom_sites.Cartn_transf_matrix[3][2]   ? 
_atom_sites.Cartn_transf_matrix[3][3]   ? 
_atom_sites.Cartn_transf_vector[1]      ? 
_atom_sites.Cartn_transf_vector[2]      ? 
_atom_sites.Cartn_transf_vector[3]      ? 
_atom_sites.fract_transf_matrix[1][1]   0.01429615 
_atom_sites.fract_transf_matrix[1][2]   0.00543920 
_atom_sites.fract_transf_matrix[1][3]   -0.01442664 
_atom_sites.fract_transf_matrix[2][1]   -0.01313919 
_atom_sites.fract_transf_matrix[2][2]   0.01189053 
_atom_sites.fract_transf_matrix[2][3]   -0.00853732 
_atom_sites.fract_transf_matrix[3][1]   0.00688406 
_atom_sites.fract_transf_matrix[3][2]   0.01714659 
_atom_sites.fract_transf_matrix[3][3]   0.01328649 
_atom_sites.fract_transf_vector[1]      -0.310513 
_atom_sites.fract_transf_vector[2]      -0.162689 
_atom_sites.fract_transf_vector[3]      0.320814 
_atom_sites.solution_primary            ? 
_atom_sites.solution_secondary          ? 
_atom_sites.solution_hydrogens          ? 
_atom_sites.special_details             ? 
# 
loop_
_atom_type.symbol 
_atom_type.scat_dispersion_real 
_atom_type.scat_dispersion_imag 
_atom_type.scat_Cromer_Mann_a1 
_atom_type.scat_Cromer_Mann_a2 
_atom_type.scat_Cromer_Mann_a3 
_atom_type.scat_Cromer_Mann_a4 
_atom_type.scat_Cromer_Mann_b1 
_atom_type.scat_Cromer_Mann_b2 
_atom_type.scat_Cromer_Mann_b3 
_atom_type.scat_Cromer_Mann_b4 
_atom_type.scat_Cromer_Mann_c 
_atom_type.scat_source 
_atom_type.scat_dispersion_source 
C ? ? 3.54356 2.42580 ? ? 25.62398 1.50364 ? ? 0.0 
;2-Gaussian fit: Grosse-Kunstleve RW, Sauter NK, Adams PD: Newsletter of the IUCr Commission on Crystallographic Computing 2004, 3, 22-31.
;
? 
N ? ? 4.01032 2.96436 ? ? 19.97189 1.75589 ? ? 0.0 
;2-Gaussian fit: Grosse-Kunstleve RW, Sauter NK, Adams PD: Newsletter of the IUCr Commission on Crystallographic Computing 2004, 3, 22-31.
;
? 
O ? ? 4.49882 3.47563 ? ? 15.80542 1.70748 ? ? 0.0 
;2-Gaussian fit: Grosse-Kunstleve RW, Sauter NK, Adams PD: Newsletter of the IUCr Commission on Crystallographic Computing 2004, 3, 22-31.
;
? 
# 
loop_
_atom_site.group_PDB 
_atom_site.id 
_atom_site.type_symbol 
_atom_site.label_atom_id 
_atom_site.label_alt_id 
_atom_site.label_comp_id 
_atom_site.label_asym_id 
_atom_site.label_entity_id 
_atom_site.label_seq_id 
_atom_site.pdbx_PDB_ins_code 
_atom_site.Cartn_x 
_atom_site.Cartn_y 
_atom_site.Cartn_z 
_atom_site.occupancy 
_atom_site.B_iso_or_equiv 
_atom_site.pdbx_formal_charge 
_atom_site.auth_seq_id 
_atom_site.auth_comp_id 
_atom_site.auth_asym_id 
_atom_site.auth_atom_id 
_atom_site.pdbx_PDB_model_num 
HETATM 1   C C   . ACE A 1 1  ? -11.14849 -11.47974 -14.65667 1.000 50.60735 ? 0   ACE A C   1 
HETATM 2   O O   . ACE A 1 1  ? -11.71688 -10.43814 -14.32842 1.000 51.43471 ? 0   ACE A O   1 
HETATM 3   C CH3 . ACE A 1 1  ? -10.41210 -11.63190 -15.94914 1.000 59.72012 ? 0   ACE A CH3 1 
ATOM   4   N N   . GLY A 1 2  ? -11.14045 -12.57266 -13.90976 1.000 50.11913 ? 1   GLY A N   1 
ATOM   5   C CA  . GLY A 1 2  ? -11.79057 -12.64264 -12.61930 1.000 32.51137 ? 1   GLY A CA  1 
ATOM   6   C C   . GLY A 1 2  ? -10.84108 -12.36239 -11.47829 1.000 37.99218 ? 1   GLY A C   1 
ATOM   7   O O   . GLY A 1 2  ? -10.12954 -11.35649 -11.50241 1.000 34.82966 ? 1   GLY A O   1 
ATOM   8   N N   . GLU A 1 3  ? -10.80485 -13.27538 -10.50138 1.000 29.12308 ? 2   GLU A N   1 
ATOM   9   C CA  . GLU A 1 3  ? -10.20257 -12.95154 -9.20928  1.000 24.33135 ? 2   GLU A CA  1 
ATOM   10  C C   . GLU A 1 3  ? -8.71862  -12.62334 -9.33056  1.000 24.30159 ? 2   GLU A C   1 
ATOM   11  O O   . GLU A 1 3  ? -8.24190  -11.68711 -8.68389  1.000 29.16891 ? 2   GLU A O   1 
ATOM   12  C CB  . GLU A 1 3  ? -10.41268 -14.10194 -8.22901  1.000 46.00655 ? 2   GLU A CB  1 
ATOM   13  C CG  . GLU A 1 3  ? -9.68848  -13.91856 -6.91035  1.000 56.79784 ? 2   GLU A CG  1 
ATOM   14  C CD  . GLU A 1 3  ? -10.19738 -14.85299 -5.83347  1.000 72.13974 ? 2   GLU A CD  1 
ATOM   15  O OE1 . GLU A 1 3  ? -9.56738  -14.90461 -4.75613  1.000 72.08557 ? 2   GLU A OE1 1 
ATOM   16  O OE2 . GLU A 1 3  ? -11.22293 -15.52796 -6.07110  1.000 73.88039 ? 2   GLU A OE2 1 
ATOM   17  N N   . ILE A 1 4  ? -7.96403  -13.38199 -10.13297 1.000 26.59232 ? 3   ILE A N   1 
ATOM   18  C CA  . ILE A 1 4  ? -6.53007  -13.10520 -10.24945 1.000 20.82930 ? 3   ILE A CA  1 
ATOM   19  C C   . ILE A 1 4  ? -6.31173  -11.70861 -10.81292 1.000 23.78727 ? 3   ILE A C   1 
ATOM   20  O O   . ILE A 1 4  ? -5.50904  -10.92197 -10.28919 1.000 20.66576 ? 3   ILE A O   1 
ATOM   21  C CB  . ILE A 1 4  ? -5.83377  -14.17704 -11.11292 1.000 21.59652 ? 3   ILE A CB  1 
ATOM   22  C CG1 . ILE A 1 4  ? -5.86636  -15.53114 -10.41543 1.000 25.40473 ? 3   ILE A CG1 1 
ATOM   23  C CG2 . ILE A 1 4  ? -4.38692  -13.78150 -11.41860 1.000 21.82865 ? 3   ILE A CG2 1 
ATOM   24  C CD1 . ILE A 1 4  ? -5.44434  -16.70348 -11.30209 1.000 28.88918 ? 3   ILE A CD1 1 
ATOM   25  N N   . LYS A 1 5  ? -7.03570  -11.36764 -11.88224 1.000 21.68360 ? 4   LYS A N   1 
ATOM   26  C CA  . LYS A 1 5  ? -6.82082  -10.05449 -12.48072 1.000 30.52855 ? 4   LYS A CA  1 
ATOM   27  C C   . LYS A 1 5  ? -7.28547  -8.92137  -11.56937 1.000 27.54109 ? 4   LYS A C   1 
ATOM   28  O O   . LYS A 1 5  ? -6.64983  -7.85956  -11.54758 1.000 24.86433 ? 4   LYS A O   1 
ATOM   29  C CB  . LYS A 1 5  ? -7.49424  -9.97165  -13.85243 1.000 31.22010 ? 4   LYS A CB  1 
ATOM   30  C CG  . LYS A 1 5  ? -6.59633  -9.27594  -14.87236 1.000 46.98519 ? 4   LYS A CG  1 
ATOM   31  C CD  . LYS A 1 5  ? -7.20104  -9.18428  -16.25838 1.000 54.15703 ? 4   LYS A CD  1 
ATOM   32  C CE  . LYS A 1 5  ? -7.19025  -10.53574 -16.95282 1.000 64.01318 ? 4   LYS A CE  1 
ATOM   33  N NZ  . LYS A 1 5  ? -8.24195  -10.62188 -18.00357 1.000 75.41228 ? 4   LYS A NZ  1 
ATOM   34  N N   . GLN A 1 6  ? -8.36233  -9.11935  -10.79572 1.000 33.63368 ? 5   GLN A N   1 
ATOM   35  C CA  . GLN A 1 6  ? -8.80648  -8.06552  -9.87647  1.000 31.00387 ? 5   GLN A CA  1 
ATOM   36  C C   . GLN A 1 6  ? -7.83145  -7.90054  -8.71497  1.000 28.30538 ? 5   GLN A C   1 
ATOM   37  O O   . GLN A 1 6  ? -7.55573  -6.77316  -8.27844  1.000 26.35140 ? 5   GLN A O   1 
ATOM   38  C CB  . GLN A 1 6  ? -10.21160 -8.35924  -9.32994  1.000 44.77299 ? 5   GLN A CB  1 
ATOM   39  C CG  . GLN A 1 6  ? -11.25525 -8.88796  -10.33264 1.000 65.42705 ? 5   GLN A CG  1 
ATOM   40  C CD  . GLN A 1 6  ? -11.88470 -7.81881  -11.21417 1.000 77.27994 ? 5   GLN A CD  1 
ATOM   41  O OE1 . GLN A 1 6  ? -11.20043 -6.94759  -11.75138 1.000 86.68398 ? 5   GLN A OE1 1 
ATOM   42  N NE2 . GLN A 1 6  ? -13.20202 -7.89182  -11.37252 1.000 74.60943 ? 5   GLN A NE2 1 
ATOM   43  N N   . GLN A 1 7  ? -7.32404  -9.01305  -8.17529  1.000 20.69867 ? 6   GLN A N   1 
ATOM   44  C CA  A GLN A 1 7  ? -6.33363  -8.92105  -7.10864  0.613 19.95867 ? 6   GLN A CA  1 
ATOM   45  C CA  B GLN A 1 7  ? -6.32713  -8.93085  -7.11298  0.387 19.99239 ? 6   GLN A CA  1 
ATOM   46  C C   . GLN A 1 7  ? -5.07515  -8.20745  -7.59197  1.000 22.15899 ? 6   GLN A C   1 
ATOM   47  O O   . GLN A 1 7  ? -4.51067  -7.37783  -6.87192  1.000 19.24349 ? 6   GLN A O   1 
ATOM   48  C CB  A GLN A 1 7  ? -5.99307  -10.31357 -6.57095  0.613 19.06331 ? 6   GLN A CB  1 
ATOM   49  C CB  B GLN A 1 7  ? -5.97014  -10.32964 -6.61583  0.387 19.90656 ? 6   GLN A CB  1 
ATOM   50  C CG  A GLN A 1 7  ? -7.11596  -10.99088 -5.77430  0.613 23.42596 ? 6   GLN A CG  1 
ATOM   51  C CG  B GLN A 1 7  ? -7.04304  -10.99286 -5.77365  0.387 24.03307 ? 6   GLN A CG  1 
ATOM   52  C CD  A GLN A 1 7  ? -7.22223  -10.47020 -4.34744  0.613 33.59292 ? 6   GLN A CD  1 
ATOM   53  C CD  B GLN A 1 7  ? -6.70421  -12.42918 -5.45869  0.387 23.14891 ? 6   GLN A CD  1 
ATOM   54  O OE1 A GLN A 1 7  ? -6.59646  -9.47704  -3.98956  0.613 40.51324 ? 6   GLN A OE1 1 
ATOM   55  O OE1 B GLN A 1 7  ? -6.50074  -13.24456 -6.36056  0.387 21.43860 ? 6   GLN A OE1 1 
ATOM   56  N NE2 A GLN A 1 7  ? -8.02235  -11.14186 -3.52983  0.613 44.90347 ? 6   GLN A NE2 1 
ATOM   57  N NE2 B GLN A 1 7  ? -6.63085  -12.74838 -4.17557  0.387 18.92179 ? 6   GLN A NE2 1 
ATOM   58  N N   . LEU A 1 8  ? -4.62505  -8.51374  -8.80987  1.000 20.91449 ? 7   LEU A N   1 
ATOM   59  C CA  . LEU A 1 8  ? -3.45245  -7.83280  -9.35176  1.000 20.17653 ? 7   LEU A CA  1 
ATOM   60  C C   . LEU A 1 8  ? -3.71365  -6.34076  -9.50471  1.000 25.89147 ? 7   LEU A C   1 
ATOM   61  O O   . LEU A 1 8  ? -2.85068  -5.50780  -9.18632  1.000 24.64648 ? 7   LEU A O   1 
ATOM   62  C CB  . LEU A 1 8  ? -3.06703  -8.45933  -10.69522 1.000 25.41730 ? 7   LEU A CB  1 
ATOM   63  C CG  . LEU A 1 8  ? -2.43273  -9.84504  -10.59432 1.000 16.64633 ? 7   LEU A CG  1 
ATOM   64  C CD1 . LEU A 1 8  ? -2.31878  -10.54993 -11.96210 1.000 19.35460 ? 7   LEU A CD1 1 
ATOM   65  C CD2 . LEU A 1 8  ? -1.06067  -9.75029  -9.90809  1.000 18.82800 ? 7   LEU A CD2 1 
ATOM   66  N N   . ALA A 1 9  ? -4.90483  -5.98553  -9.98418  1.000 20.36378 ? 8   ALA A N   1 
ATOM   67  C CA  . ALA A 1 9  ? -5.27054  -4.57653  -10.10885 1.000 25.56285 ? 8   ALA A CA  1 
ATOM   68  C C   . ALA A 1 9  ? -5.30342  -3.89490  -8.74907  1.000 21.97180 ? 8   ALA A C   1 
ATOM   69  O O   . ALA A 1 9  ? -4.80135  -2.77251  -8.59128  1.000 20.36655 ? 8   ALA A O   1 
ATOM   70  C CB  . ALA A 1 9  ? -6.62481  -4.44424  -10.80718 1.000 30.76355 ? 8   ALA A CB  1 
ATOM   71  N N   . GLU A 1 10 ? -5.89781  -4.55373  -7.75013  1.000 21.81337 ? 9   GLU A N   1 
ATOM   72  C CA  . GLU A 1 10 ? -5.92103  -3.96189  -6.41540  1.000 21.16102 ? 9   GLU A CA  1 
ATOM   73  C C   . GLU A 1 10 ? -4.50844  -3.77058  -5.88138  1.000 21.82716 ? 9   GLU A C   1 
ATOM   74  O O   . GLU A 1 10 ? -4.20078  -2.73604  -5.27276  1.000 18.92138 ? 9   GLU A O   1 
ATOM   75  C CB  . GLU A 1 10 ? -6.75006  -4.82201  -5.45823  1.000 30.63260 ? 9   GLU A CB  1 
ATOM   76  C CG  . GLU A 1 10 ? -8.22044  -4.45165  -5.42290  1.000 60.08372 ? 9   GLU A CG  1 
ATOM   77  C CD  . GLU A 1 10 ? -8.46540  -3.12467  -4.69974  1.000 86.41481 ? 9   GLU A CD  1 
ATOM   78  O OE1 . GLU A 1 10 ? -8.63070  -2.08549  -5.38633  1.000 92.73405 ? 9   GLU A OE1 1 
ATOM   79  O OE2 . GLU A 1 10 ? -8.47875  -3.12339  -3.44645  1.000 92.41299 ? 9   GLU A OE2 1 
ATOM   80  N N   . ILE A 1 11 ? -3.63155  -4.75039  -6.10960  1.000 16.08527 ? 10  ILE A N   1 
ATOM   81  C CA  . ILE A 1 11 ? -2.25543  -4.64235  -5.62607  1.000 17.28648 ? 10  ILE A CA  1 
ATOM   82  C C   . ILE A 1 11 ? -1.56117  -3.46465  -6.28980  1.000 17.07889 ? 10  ILE A C   1 
ATOM   83  O O   . ILE A 1 11 ? -0.87994  -2.66810  -5.62947  1.000 14.28187 ? 10  ILE A O   1 
ATOM   84  C CB  . ILE A 1 11 ? -1.49334  -5.96528  -5.86749  1.000 14.98264 ? 10  ILE A CB  1 
ATOM   85  C CG1 . ILE A 1 11 ? -1.99785  -7.05598  -4.91045  1.000 12.74366 ? 10  ILE A CG1 1 
ATOM   86  C CG2 . ILE A 1 11 ? 0.01016   -5.75162  -5.73448  1.000 17.75565 ? 10  ILE A CG2 1 
ATOM   87  C CD1 . ILE A 1 11 ? -1.63401  -8.48818  -5.31130  1.000 13.11940 ? 10  ILE A CD1 1 
ATOM   88  N N   . LYS A 1 12 ? -1.72524  -3.32779  -7.60436  1.000 17.00475 ? 11  LYS A N   1 
ATOM   89  C CA  . LYS A 1 12 ? -1.06760  -2.22370  -8.29757  1.000 21.72059 ? 11  LYS A CA  1 
ATOM   90  C C   . LYS A 1 12 ? -1.57152  -0.87890  -7.79416  1.000 17.09644 ? 11  LYS A C   1 
ATOM   91  O O   . LYS A 1 12 ? -0.79177  0.07703   -7.66716  1.000 17.98942 ? 11  LYS A O   1 
ATOM   92  C CB  . LYS A 1 12 ? -1.26992  -2.35281  -9.80605  1.000 27.07075 ? 11  LYS A CB  1 
ATOM   93  C CG  . LYS A 1 12 ? -0.27800  -3.31011  -10.45830 1.000 32.24562 ? 11  LYS A CG  1 
ATOM   94  C CD  . LYS A 1 12 ? -0.69842  -3.72924  -11.85903 1.000 46.72170 ? 11  LYS A CD  1 
ATOM   95  C CE  . LYS A 1 12 ? -0.35131  -2.68330  -12.91419 0.000 45.22107 ? 11  LYS A CE  1 
ATOM   96  N NZ  . LYS A 1 12 ? -1.21028  -1.46962  -12.85096 0.000 44.43088 ? 11  LYS A NZ  1 
ATOM   97  N N   . GLN A 1 13 ? -2.86688  -0.78394  -7.48527  1.000 16.17060 ? 12  GLN A N   1 
ATOM   98  C CA  . GLN A 1 13 ? -3.39636  0.45679   -6.91100  1.000 22.50611 ? 12  GLN A CA  1 
ATOM   99  C C   . GLN A 1 13 ? -2.80062  0.73148   -5.52973  1.000 20.92926 ? 12  GLN A C   1 
ATOM   100 O O   . GLN A 1 13 ? -2.44572  1.87634   -5.20536  1.000 17.57688 ? 12  GLN A O   1 
ATOM   101 C CB  . GLN A 1 13 ? -4.92556  0.38501   -6.84062  1.000 20.94761 ? 12  GLN A CB  1 
ATOM   102 C CG  . GLN A 1 13 ? -5.61496  1.60601   -6.23791  1.000 26.25837 ? 12  GLN A CG  1 
ATOM   103 C CD  . GLN A 1 13 ? -5.61950  2.80886   -7.16200  1.000 45.14656 ? 12  GLN A CD  1 
ATOM   104 O OE1 . GLN A 1 13 ? -5.54757  2.66901   -8.38302  1.000 49.59667 ? 12  GLN A OE1 1 
ATOM   105 N NE2 . GLN A 1 13 ? -5.69671  4.00524   -6.57934  1.000 41.92793 ? 12  GLN A NE2 1 
ATOM   106 N N   . GLN A 1 14 ? -2.68141  -0.30526  -4.69852  1.000 13.67332 ? 13  GLN A N   1 
ATOM   107 C CA  . GLN A 1 14 ? -2.06608  -0.12408  -3.38629  1.000 14.02086 ? 13  GLN A CA  1 
ATOM   108 C C   . GLN A 1 14 ? -0.61975  0.32897   -3.51025  1.000 16.81981 ? 13  GLN A C   1 
ATOM   109 O O   . GLN A 1 14 ? -0.16909  1.19532   -2.75609  1.000 12.94786 ? 13  GLN A O   1 
ATOM   110 C CB  . GLN A 1 14 ? -2.12619  -1.42043  -2.59135  1.000 19.53113 ? 13  GLN A CB  1 
ATOM   111 C CG  . GLN A 1 14 ? -3.50258  -1.85061  -2.14941  1.000 21.37797 ? 13  GLN A CG  1 
ATOM   112 C CD  . GLN A 1 14 ? -3.42998  -3.19172  -1.46235  1.000 25.80259 ? 13  GLN A CD  1 
ATOM   113 O OE1 . GLN A 1 14 ? -2.83931  -4.13106  -1.99696  1.000 23.86561 ? 13  GLN A OE1 1 
ATOM   114 N NE2 . GLN A 1 14 ? -3.99484  -3.28693  -0.26622  1.000 24.86797 ? 13  GLN A NE2 1 
ATOM   115 N N   . LEU A 1 15 ? 0.13201   -0.25931  -4.44406  1.000 13.54489 ? 14  LEU A N   1 
ATOM   116 C CA  . LEU A 1 15 ? 1.51942   0.15459   -4.61921  1.000 13.36279 ? 14  LEU A CA  1 
ATOM   117 C C   . LEU A 1 15 ? 1.60625   1.62131   -5.03152  1.000 17.19005 ? 14  LEU A C   1 
ATOM   118 O O   . LEU A 1 15 ? 2.48691   2.35920   -4.56314  1.000 14.59975 ? 14  LEU A O   1 
ATOM   119 C CB  . LEU A 1 15 ? 2.20163   -0.74231  -5.64611  1.000 14.64401 ? 14  LEU A CB  1 
ATOM   120 C CG  . LEU A 1 15 ? 2.39043   -2.19901  -5.20859  1.000 11.86037 ? 14  LEU A CG  1 
ATOM   121 C CD1 . LEU A 1 15 ? 2.77394   -3.05070  -6.42977  1.000 13.61368 ? 14  LEU A CD1 1 
ATOM   122 C CD2 . LEU A 1 15 ? 3.45801   -2.29553  -4.12940  1.000 12.50954 ? 14  LEU A CD2 1 
ATOM   123 N N   . ALA A 1 16 ? 0.70918   2.05916   -5.91651  1.000 14.08501 ? 15  ALA A N   1 
ATOM   124 C CA  . ALA A 1 16 ? 0.67897   3.46594   -6.31018  1.000 17.28592 ? 15  ALA A CA  1 
ATOM   125 C C   . ALA A 1 16 ? 0.42696   4.35720   -5.10557  1.000 16.61867 ? 15  ALA A C   1 
ATOM   126 O O   . ALA A 1 16 ? 1.09942   5.38118   -4.91561  1.000 15.84647 ? 15  ALA A O   1 
ATOM   127 C CB  . ALA A 1 16 ? -0.39722  3.68949   -7.37117  1.000 21.08968 ? 15  ALA A CB  1 
ATOM   128 N N   . GLU A 1 17 ? -0.54811  3.98187   -4.27877  1.000 14.40289 ? 16  GLU A N   1 
ATOM   129 C CA  . GLU A 1 17 ? -0.87879  4.78940   -3.10828  1.000 17.86050 ? 16  GLU A CA  1 
ATOM   130 C C   . GLU A 1 17 ? 0.28429   4.83828   -2.12102  1.000 17.74602 ? 16  GLU A C   1 
ATOM   131 O O   . GLU A 1 17 ? 0.55627   5.88705   -1.51504  1.000 18.72254 ? 16  GLU A O   1 
ATOM   132 C CB  . GLU A 1 17 ? -2.14766  4.22660   -2.46167  1.000 21.83159 ? 16  GLU A CB  1 
ATOM   133 C CG  . GLU A 1 17 ? -3.38358  4.50100   -3.30671  1.000 19.53292 ? 16  GLU A CG  1 
ATOM   134 C CD  . GLU A 1 17 ? -4.52609  3.52571   -3.06955  1.000 38.05219 ? 16  GLU A CD  1 
ATOM   135 O OE1 . GLU A 1 17 ? -4.30729  2.48863   -2.40855  1.000 41.56628 ? 16  GLU A OE1 1 
ATOM   136 O OE2 . GLU A 1 17 ? -5.64540  3.79808   -3.56202  1.000 32.75350 ? 16  GLU A OE2 1 
ATOM   137 N N   . ILE A 1 18 ? 0.99668   3.72025   -1.96277  1.000 12.50090 ? 17  ILE A N   1 
ATOM   138 C CA  . ILE A 1 18 ? 2.17069   3.69178   -1.08569  1.000 10.82901 ? 17  ILE A CA  1 
ATOM   139 C C   . ILE A 1 18 ? 3.26223   4.60444   -1.62289  1.000 12.50708 ? 17  ILE A C   1 
ATOM   140 O O   . ILE A 1 18 ? 3.90963   5.34507   -0.86297  1.000 12.51318 ? 17  ILE A O   1 
ATOM   141 C CB  . ILE A 1 18 ? 2.66072   2.24021   -0.92403  1.000 14.09451 ? 17  ILE A CB  1 
ATOM   142 C CG1 . ILE A 1 18 ? 1.68773   1.47006   -0.02248  1.000 13.18071 ? 17  ILE A CG1 1 
ATOM   143 C CG2 . ILE A 1 18 ? 4.08783   2.19302   -0.38159  1.000 12.19194 ? 17  ILE A CG2 1 
ATOM   144 C CD1 . ILE A 1 18 ? 1.79145   -0.04049  -0.10890  1.000 14.38071 ? 17  ILE A CD1 1 
ATOM   145 N N   . LYS A 1 19 ? 3.47473   4.59051   -2.93797  1.000 14.34194 ? 18  LYS A N   1 
ATOM   146 C CA  . LYS A 1 19 ? 4.47693   5.47948   -3.51863  1.000 14.64922 ? 18  LYS A CA  1 
ATOM   147 C C   . LYS A 1 19 ? 4.12343   6.94505   -3.28694  1.000 11.99831 ? 18  LYS A C   1 
ATOM   148 O O   . LYS A 1 19 ? 5.01172   7.77026   -3.02736  1.000 13.87136 ? 18  LYS A O   1 
ATOM   149 C CB  . LYS A 1 19 ? 4.63419   5.18160   -5.00518  1.000 17.93342 ? 18  LYS A CB  1 
ATOM   150 C CG  . LYS A 1 19 ? 5.41105   3.91915   -5.25467  1.000 17.93917 ? 18  LYS A CG  1 
ATOM   151 C CD  . LYS A 1 19 ? 5.67167   3.75095   -6.73527  1.000 32.27531 ? 18  LYS A CD  1 
ATOM   152 C CE  . LYS A 1 19 ? 7.14087   3.98254   -7.05913  1.000 41.13713 ? 18  LYS A CE  1 
ATOM   153 N NZ  . LYS A 1 19 ? 7.68819   2.84719   -7.84820  1.000 45.78453 ? 18  LYS A NZ  1 
ATOM   154 N N   . TRP A 1 20 ? 2.83580   7.29765   -3.37698  1.000 13.03870 ? 19  TRP A N   1 
ATOM   155 C CA  . TRP A 1 20 ? 2.44081   8.67551   -3.07045  1.000 13.82024 ? 19  TRP A CA  1 
ATOM   156 C C   . TRP A 1 20 ? 2.72253   9.01399   -1.61481  1.000 17.54534 ? 19  TRP A C   1 
ATOM   157 O O   . TRP A 1 20 ? 3.24926   10.09142  -1.30382  1.000 13.17318 ? 19  TRP A O   1 
ATOM   158 C CB  . TRP A 1 20 ? 0.96185   8.89348   -3.39575  1.000 17.81746 ? 19  TRP A CB  1 
ATOM   159 C CG  . TRP A 1 20 ? 0.73892   9.10471   -4.85413  1.000 18.57039 ? 19  TRP A CG  1 
ATOM   160 C CD1 . TRP A 1 20 ? 0.09274   8.26930   -5.71139  1.000 20.17472 ? 19  TRP A CD1 1 
ATOM   161 C CD2 . TRP A 1 20 ? 1.17810   10.22815  -5.63656  1.000 21.72977 ? 19  TRP A CD2 1 
ATOM   162 N NE1 . TRP A 1 20 ? 0.10066   8.79386   -6.98334  1.000 24.84974 ? 19  TRP A NE1 1 
ATOM   163 C CE2 . TRP A 1 20 ? 0.75790   10.00048  -6.96444  1.000 23.68448 ? 19  TRP A CE2 1 
ATOM   164 C CE3 . TRP A 1 20 ? 1.87866   11.41066  -5.34021  1.000 23.91511 ? 19  TRP A CE3 1 
ATOM   165 C CZ2 . TRP A 1 20 ? 1.02130   10.90860  -7.99840  1.000 22.71269 ? 19  TRP A CZ2 1 
ATOM   166 C CZ3 . TRP A 1 20 ? 2.13686   12.31441  -6.36634  1.000 21.55157 ? 19  TRP A CZ3 1 
ATOM   167 C CH2 . TRP A 1 20 ? 1.70882   12.05721  -7.67987  1.000 24.89492 ? 19  TRP A CH2 1 
ATOM   168 N N   . GLN A 1 21 ? 2.35286   8.11501   -0.70648  1.000 10.81467 ? 20  GLN A N   1 
ATOM   169 C CA  . GLN A 1 21 ? 2.59023   8.35530   0.71497   1.000 13.42991 ? 20  GLN A CA  1 
ATOM   170 C C   . GLN A 1 21 ? 4.06917   8.58851   0.99672   1.000 16.63494 ? 20  GLN A C   1 
ATOM   171 O O   . GLN A 1 21 ? 4.43356   9.49727   1.75667   1.000 12.42270 ? 20  GLN A O   1 
ATOM   172 C CB  . GLN A 1 21 ? 2.08061   7.16856   1.52381   1.000 13.69847 ? 20  GLN A CB  1 
ATOM   173 C CG  . GLN A 1 21 ? 0.57768   7.02919   1.62372   1.000 17.98217 ? 20  GLN A CG  1 
ATOM   174 C CD  . GLN A 1 21 ? 0.20717   5.76590   2.37710   1.000 22.80046 ? 20  GLN A CD  1 
ATOM   175 O OE1 . GLN A 1 21 ? 0.65272   4.67113   2.01749   1.000 23.88398 ? 20  GLN A OE1 1 
ATOM   176 N NE2 . GLN A 1 21 ? -0.57823  5.90939   3.44458   1.000 20.76452 ? 20  GLN A NE2 1 
ATOM   177 N N   . LEU A 1 22 ? 4.93890   7.78798   0.38402   1.000 11.44680 ? 21  LEU A N   1 
ATOM   178 C CA  . LEU A 1 22 ? 6.37804   7.95276   0.59131   1.000 14.94720 ? 21  LEU A CA  1 
ATOM   179 C C   . LEU A 1 22 ? 6.87710   9.28763   0.04303   1.000 15.30234 ? 21  LEU A C   1 
ATOM   180 O O   . LEU A 1 22 ? 7.71672   9.95416   0.66979   1.000 13.44735 ? 21  LEU A O   1 
ATOM   181 C CB  . LEU A 1 22 ? 7.12463   6.78187   -0.05397  1.000 18.46393 ? 21  LEU A CB  1 
ATOM   182 C CG  . LEU A 1 22 ? 6.88033   5.43502   0.62588   1.000 10.84098 ? 21  LEU A CG  1 
ATOM   183 C CD1 . LEU A 1 22 ? 7.23262   4.26205   -0.31239  1.000 14.45508 ? 21  LEU A CD1 1 
ATOM   184 C CD2 . LEU A 1 22 ? 7.67364   5.34966   1.90671   1.000 11.48779 ? 21  LEU A CD2 1 
ATOM   185 N N   . ALA A 1 23 ? 6.38260   9.69613   -1.12648  1.000 14.29081 ? 22  ALA A N   1 
ATOM   186 C CA  . ALA A 1 23 ? 6.76622   10.99977  -1.66794  1.000 13.28441 ? 22  ALA A CA  1 
ATOM   187 C C   . ALA A 1 23 ? 6.29543   12.12696  -0.76014  1.000 19.87820 ? 22  ALA A C   1 
ATOM   188 O O   . ALA A 1 23 ? 7.00994   13.12080  -0.55797  1.000 15.55330 ? 22  ALA A O   1 
ATOM   189 C CB  . ALA A 1 23 ? 6.19484   11.16885  -3.07349  1.000 16.70676 ? 22  ALA A CB  1 
ATOM   190 N N   . GLU A 1 24 ? 5.09443   11.98680  -0.19706  1.000 12.05882 ? 23  GLU A N   1 
ATOM   191 C CA  . GLU A 1 24 ? 4.58538   12.99841  0.73512   1.000 14.55589 ? 23  GLU A CA  1 
ATOM   192 C C   . GLU A 1 24 ? 5.43798   13.07758  1.99391   1.000 14.29680 ? 23  GLU A C   1 
ATOM   193 O O   . GLU A 1 24 ? 5.74788   14.17961  2.47824   1.000 14.83319 ? 23  GLU A O   1 
ATOM   194 C CB  . GLU A 1 24 ? 3.12696   12.67839  1.07605   1.000 16.21801 ? 23  GLU A CB  1 
ATOM   195 C CG  . GLU A 1 24 ? 2.21140   12.83369  -0.13784  1.000 15.32313 ? 23  GLU A CG  1 
ATOM   196 C CD  . GLU A 1 24 ? 0.83539   12.23696  0.05514   1.000 35.01077 ? 23  GLU A CD  1 
ATOM   197 O OE1 . GLU A 1 24 ? 0.66419   11.37483  0.94247   1.000 37.01630 ? 23  GLU A OE1 1 
ATOM   198 O OE2 . GLU A 1 24 ? -0.08224  12.65154  -0.67880  1.000 42.55344 ? 23  GLU A OE2 1 
ATOM   199 N N   . ILE A 1 25 ? 5.82338   11.92101  2.53922   1.000 13.00894 ? 24  ILE A N   1 
ATOM   200 C CA  . ILE A 1 25 ? 6.67287   11.88928  3.72999   1.000 11.77357 ? 24  ILE A CA  1 
ATOM   201 C C   . ILE A 1 25 ? 8.01867   12.53886  3.43474   1.000 13.83424 ? 24  ILE A C   1 
ATOM   202 O O   . ILE A 1 25 ? 8.51220   13.37864  4.20576   1.000 14.94993 ? 24  ILE A O   1 
ATOM   203 C CB  . ILE A 1 25 ? 6.83025   10.43474  4.22513   1.000 12.39496 ? 24  ILE A CB  1 
ATOM   204 C CG1 . ILE A 1 25 ? 5.53895   9.95736   4.89618   1.000 11.28761 ? 24  ILE A CG1 1 
ATOM   205 C CG2 . ILE A 1 25 ? 8.00828   10.32164  5.18755   1.000 13.05826 ? 24  ILE A CG2 1 
ATOM   206 C CD1 . ILE A 1 25 ? 5.38641   8.43462   4.93381   1.000 12.14448 ? 24  ILE A CD1 1 
ATOM   207 N N   . LYS A 1 26 ? 8.62686   12.18274  2.30315   1.000 11.69095 ? 25  LYS A N   1 
ATOM   208 C CA  . LYS A 1 26 ? 9.86685   12.83884  1.89170   1.000 12.52980 ? 25  LYS A CA  1 
ATOM   209 C C   . LYS A 1 26 ? 9.71586   14.35478  1.84254   1.000 18.92830 ? 25  LYS A C   1 
ATOM   210 O O   . LYS A 1 26 ? 10.57486  15.09894  2.34271   1.000 18.67669 ? 25  LYS A O   1 
ATOM   211 C CB  . LYS A 1 26 ? 10.29670  12.30569  0.52412   1.000 18.32578 ? 25  LYS A CB  1 
ATOM   212 C CG  . LYS A 1 26 ? 10.95800  10.95093  0.59011   1.000 29.82061 ? 25  LYS A CG  1 
ATOM   213 C CD  . LYS A 1 26 ? 12.46809  11.08836  0.67454   1.000 42.56620 ? 25  LYS A CD  1 
ATOM   214 C CE  . LYS A 1 26 ? 13.14144  10.11773  -0.27375  1.000 43.72966 ? 25  LYS A CE  1 
ATOM   215 N NZ  . LYS A 1 26 ? 12.82338  8.71718   0.11257   1.000 40.83235 ? 25  LYS A NZ  1 
ATOM   216 N N   . GLN A 1 27 ? 8.62762   14.84123  1.24495   1.000 16.98587 ? 26  GLN A N   1 
ATOM   217 C CA  . GLN A 1 27 ? 8.45109   16.28953  1.15178   1.000 19.05924 ? 26  GLN A CA  1 
ATOM   218 C C   . GLN A 1 27 ? 8.24312   16.90733  2.52872   1.000 20.20319 ? 26  GLN A C   1 
ATOM   219 O O   . GLN A 1 27 ? 8.74028   18.01050  2.80454   1.000 21.73655 ? 26  GLN A O   1 
ATOM   220 C CB  . GLN A 1 27 ? 7.27960   16.61767  0.22923   1.000 22.42798 ? 26  GLN A CB  1 
ATOM   221 C CG  . GLN A 1 27 ? 7.06937   18.10845  -0.03332  1.000 34.32075 ? 26  GLN A CG  1 
ATOM   222 C CD  . GLN A 1 27 ? 5.90697   18.69576  0.75689   1.000 55.95332 ? 26  GLN A CD  1 
ATOM   223 O OE1 . GLN A 1 27 ? 4.91864   18.01265  1.03761   1.000 59.80450 ? 26  GLN A OE1 1 
ATOM   224 N NE2 . GLN A 1 27 ? 6.02295   19.97233  1.11966   1.000 65.29170 ? 26  GLN A NE2 1 
ATOM   225 N N   . GLN A 1 28 ? 7.52033   16.21088  3.41038   1.000 16.01939 ? 27  GLN A N   1 
ATOM   226 C CA  . GLN A 1 28 ? 7.35141   16.69516  4.77932   1.000 17.17815 ? 27  GLN A CA  1 
ATOM   227 C C   . GLN A 1 28 ? 8.69028   16.82130  5.49138   1.000 17.54900 ? 27  GLN A C   1 
ATOM   228 O O   . GLN A 1 28 ? 8.94453   17.82027  6.18197   1.000 20.87012 ? 27  GLN A O   1 
ATOM   229 C CB  . GLN A 1 28 ? 6.42053   15.76147  5.55574   1.000 20.70152 ? 27  GLN A CB  1 
ATOM   230 C CG  . GLN A 1 28 ? 5.89308   16.35489  6.85707   1.000 28.02075 ? 27  GLN A CG  1 
ATOM   231 C CD  . GLN A 1 28 ? 4.89658   17.48427  6.62746   1.000 37.50922 ? 27  GLN A CD  1 
ATOM   232 O OE1 . GLN A 1 28 ? 4.14279   17.47750  5.65457   1.000 40.98185 ? 27  GLN A OE1 1 
ATOM   233 N NE2 . GLN A 1 28 ? 4.89596   18.46424  7.52349   1.000 33.89024 ? 27  GLN A NE2 1 
ATOM   234 N N   . LEU A 1 29 ? 9.56662   15.82610  5.33330   1.000 15.65372 ? 28  LEU A N   1 
ATOM   235 C CA  . LEU A 1 29 ? 10.88441  15.90240  5.96152   1.000 14.72330 ? 28  LEU A CA  1 
ATOM   236 C C   . LEU A 1 29 ? 11.73362  17.02222  5.37227   1.000 27.96701 ? 28  LEU A C   1 
ATOM   237 O O   . LEU A 1 29 ? 12.54401  17.62828  6.08659   1.000 20.57237 ? 28  LEU A O   1 
ATOM   238 C CB  . LEU A 1 29 ? 11.60299  14.56430  5.83438   1.000 16.15248 ? 28  LEU A CB  1 
ATOM   239 C CG  . LEU A 1 29 ? 10.92409  13.44205  6.62235   1.000 14.53610 ? 28  LEU A CG  1 
ATOM   240 C CD1 . LEU A 1 29 ? 11.49784  12.07926  6.24127   1.000 28.89103 ? 28  LEU A CD1 1 
ATOM   241 C CD2 . LEU A 1 29 ? 11.02106  13.66098  8.12750   1.000 21.40813 ? 28  LEU A CD2 1 
ATOM   242 N N   . ALA A 1 30 ? 11.55689  17.32582  4.08575   1.000 21.51761 ? 29  ALA A N   1 
ATOM   243 C CA  . ALA A 1 30 ? 12.30696  18.40696  3.44972   1.000 24.71351 ? 29  ALA A CA  1 
ATOM   244 C C   . ALA A 1 30 ? 11.72557  19.78402  3.73685   1.000 28.32079 ? 29  ALA A C   1 
ATOM   245 O O   . ALA A 1 30 ? 12.39623  20.79389  3.47678   1.000 37.95644 ? 29  ALA A O   1 
ATOM   246 C CB  . ALA A 1 30 ? 12.37472  18.18654  1.93397   1.000 29.19808 ? 29  ALA A CB  1 
ATOM   247 N N   . GLY A 1 31 ? 10.51564  19.85565  4.27559   1.000 29.75633 ? 30  GLY A N   1 
ATOM   248 C CA  . GLY A 1 31 ? 9.93052   21.12623  4.66370   1.000 38.89821 ? 30  GLY A CA  1 
ATOM   249 C C   . GLY A 1 31 ? 9.48579   21.95640  3.47618   1.000 58.73266 ? 30  GLY A C   1 
ATOM   250 O O   . GLY A 1 31 ? 8.29070   22.06389  3.19807   1.000 75.20874 ? 30  GLY A O   1 
HETATM 251 C C   . ACE B 1 1  ? -5.57370  -20.68670 -8.75093  1.000 40.90772 ? 0   ACE B C   1 
HETATM 252 O O   . ACE B 1 1  ? -5.35859  -20.95784 -9.93607  1.000 46.60573 ? 0   ACE B O   1 
HETATM 253 C CH3 . ACE B 1 1  ? -5.40849  -19.27851 -8.28811  1.000 25.33690 ? 0   ACE B CH3 1 
ATOM   254 N N   . GLY B 1 2  ? -5.96413  -21.60135 -7.84423  1.000 34.90711 ? 1   GLY B N   1 
ATOM   255 C CA  . GLY B 1 2  ? -6.23475  -21.36619 -6.43270  1.000 32.12415 ? 1   GLY B CA  1 
ATOM   256 C C   . GLY B 1 2  ? -5.06930  -20.90319 -5.56406  1.000 29.88056 ? 1   GLY B C   1 
ATOM   257 O O   . GLY B 1 2  ? -5.23026  -19.97581 -4.75554  1.000 30.58175 ? 1   GLY B O   1 
ATOM   258 N N   . GLU B 1 3  ? -3.88930  -21.51213 -5.74070  1.000 24.34650 ? 2   GLU B N   1 
ATOM   259 C CA  . GLU B 1 3  ? -2.71511  -21.09535 -4.96762  1.000 27.00114 ? 2   GLU B CA  1 
ATOM   260 C C   . GLU B 1 3  ? -2.33893  -19.63889 -5.24682  1.000 27.83954 ? 2   GLU B C   1 
ATOM   261 O O   . GLU B 1 3  ? -2.09233  -18.85731 -4.31127  1.000 24.89397 ? 2   GLU B O   1 
ATOM   262 C CB  . GLU B 1 3  ? -1.53318  -22.02483 -5.26318  1.000 33.04808 ? 2   GLU B CB  1 
ATOM   263 C CG  . GLU B 1 3  ? -0.22687  -21.69431 -4.52085  1.000 48.57230 ? 2   GLU B CG  1 
ATOM   264 C CD  . GLU B 1 3  ? -0.31970  -21.76357 -2.99234  1.000 68.60229 ? 2   GLU B CD  1 
ATOM   265 O OE1 . GLU B 1 3  ? -1.42212  -21.97639 -2.44884  1.000 75.85572 ? 2   GLU B OE1 1 
ATOM   266 O OE2 . GLU B 1 3  ? 0.72107   -21.56596 -2.32470  1.000 72.69041 ? 2   GLU B OE2 1 
ATOM   267 N N   . ILE B 1 4  ? -2.27605  -19.25152 -6.52831  1.000 21.84483 ? 3   ILE B N   1 
ATOM   268 C CA  . ILE B 1 4  ? -1.97155  -17.85407 -6.86746  1.000 20.29266 ? 3   ILE B CA  1 
ATOM   269 C C   . ILE B 1 4  ? -2.94289  -16.92095 -6.15763  1.000 19.25743 ? 3   ILE B C   1 
ATOM   270 O O   . ILE B 1 4  ? -2.54335  -15.93190 -5.52593  1.000 19.08590 ? 3   ILE B O   1 
ATOM   271 C CB  . ILE B 1 4  ? -2.00675  -17.64737 -8.39421  1.000 20.33726 ? 3   ILE B CB  1 
ATOM   272 C CG1 . ILE B 1 4  ? -0.84595  -18.38214 -9.06054  1.000 24.02899 ? 3   ILE B CG1 1 
ATOM   273 C CG2 . ILE B 1 4  ? -1.91099  -16.19239 -8.73680  1.000 19.08999 ? 3   ILE B CG2 1 
ATOM   274 C CD1 . ILE B 1 4  ? -1.05592  -18.66644 -10.54175 1.000 25.16943 ? 3   ILE B CD1 1 
ATOM   275 N N   . LYS B 1 5  ? -4.23716  -17.23650 -6.22915  1.000 20.37322 ? 4   LYS B N   1 
ATOM   276 C CA  . LYS B 1 5  ? -5.24353  -16.40273 -5.57665  1.000 20.37040 ? 4   LYS B CA  1 
ATOM   277 C C   . LYS B 1 5  ? -4.96280  -16.25069 -4.08973  1.000 20.24340 ? 4   LYS B C   1 
ATOM   278 O O   . LYS B 1 5  ? -5.11290  -15.15525 -3.53099  1.000 23.18609 ? 4   LYS B O   1 
ATOM   279 C CB  . LYS B 1 5  ? -6.63475  -16.99796 -5.79883  1.000 24.07942 ? 4   LYS B CB  1 
ATOM   280 C CG  . LYS B 1 5  ? -7.26036  -16.62311 -7.12375  1.000 30.42978 ? 4   LYS B CG  1 
ATOM   281 C CD  . LYS B 1 5  ? -8.40626  -17.56166 -7.47180  1.000 33.49189 ? 4   LYS B CD  1 
ATOM   282 C CE  . LYS B 1 5  ? -8.87045  -17.35322 -8.90188  1.000 36.78204 ? 4   LYS B CE  1 
ATOM   283 N NZ  . LYS B 1 5  ? -9.86519  -18.38158 -9.31594  1.000 35.09140 ? 4   LYS B NZ  1 
ATOM   284 N N   . GLN B 1 6  ? -4.52763  -17.32370 -3.42974  1.000 21.53869 ? 5   GLN B N   1 
ATOM   285 C CA  . GLN B 1 6  ? -4.27515  -17.21163 -1.99796  1.000 27.88678 ? 5   GLN B CA  1 
ATOM   286 C C   . GLN B 1 6  ? -3.05570  -16.34155 -1.71825  1.000 21.39252 ? 5   GLN B C   1 
ATOM   287 O O   . GLN B 1 6  ? -3.07894  -15.51045 -0.79988  1.000 23.43509 ? 5   GLN B O   1 
ATOM   288 C CB  . GLN B 1 6  ? -4.12679  -18.59834 -1.37515  1.000 22.62706 ? 5   GLN B CB  1 
ATOM   289 C CG  . GLN B 1 6  ? -5.46010  -19.38980 -1.35036  1.000 42.71264 ? 5   GLN B CG  1 
ATOM   290 C CD  . GLN B 1 6  ? -5.29806  -20.89459 -1.46488  1.000 65.19078 ? 5   GLN B CD  1 
ATOM   291 O OE1 . GLN B 1 6  ? -4.31270  -21.46764 -0.99805  1.000 70.25194 ? 5   GLN B OE1 1 
ATOM   292 N NE2 . GLN B 1 6  ? -6.28366  -21.54698 -2.07484  1.000 73.28942 ? 5   GLN B NE2 1 
ATOM   293 N N   . GLN B 1 7  ? -1.99761  -16.48468 -2.52061  1.000 18.39614 ? 6   GLN B N   1 
ATOM   294 C CA  . GLN B 1 7  ? -0.80940  -15.64743 -2.35454  1.000 19.25489 ? 6   GLN B CA  1 
ATOM   295 C C   . GLN B 1 7  ? -1.09407  -14.18579 -2.68241  1.000 18.31544 ? 6   GLN B C   1 
ATOM   296 O O   . GLN B 1 7  ? -0.60586  -13.27700 -1.99198  1.000 16.97941 ? 6   GLN B O   1 
ATOM   297 C CB  . GLN B 1 7  ? 0.32017   -16.17977 -3.23445  1.000 23.20264 ? 6   GLN B CB  1 
ATOM   298 C CG  . GLN B 1 7  ? 0.82276   -17.55512 -2.82876  1.000 26.78994 ? 6   GLN B CG  1 
ATOM   299 C CD  . GLN B 1 7  ? 1.32043   -17.57354 -1.40297  1.000 45.36682 ? 6   GLN B CD  1 
ATOM   300 O OE1 . GLN B 1 7  ? 2.34293   -16.96622 -1.09160  1.000 37.87546 ? 6   GLN B OE1 1 
ATOM   301 N NE2 . GLN B 1 7  ? 0.60890   -18.28089 -0.52844  1.000 59.57349 ? 6   GLN B NE2 1 
ATOM   302 N N   . LEU B 1 8  ? -1.86331  -13.92142 -3.73878  1.000 16.10757 ? 7   LEU B N   1 
ATOM   303 C CA  . LEU B 1 8  ? -2.17743  -12.52650 -4.04705  1.000 18.03087 ? 7   LEU B CA  1 
ATOM   304 C C   . LEU B 1 8  ? -3.01136  -11.88854 -2.93829  1.000 19.18930 ? 7   LEU B C   1 
ATOM   305 O O   . LEU B 1 8  ? -2.81557  -10.70884 -2.59668  1.000 19.50516 ? 7   LEU B O   1 
ATOM   306 C CB  . LEU B 1 8  ? -2.89734  -12.43092 -5.38569  1.000 18.92199 ? 7   LEU B CB  1 
ATOM   307 C CG  . LEU B 1 8  ? -2.04431  -12.83644 -6.58065  1.000 18.26986 ? 7   LEU B CG  1 
ATOM   308 C CD1 . LEU B 1 8  ? -2.83773  -12.65828 -7.85752  1.000 16.59552 ? 7   LEU B CD1 1 
ATOM   309 C CD2 . LEU B 1 8  ? -0.77084  -12.00264 -6.60361  1.000 21.89146 ? 7   LEU B CD2 1 
ATOM   310 N N   . ALA B 1 9  ? -3.93606  -12.65491 -2.35429  1.000 18.05246 ? 8   ALA B N   1 
ATOM   311 C CA  . ALA B 1 9  ? -4.71376  -12.14928 -1.22757  1.000 20.49438 ? 8   ALA B CA  1 
ATOM   312 C C   . ALA B 1 9  ? -3.81891  -11.79778 -0.04481  1.000 22.89579 ? 8   ALA B C   1 
ATOM   313 O O   . ALA B 1 9  ? -4.04605  -10.78868 0.63619   1.000 21.79824 ? 8   ALA B O   1 
ATOM   314 C CB  . ALA B 1 9  ? -5.76456  -13.17916 -0.81917  1.000 19.90508 ? 8   ALA B CB  1 
ATOM   315 N N   . GLU B 1 10 ? -2.80891  -12.62881 0.23372   1.000 19.40991 ? 9   GLU B N   1 
ATOM   316 C CA  . GLU B 1 10 ? -1.87717  -12.31535 1.31553   1.000 19.44500 ? 9   GLU B CA  1 
ATOM   317 C C   . GLU B 1 10 ? -1.06118  -11.06864 0.99972   1.000 19.69464 ? 9   GLU B C   1 
ATOM   318 O O   . GLU B 1 10 ? -0.77018  -10.26435 1.89769   1.000 19.95317 ? 9   GLU B O   1 
ATOM   319 C CB  . GLU B 1 10 ? -0.95348  -13.50204 1.57604   1.000 19.84145 ? 9   GLU B CB  1 
ATOM   320 C CG  . GLU B 1 10 ? -1.63367  -14.66496 2.29286   1.000 41.79640 ? 9   GLU B CG  1 
ATOM   321 C CD  . GLU B 1 10 ? -0.93915  -16.00031 2.06858   1.000 59.98384 ? 9   GLU B CD  1 
ATOM   322 O OE1 . GLU B 1 10 ? 0.27683   -16.00613 1.77372   1.000 61.74050 ? 9   GLU B OE1 1 
ATOM   323 O OE2 . GLU B 1 10 ? -1.61239  -17.04612 2.20091   1.000 62.72096 ? 9   GLU B OE2 1 
ATOM   324 N N   . ILE B 1 11 ? -0.67461  -10.89578 -0.26758  1.000 15.88099 ? 10  ILE B N   1 
ATOM   325 C CA  . ILE B 1 11 ? 0.09086   -9.71486  -0.67226  1.000 14.64239 ? 10  ILE B CA  1 
ATOM   326 C C   . ILE B 1 11 ? -0.74164  -8.45065  -0.49124  1.000 16.58312 ? 10  ILE B C   1 
ATOM   327 O O   . ILE B 1 11 ? -0.26263  -7.43112  0.02801   1.000 16.58865 ? 10  ILE B O   1 
ATOM   328 C CB  . ILE B 1 11 ? 0.56861   -9.88008  -2.12693  1.000 13.71861 ? 10  ILE B CB  1 
ATOM   329 C CG1 . ILE B 1 11 ? 1.61378   -10.99077 -2.20103  1.000 14.04636 ? 10  ILE B CG1 1 
ATOM   330 C CG2 . ILE B 1 11 ? 1.13454   -8.58523  -2.68026  1.000 12.50630 ? 10  ILE B CG2 1 
ATOM   331 C CD1 . ILE B 1 11 ? 1.90121   -11.44501 -3.62308  1.000 18.95788 ? 10  ILE B CD1 1 
ATOM   332 N N   . LYS B 1 12 ? -1.99849  -8.49494  -0.92582  1.000 16.41479 ? 11  LYS B N   1 
ATOM   333 C CA  . LYS B 1 12 ? -2.89412  -7.36217  -0.72960  1.000 16.11259 ? 11  LYS B CA  1 
ATOM   334 C C   . LYS B 1 12 ? -3.02938  -7.01256  0.75053   1.000 15.81212 ? 11  LYS B C   1 
ATOM   335 O O   . LYS B 1 12 ? -2.98699  -5.83208  1.12440   1.000 19.09692 ? 11  LYS B O   1 
ATOM   336 C CB  . LYS B 1 12 ? -4.25950  -7.67633  -1.35091  1.000 21.46514 ? 11  LYS B CB  1 
ATOM   337 C CG  . LYS B 1 12 ? -5.19383  -6.47338  -1.43376  1.000 30.37656 ? 11  LYS B CG  1 
ATOM   338 C CD  . LYS B 1 12 ? -6.47554  -6.77835  -2.18285  1.000 44.50472 ? 11  LYS B CD  1 
ATOM   339 C CE  . LYS B 1 12 ? -7.47031  -7.49367  -1.30342  1.000 53.45158 ? 11  LYS B CE  1 
ATOM   340 N NZ  . LYS B 1 12 ? -8.60701  -8.01106  -2.10724  1.000 60.63946 ? 11  LYS B NZ  1 
ATOM   341 N N   . GLN B 1 13 ? -3.16181  -8.02499  1.61063   1.000 15.36041 ? 12  GLN B N   1 
ATOM   342 C CA  . GLN B 1 13 ? -3.30801  -7.77449  3.04551   1.000 21.69102 ? 12  GLN B CA  1 
ATOM   343 C C   . GLN B 1 13 ? -2.06596  -7.10515  3.62358   1.000 20.07361 ? 12  GLN B C   1 
ATOM   344 O O   . GLN B 1 13 ? -2.17803  -6.17119  4.42764   1.000 21.06112 ? 12  GLN B O   1 
ATOM   345 C CB  . GLN B 1 13 ? -3.60962  -9.07824  3.79181   1.000 27.68301 ? 12  GLN B CB  1 
ATOM   346 C CG  . GLN B 1 13 ? -5.00747  -9.63141  3.53331   1.000 47.93717 ? 12  GLN B CG  1 
ATOM   347 C CD  . GLN B 1 13 ? -5.18100  -11.08248 3.96964   1.000 53.70345 ? 12  GLN B CD  1 
ATOM   348 O OE1 . GLN B 1 13 ? -4.25905  -11.70153 4.50349   1.000 58.60061 ? 12  GLN B OE1 1 
ATOM   349 N NE2 . GLN B 1 13 ? -6.36942  -11.63081 3.73329   1.000 42.49820 ? 12  GLN B NE2 1 
ATOM   350 N N   . GLN B 1 14 ? -0.87495  -7.57015  3.22975   1.000 14.13949 ? 13  GLN B N   1 
ATOM   351 C CA  A GLN B 1 14 ? 0.35622   -6.94529  3.70868   0.530 15.14230 ? 13  GLN B CA  1 
ATOM   352 C CA  B GLN B 1 14 ? 0.35554   -6.94527  3.70803   0.470 15.19986 ? 13  GLN B CA  1 
ATOM   353 C C   . GLN B 1 14 ? 0.47277   -5.50659  3.21868   1.000 16.56947 ? 13  GLN B C   1 
ATOM   354 O O   . GLN B 1 14 ? 0.90674   -4.61458  3.96935   1.000 16.39605 ? 13  GLN B O   1 
ATOM   355 C CB  A GLN B 1 14 ? 1.56493   -7.76691  3.26181   0.530 15.77018 ? 13  GLN B CB  1 
ATOM   356 C CB  B GLN B 1 14 ? 1.56061   -7.77114  3.26180   0.470 15.89836 ? 13  GLN B CB  1 
ATOM   357 C CG  A GLN B 1 14 ? 1.64696   -9.14650  3.88329   0.530 20.49533 ? 13  GLN B CG  1 
ATOM   358 C CG  B GLN B 1 14 ? 1.59577   -9.16072  3.86173   0.470 20.78124 ? 13  GLN B CG  1 
ATOM   359 C CD  A GLN B 1 14 ? 2.94004   -9.85976  3.54578   0.530 28.41127 ? 13  GLN B CD  1 
ATOM   360 C CD  B GLN B 1 14 ? 1.67783   -9.12239  5.37116   0.470 24.00937 ? 13  GLN B CD  1 
ATOM   361 O OE1 A GLN B 1 14 ? 2.96214   -10.77007 2.71440   0.530 41.44237 ? 13  GLN B OE1 1 
ATOM   362 O OE1 B GLN B 1 14 ? 2.62565   -8.57924  5.93285   0.470 29.35651 ? 13  GLN B OE1 1 
ATOM   363 N NE2 A GLN B 1 14 ? 4.02555   -9.45547  4.19284   0.530 32.18203 ? 13  GLN B NE2 1 
ATOM   364 N NE2 B GLN B 1 14 ? 0.68122   -9.68759  6.03601   0.470 25.46401 ? 13  GLN B NE2 1 
ATOM   365 N N   . LEU B 1 15 ? 0.09455   -5.25334  1.96485   1.000 14.03524 ? 14  LEU B N   1 
ATOM   366 C CA  . LEU B 1 15 ? 0.15186   -3.89327  1.44054   1.000 18.46984 ? 14  LEU B CA  1 
ATOM   367 C C   . LEU B 1 15 ? -0.82351  -2.97096  2.16584   1.000 17.58046 ? 14  LEU B C   1 
ATOM   368 O O   . LEU B 1 15 ? -0.50393  -1.80083  2.43218   1.000 16.56786 ? 14  LEU B O   1 
ATOM   369 C CB  . LEU B 1 15 ? -0.11651  -3.90936  -0.05997  1.000 15.83951 ? 14  LEU B CB  1 
ATOM   370 C CG  . LEU B 1 15 ? 1.05496   -4.51120  -0.84393  1.000 13.85533 ? 14  LEU B CG  1 
ATOM   371 C CD1 . LEU B 1 15 ? 0.66334   -4.63985  -2.29940  1.000 19.97233 ? 14  LEU B CD1 1 
ATOM   372 C CD2 . LEU B 1 15 ? 2.30181   -3.64441  -0.69636  1.000 14.64278 ? 14  LEU B CD2 1 
ATOM   373 N N   . ALA B 1 16 ? -2.01212  -3.47432  2.50163   1.000 14.67475 ? 15  ALA B N   1 
ATOM   374 C CA  . ALA B 1 16 ? -2.94945  -2.67378  3.28209   1.000 15.29681 ? 15  ALA B CA  1 
ATOM   375 C C   . ALA B 1 16 ? -2.34236  -2.29398  4.62817   1.000 17.93876 ? 15  ALA B C   1 
ATOM   376 O O   . ALA B 1 16 ? -2.46767  -1.14590  5.07746   1.000 20.00508 ? 15  ALA B O   1 
ATOM   377 C CB  . ALA B 1 16 ? -4.26059  -3.44289  3.46121   1.000 19.70308 ? 15  ALA B CB  1 
ATOM   378 N N   . GLU B 1 17 ? -1.65171  -3.24194  5.27079   1.000 15.62109 ? 16  GLU B N   1 
ATOM   379 C CA  . GLU B 1 17 ? -1.00656  -2.96445  6.55032   1.000 19.16388 ? 16  GLU B CA  1 
ATOM   380 C C   . GLU B 1 17 ? 0.11830   -1.94882  6.39186   1.000 19.33155 ? 16  GLU B C   1 
ATOM   381 O O   . GLU B 1 17 ? 0.28359   -1.05853  7.23453   1.000 15.98300 ? 16  GLU B O   1 
ATOM   382 C CB  . GLU B 1 17 ? -0.48803  -4.26714  7.15799   1.000 23.15275 ? 16  GLU B CB  1 
ATOM   383 C CG  . GLU B 1 17 ? -1.60996  -5.12100  7.74597   1.000 34.01290 ? 16  GLU B CG  1 
ATOM   384 C CD  . GLU B 1 17 ? -1.35515  -6.61972  7.66474   1.000 51.58259 ? 16  GLU B CD  1 
ATOM   385 O OE1 . GLU B 1 17 ? -2.34057  -7.39090  7.55953   1.000 51.03434 ? 16  GLU B OE1 1 
ATOM   386 O OE2 . GLU B 1 17 ? -0.17516  -7.02604  7.72325   1.000 55.58872 ? 16  GLU B OE2 1 
ATOM   387 N N   . ILE B 1 18 ? 0.88236   -2.05187  5.30533   1.000 14.02652 ? 17  ILE B N   1 
ATOM   388 C CA  . ILE B 1 18 ? 1.92788   -1.07174  5.02465   1.000 16.03524 ? 17  ILE B CA  1 
ATOM   389 C C   . ILE B 1 18 ? 1.33277   0.32670   4.84955   1.000 13.22026 ? 17  ILE B C   1 
ATOM   390 O O   . ILE B 1 18 ? 1.84293   1.31268   5.41193   1.000 12.52289 ? 17  ILE B O   1 
ATOM   391 C CB  . ILE B 1 18 ? 2.74034   -1.53472  3.80005   1.000 15.57041 ? 17  ILE B CB  1 
ATOM   392 C CG1 . ILE B 1 18 ? 3.61806   -2.72256  4.22011   1.000 15.89186 ? 17  ILE B CG1 1 
ATOM   393 C CG2 . ILE B 1 18 ? 3.57007   -0.38541  3.22245   1.000 12.72226 ? 17  ILE B CG2 1 
ATOM   394 C CD1 . ILE B 1 18 ? 4.15305   -3.54538  3.06856   1.000 16.76757 ? 17  ILE B CD1 1 
ATOM   395 N N   . LYS B 1 19 ? 0.22176   0.42715   4.11259   1.000 12.92969 ? 18  LYS B N   1 
ATOM   396 C CA  . LYS B 1 19 ? -0.45699  1.70901   3.91775   1.000 13.36677 ? 18  LYS B CA  1 
ATOM   397 C C   . LYS B 1 19 ? -0.84108  2.34295   5.24539   1.000 16.24886 ? 18  LYS B C   1 
ATOM   398 O O   . LYS B 1 19 ? -0.63374  3.54754   5.46454   1.000 15.01138 ? 18  LYS B O   1 
ATOM   399 C CB  . LYS B 1 19 ? -1.70629  1.50923   3.06303   1.000 17.24885 ? 18  LYS B CB  1 
ATOM   400 C CG  . LYS B 1 19 ? -1.44716  1.56597   1.58513   1.000 19.59113 ? 18  LYS B CG  1 
ATOM   401 C CD  . LYS B 1 19 ? -2.71288  1.23126   0.79280   1.000 32.84599 ? 18  LYS B CD  1 
ATOM   402 C CE  . LYS B 1 19 ? -3.82623  2.22418   1.08843   1.000 36.30745 ? 18  LYS B CE  1 
ATOM   403 N NZ  . LYS B 1 19 ? -5.10277  1.80027   0.43921   1.000 41.32920 ? 18  LYS B NZ  1 
ATOM   404 N N   . TRP B 1 20 ? -1.42122  1.54675   6.13934   1.000 13.11135 ? 19  TRP B N   1 
ATOM   405 C CA  . TRP B 1 20 ? -1.79755  2.05879   7.45363   1.000 17.17250 ? 19  TRP B CA  1 
ATOM   406 C C   . TRP B 1 20 ? -0.58090  2.54806   8.22965   1.000 15.36354 ? 19  TRP B C   1 
ATOM   407 O O   . TRP B 1 20 ? -0.63393  3.59391   8.89012   1.000 18.43965 ? 19  TRP B O   1 
ATOM   408 C CB  . TRP B 1 20 ? -2.52386  0.97135   8.23059   1.000 24.37039 ? 19  TRP B CB  1 
ATOM   409 C CG  . TRP B 1 20 ? -3.97584  0.88772   7.93660   1.000 24.41919 ? 19  TRP B CG  1 
ATOM   410 C CD1 . TRP B 1 20 ? -4.60704  -0.04525  7.15354   1.000 27.75096 ? 19  TRP B CD1 1 
ATOM   411 C CD2 . TRP B 1 20 ? -4.99969  1.74731   8.44357   1.000 22.97543 ? 19  TRP B CD2 1 
ATOM   412 N NE1 . TRP B 1 20 ? -5.96225  0.19227   7.13854   1.000 29.81600 ? 19  TRP B NE1 1 
ATOM   413 C CE2 . TRP B 1 20 ? -6.22953  1.28710   7.92368   1.000 20.56363 ? 19  TRP B CE2 1 
ATOM   414 C CE3 . TRP B 1 20 ? -5.00022  2.86008   9.29281   1.000 18.53349 ? 19  TRP B CE3 1 
ATOM   415 C CZ2 . TRP B 1 20 ? -7.44421  1.91070   8.21886   1.000 24.99200 ? 19  TRP B CZ2 1 
ATOM   416 C CZ3 . TRP B 1 20 ? -6.20595  3.47369   9.58393   1.000 21.99759 ? 19  TRP B CZ3 1 
ATOM   417 C CH2 . TRP B 1 20 ? -7.40767  3.00135   9.05062   1.000 26.64894 ? 19  TRP B CH2 1 
ATOM   418 N N   . GLN B 1 21 ? 0.51865   1.79448   8.18389   1.000 12.70616 ? 20  GLN B N   1 
ATOM   419 C CA  . GLN B 1 21 ? 1.71679   2.20291   8.91020   1.000 13.15926 ? 20  GLN B CA  1 
ATOM   420 C C   . GLN B 1 21 ? 2.26304   3.50603   8.35609   1.000 13.23304 ? 20  GLN B C   1 
ATOM   421 O O   . GLN B 1 21 ? 2.71480   4.37850   9.11796   1.000 14.50084 ? 20  GLN B O   1 
ATOM   422 C CB  . GLN B 1 21 ? 2.77324   1.10295   8.84322   1.000 15.03866 ? 20  GLN B CB  1 
ATOM   423 C CG  . GLN B 1 21 ? 2.38099   -0.16049  9.60106   1.000 20.55642 ? 20  GLN B CG  1 
ATOM   424 C CD  . GLN B 1 21 ? 2.07570   0.11682   11.05788  1.000 34.94417 ? 20  GLN B CD  1 
ATOM   425 O OE1 . GLN B 1 21 ? 2.92141   0.64691   11.77625  1.000 34.34118 ? 20  GLN B OE1 1 
ATOM   426 N NE2 . GLN B 1 21 ? 0.86433   -0.22353  11.50008  1.000 37.70409 ? 20  GLN B NE2 1 
ATOM   427 N N   . LEU B 1 22 ? 2.21141   3.67174   7.03406   1.000 11.93522 ? 21  LEU B N   1 
ATOM   428 C CA  . LEU B 1 22 ? 2.70460   4.91063   6.43528   1.000 14.23894 ? 21  LEU B CA  1 
ATOM   429 C C   . LEU B 1 22 ? 1.78221   6.08716   6.74061   1.000 15.69984 ? 21  LEU B C   1 
ATOM   430 O O   . LEU B 1 22 ? 2.25710   7.21213   6.94953   1.000 16.04441 ? 21  LEU B O   1 
ATOM   431 C CB  . LEU B 1 22 ? 2.87852   4.73040   4.93212   1.000 14.61268 ? 21  LEU B CB  1 
ATOM   432 C CG  . LEU B 1 22 ? 4.08288   3.87299   4.53802   1.000 9.44253  ? 21  LEU B CG  1 
ATOM   433 C CD1 . LEU B 1 22 ? 3.91673   3.45113   3.07691   1.000 22.81239 ? 21  LEU B CD1 1 
ATOM   434 C CD2 . LEU B 1 22 ? 5.36739   4.64882   4.72879   1.000 16.77395 ? 21  LEU B CD2 1 
ATOM   435 N N   . ALA B 1 23 ? 0.46192   5.85938   6.75740   1.000 15.58590 ? 22  ALA B N   1 
ATOM   436 C CA  . ALA B 1 23 ? -0.46152  6.91304   7.18590   1.000 13.01507 ? 22  ALA B CA  1 
ATOM   437 C C   . ALA B 1 23 ? -0.15913  7.36106   8.60677   1.000 15.66084 ? 22  ALA B C   1 
ATOM   438 O O   . ALA B 1 23 ? -0.22862  8.55743   8.92259   1.000 19.74988 ? 22  ALA B O   1 
ATOM   439 C CB  . ALA B 1 23 ? -1.91021  6.43278   7.08954   1.000 20.28111 ? 22  ALA B CB  1 
ATOM   440 N N   . GLU B 1 24 ? 0.19100   6.41817   9.48208   1.000 15.14801 ? 23  GLU B N   1 
ATOM   441 C CA  . GLU B 1 24 ? 0.53153   6.79660   10.85198  1.000 14.77095 ? 23  GLU B CA  1 
ATOM   442 C C   . GLU B 1 24 ? 1.80923   7.61846   10.90922  1.000 17.28301 ? 23  GLU B C   1 
ATOM   443 O O   . GLU B 1 24 ? 1.89567   8.59351   11.66880  1.000 18.54928 ? 23  GLU B O   1 
ATOM   444 C CB  . GLU B 1 24 ? 0.69781   5.56051   11.70661  1.000 19.61174 ? 23  GLU B CB  1 
ATOM   445 C CG  . GLU B 1 24 ? -0.48792  4.67580   11.73912  1.000 28.16170 ? 23  GLU B CG  1 
ATOM   446 C CD  . GLU B 1 24 ? -0.24663  3.50966   12.64970  1.000 52.30238 ? 23  GLU B CD  1 
ATOM   447 O OE1 . GLU B 1 24 ? 0.31681   3.72615   13.74897  1.000 54.44886 ? 23  GLU B OE1 1 
ATOM   448 O OE2 . GLU B 1 24 ? -0.58445  2.38431   12.25442  1.000 39.83393 ? 23  GLU B OE2 1 
ATOM   449 N N   . ILE B 1 25 ? 2.82880   7.21174   10.15218  1.000 15.26397 ? 24  ILE B N   1 
ATOM   450 C CA  . ILE B 1 25 ? 4.08853   7.94801   10.15603  1.000 17.89980 ? 24  ILE B CA  1 
ATOM   451 C C   . ILE B 1 25 ? 3.87604   9.35171   9.60674   1.000 17.57345 ? 24  ILE B C   1 
ATOM   452 O O   . ILE B 1 25 ? 4.39640   10.33869  10.14780  1.000 17.99021 ? 24  ILE B O   1 
ATOM   453 C CB  . ILE B 1 25 ? 5.14487   7.17124   9.35087   1.000 16.74718 ? 24  ILE B CB  1 
ATOM   454 C CG1 . ILE B 1 25 ? 5.56683   5.90521   10.09772  1.000 15.49758 ? 24  ILE B CG1 1 
ATOM   455 C CG2 . ILE B 1 25 ? 6.34116   8.06044   9.01180   1.000 12.51837 ? 24  ILE B CG2 1 
ATOM   456 C CD1 . ILE B 1 25 ? 6.30949   4.92323   9.22602   1.000 18.61964 ? 24  ILE B CD1 1 
ATOM   457 N N   . LYS B 1 26 ? 3.10527   9.46166   8.51992   1.000 17.82314 ? 25  LYS B N   1 
ATOM   458 C CA  . LYS B 1 26 ? 2.76655   10.77518  7.98056   1.000 22.19448 ? 25  LYS B CA  1 
ATOM   459 C C   . LYS B 1 26 ? 2.12521   11.65508  9.03416   1.000 20.18646 ? 25  LYS B C   1 
ATOM   460 O O   . LYS B 1 26 ? 2.45382   12.84254  9.15016   1.000 19.58058 ? 25  LYS B O   1 
ATOM   461 C CB  . LYS B 1 26 ? 1.82051   10.63798  6.79174   1.000 26.33188 ? 25  LYS B CB  1 
ATOM   462 C CG  . LYS B 1 26 ? 2.12946   11.58575  5.64302   1.000 36.98015 ? 25  LYS B CG  1 
ATOM   463 C CD  . LYS B 1 26 ? 1.46578   11.12696  4.35565   1.000 51.40881 ? 25  LYS B CD  1 
ATOM   464 C CE  . LYS B 1 26 ? -0.03667  11.33223  4.42071   1.000 63.51614 ? 25  LYS B CE  1 
ATOM   465 N NZ  . LYS B 1 26 ? -0.64268  11.52609  3.07707   1.000 71.12199 ? 25  LYS B NZ  1 
ATOM   466 N N   . GLN B 1 27 ? 1.19498   11.09361  9.80037   1.000 16.53519 ? 26  GLN B N   1 
ATOM   467 C CA  . GLN B 1 27 ? 0.49123   11.88989  10.79965  1.000 19.62227 ? 26  GLN B CA  1 
ATOM   468 C C   . GLN B 1 27 ? 1.41892   12.28096  11.94015  1.000 19.23575 ? 26  GLN B C   1 
ATOM   469 O O   . GLN B 1 27 ? 1.29187   13.37983  12.49736  1.000 18.41530 ? 26  GLN B O   1 
ATOM   470 C CB  . GLN B 1 27 ? -0.71994  11.11136  11.31774  1.000 22.47702 ? 26  GLN B CB  1 
ATOM   471 C CG  . GLN B 1 27 ? -1.60376  11.88838  12.28076  1.000 25.44714 ? 26  GLN B CG  1 
ATOM   472 C CD  . GLN B 1 27 ? -2.39235  12.98453  11.59674  1.000 41.07138 ? 26  GLN B CD  1 
ATOM   473 O OE1 . GLN B 1 27 ? -2.65537  12.92351  10.39158  1.000 47.48875 ? 26  GLN B OE1 1 
ATOM   474 N NE2 . GLN B 1 27 ? -2.78040  13.99824  12.36667  1.000 56.33132 ? 26  GLN B NE2 1 
ATOM   475 N N   . GLN B 1 28 ? 2.35716   11.40277  12.30663  1.000 16.41114 ? 27  GLN B N   1 
ATOM   476 C CA  . GLN B 1 28 ? 3.31284   11.75708  13.35458  1.000 23.20581 ? 27  GLN B CA  1 
ATOM   477 C C   . GLN B 1 28 ? 4.14849   12.95839  12.94534  1.000 22.07269 ? 27  GLN B C   1 
ATOM   478 O O   . GLN B 1 28 ? 4.38107   13.86926  13.74868  1.000 28.36778 ? 27  GLN B O   1 
ATOM   479 C CB  . GLN B 1 28 ? 4.23226   10.57884  13.66676  1.000 27.53495 ? 27  GLN B CB  1 
ATOM   480 C CG  . GLN B 1 28 ? 3.58336   9.43408   14.41946  1.000 34.04957 ? 27  GLN B CG  1 
ATOM   481 C CD  . GLN B 1 28 ? 4.57456   8.69829   15.30840  1.000 47.75072 ? 27  GLN B CD  1 
ATOM   482 O OE1 . GLN B 1 28 ? 5.43115   9.31642   15.94958  1.000 54.35370 ? 27  GLN B OE1 1 
ATOM   483 N NE2 . GLN B 1 28 ? 4.46493   7.37514   15.34980  1.000 50.05053 ? 27  GLN B NE2 1 
ATOM   484 N N   . LEU B 1 29 ? 4.60169   12.98171  11.69438  1.000 21.87898 ? 28  LEU B N   1 
ATOM   485 C CA  . LEU B 1 29 ? 5.48528   14.05206  11.25445  1.000 23.62396 ? 28  LEU B CA  1 
ATOM   486 C C   . LEU B 1 29 ? 4.72674   15.34539  11.00541  1.000 32.95531 ? 28  LEU B C   1 
ATOM   487 O O   . LEU B 1 29 ? 5.24774   16.43256  11.27805  1.000 37.89765 ? 28  LEU B O   1 
ATOM   488 C CB  . LEU B 1 29 ? 6.22540   13.62570  9.99084   1.000 21.98232 ? 28  LEU B CB  1 
ATOM   489 C CG  . LEU B 1 29 ? 7.21786   12.47960  10.17053  1.000 27.48369 ? 28  LEU B CG  1 
ATOM   490 C CD1 . LEU B 1 29 ? 7.71708   11.98902  8.82022   1.000 30.91508 ? 28  LEU B CD1 1 
ATOM   491 C CD2 . LEU B 1 29 ? 8.38170   12.94144  11.04696  1.000 27.66330 ? 28  LEU B CD2 1 
ATOM   492 N N   . ALA B 1 30 ? 3.50448   15.25444  10.48287  1.000 25.31540 ? 29  ALA B N   1 
ATOM   493 C CA  . ALA B 1 30 ? 2.76315   16.44074  10.07403  1.000 29.41072 ? 29  ALA B CA  1 
ATOM   494 C C   . ALA B 1 30 ? 1.69564   16.87872  11.06633  1.000 28.35933 ? 29  ALA B C   1 
ATOM   495 O O   . ALA B 1 30 ? 1.21913   18.01371  10.97069  1.000 35.05484 ? 29  ALA B O   1 
ATOM   496 C CB  . ALA B 1 30 ? 2.10443   16.20660  8.70818   1.000 32.26165 ? 29  ALA B CB  1 
ATOM   497 N N   . GLY B 1 31 ? 1.30651   16.02267  12.00501  1.000 25.15550 ? 30  GLY B N   1 
ATOM   498 C CA  . GLY B 1 31 ? 0.19794   16.32444  12.88905  1.000 25.41208 ? 30  GLY B CA  1 
ATOM   499 C C   . GLY B 1 31 ? 0.59260   17.24749  14.02277  1.000 31.32008 ? 30  GLY B C   1 
ATOM   500 O O   . GLY B 1 31 ? 1.66698   17.07628  14.58931  1.000 35.66229 ? 30  GLY B O   1 
HETATM 501 C C1  . PPI C 2 .  ? 3.11597   6.96461   -8.14815  1.000 48.36739 ? 101 PPI A C1  1 
HETATM 502 C C2  . PPI C 2 .  ? 4.43373   7.67048   -7.80523  1.000 37.31563 ? 101 PPI A C2  1 
HETATM 503 C C3  . PPI C 2 .  ? 4.17073   9.06935   -7.24697  1.000 36.47677 ? 101 PPI A C3  1 
HETATM 504 O O1  . PPI C 2 .  ? 2.69821   6.90417   -9.34062  1.000 46.42788 ? 101 PPI A O1  1 
HETATM 505 O O2  . PPI C 2 .  ? 2.44039   6.42668   -7.23046  1.000 43.23917 ? 101 PPI A O2  1 
HETATM 506 C C1  . PPI D 2 .  ? -5.29898  4.01524   4.89084   1.000 62.02414 ? 101 PPI B C1  1 
HETATM 507 C C2  . PPI D 2 .  ? -6.41550  4.73148   5.64775   1.000 53.58198 ? 101 PPI B C2  1 
HETATM 508 C C3  . PPI D 2 .  ? -5.85594  5.98556   6.31195   1.000 52.35074 ? 101 PPI B C3  1 
HETATM 509 O O1  . PPI D 2 .  ? -5.31097  2.75938   4.76921   1.000 61.29287 ? 101 PPI B O1  1 
HETATM 510 O O2  . PPI D 2 .  ? -4.35956  4.68621   4.38879   1.000 65.02845 ? 101 PPI B O2  1 
HETATM 511 O O   . HOH E 3 .  ? -9.24054  -5.41250  -12.37311 0.50  67.93702 ? 201 HOH A O   1 
HETATM 512 O O   . HOH E 3 .  ? -6.09161  0.64703   -2.28929  1.000 66.93102 ? 202 HOH A O   1 
HETATM 513 O O   . HOH E 3 .  ? -4.90165  -0.99385  -10.46579 1.000 34.42776 ? 203 HOH A O   1 
HETATM 514 O O   . HOH E 3 .  ? -6.78800  -0.60479  -4.16876  1.000 75.48343 ? 204 HOH A O   1 
HETATM 515 O O   . HOH E 3 .  ? 12.44224  17.53294  8.79048   1.000 25.19678 ? 205 HOH A O   1 
HETATM 516 O O   . HOH E 3 .  ? -7.97568  2.50985   -3.04057  1.000 57.19802 ? 206 HOH A O   1 
HETATM 517 O O   . HOH E 3 .  ? 5.19084   19.74238  3.72079   1.000 57.61185 ? 207 HOH A O   1 
HETATM 518 O O   . HOH E 3 .  ? -2.73981  13.05174  -0.07523  1.000 36.56220 ? 208 HOH A O   1 
HETATM 519 O O   . HOH E 3 .  ? 13.29873  14.68459  2.45727   1.000 33.94312 ? 209 HOH A O   1 
HETATM 520 O O   . HOH E 3 .  ? 8.87045   13.84797  -2.55718  1.000 24.25442 ? 210 HOH A O   1 
HETATM 521 O O   . HOH E 3 .  ? 7.69029   7.63940   -4.01528  1.000 19.95799 ? 211 HOH A O   1 
HETATM 522 O O   . HOH E 3 .  ? -8.25230  -13.18731 -13.83150 1.000 31.01919 ? 212 HOH A O   1 
HETATM 523 O O   . HOH E 3 .  ? -1.75931  8.50368   4.35682   1.000 37.11175 ? 213 HOH A O   1 
HETATM 524 O O   . HOH E 3 .  ? -11.55914 -2.77259  -5.86981  1.000 80.49703 ? 214 HOH A O   1 
HETATM 525 O O   . HOH E 3 .  ? 15.56907  20.92198  3.32136   1.000 61.97727 ? 215 HOH A O   1 
HETATM 526 O O   . HOH E 3 .  ? -4.36541  -7.07935  -13.87004 1.000 35.72025 ? 216 HOH A O   1 
HETATM 527 O O   . HOH E 3 .  ? -2.06832  15.00819  1.06653   1.000 32.97332 ? 217 HOH A O   1 
HETATM 528 O O   . HOH E 3 .  ? -3.12032  -5.36914  -13.08359 1.000 42.75505 ? 218 HOH A O   1 
HETATM 529 O O   . HOH E 3 .  ? 11.05678  15.35089  -1.86346  1.000 41.53480 ? 219 HOH A O   1 
HETATM 530 O O   . HOH E 3 .  ? 9.88371   11.49781  -3.72004  1.000 36.66107 ? 220 HOH A O   1 
HETATM 531 O O   . HOH E 3 .  ? 14.39180  13.85326  0.02555   1.000 50.09617 ? 221 HOH A O   1 
HETATM 532 O O   . HOH F 3 .  ? -4.66400  -15.73315 0.84127   1.000 70.48126 ? 201 HOH B O   1 
HETATM 533 O O   . HOH F 3 .  ? -0.27318  -9.68890  8.14525   1.000 61.95103 ? 202 HOH B O   1 
HETATM 534 O O   . HOH F 3 .  ? -4.46209  -6.65934  6.46752   1.000 39.74451 ? 203 HOH B O   1 
HETATM 535 O O   . HOH F 3 .  ? 5.71078   -11.29667 3.85450   1.000 25.92317 ? 204 HOH B O   1 
HETATM 536 O O   . HOH F 3 .  ? 6.42314   8.46166   18.11112  1.000 31.28270 ? 205 HOH B O   1 
HETATM 537 O O   . HOH F 3 .  ? -11.41198 -18.76138 -7.30384  1.000 75.67221 ? 206 HOH B O   1 
HETATM 538 O O   . HOH F 3 .  ? -6.84456  -2.11106  6.23574   1.000 58.14809 ? 207 HOH B O   1 
HETATM 539 O O   . HOH F 3 .  ? -6.53118  -9.66365  0.85731   1.000 39.45678 ? 208 HOH B O   1 
HETATM 540 O O   . HOH F 3 .  ? -2.12176  10.19114  7.74791   1.000 26.82977 ? 209 HOH B O   1 
HETATM 541 O O   . HOH F 3 .  ? -0.61404  -1.78738  9.76258   1.000 43.07306 ? 210 HOH B O   1 
HETATM 542 O O   . HOH F 3 .  ? 4.28355   17.38802  13.69391  1.000 27.27886 ? 211 HOH B O   1 
HETATM 543 O O   . HOH F 3 .  ? -8.06408  -10.87453 1.65082   1.000 48.55260 ? 212 HOH B O   1 
HETATM 544 O O   . HOH F 3 .  ? 5.41110   -0.60207  11.97844  1.000 29.88348 ? 213 HOH B O   1 
HETATM 545 O O   . HOH F 3 .  ? -6.90394  3.97743   0.16979   1.000 50.37226 ? 214 HOH B O   1 
HETATM 546 O O   . HOH F 3 .  ? -5.37650  -0.97899  0.96481   1.000 31.24008 ? 215 HOH B O   1 
HETATM 547 O O   . HOH F 3 .  ? -5.20836  -0.07696  4.04866   1.000 42.30653 ? 216 HOH B O   1 
HETATM 548 O O   . HOH F 3 .  ? -8.99270  -21.12320 -8.42740  1.000 37.29717 ? 217 HOH B O   1 
HETATM 549 O O   . HOH F 3 .  ? -2.41070  -11.09432 7.27057   1.000 47.32459 ? 218 HOH B O   1 
HETATM 550 O O   . HOH F 3 .  ? -5.14387  -3.45863  7.64019   1.000 46.85525 ? 219 HOH B O   1 
HETATM 551 O O   . HOH F 3 .  ? -1.48095  14.70761  5.80823   1.000 40.15294 ? 220 HOH B O   1 
# 
loop_
_atom_site_anisotrop.id 
_atom_site_anisotrop.type_symbol 
_atom_site_anisotrop.pdbx_label_atom_id 
_atom_site_anisotrop.pdbx_label_alt_id 
_atom_site_anisotrop.pdbx_label_comp_id 
_atom_site_anisotrop.pdbx_label_asym_id 
_atom_site_anisotrop.pdbx_label_seq_id 
_atom_site_anisotrop.pdbx_PDB_ins_code 
_atom_site_anisotrop.U[1][1] 
_atom_site_anisotrop.U[2][2] 
_atom_site_anisotrop.U[3][3] 
_atom_site_anisotrop.U[1][2] 
_atom_site_anisotrop.U[1][3] 
_atom_site_anisotrop.U[2][3] 
_atom_site_anisotrop.pdbx_auth_seq_id 
_atom_site_anisotrop.pdbx_auth_comp_id 
_atom_site_anisotrop.pdbx_auth_asym_id 
_atom_site_anisotrop.pdbx_auth_atom_id 
1   C C   . ACE A 1  ? 0.58225 0.62544 0.71516 -0.06142 -0.14252 -0.12862 0   ACE A C   
2   O O   . ACE A 1  ? 0.57992 0.63916 0.73520 -0.05239 -0.15040 -0.12475 0   ACE A O   
3   C CH3 . ACE A 1  ? 0.72423 0.74117 0.80369 -0.06175 -0.15431 -0.12661 0   ACE A CH3 
4   N N   . GLY A 2  ? 0.56970 0.61400 0.72060 -0.07190 -0.12093 -0.13494 1   GLY A N   
5   C CA  . GLY A 2  ? 0.32551 0.38988 0.51989 -0.07519 -0.10311 -0.13683 1   GLY A CA  
6   C C   . GLY A 2  ? 0.39793 0.45762 0.58798 -0.07348 -0.08274 -0.12672 1   GLY A C   
7   O O   . GLY A 2  ? 0.36674 0.42183 0.53479 -0.06205 -0.08735 -0.11389 1   GLY A O   
8   N N   . GLU A 3  ? 0.28366 0.33901 0.48388 -0.08325 -0.05737 -0.12713 2   GLU A N   
9   C CA  . GLU A 3  ? 0.22521 0.27773 0.42154 -0.08018 -0.03606 -0.11420 2   GLU A CA  
10  C C   . GLU A 3  ? 0.24677 0.27846 0.39811 -0.06937 -0.03321 -0.09720 2   GLU A C   
11  O O   . GLU A 3  ? 0.30845 0.34421 0.45563 -0.06111 -0.02957 -0.08658 2   GLU A O   
12  C CB  . GLU A 3  ? 0.49930 0.54313 0.70560 -0.09403 -0.01103 -0.11682 2   GLU A CB  
13  C CG  . GLU A 3  ? 0.64419 0.67772 0.83615 -0.09165 0.00983  -0.10237 2   GLU A CG  
14  C CD  . GLU A 3  ? 0.83682 0.86289 1.04126 -0.10728 0.03340  -0.10581 2   GLU A CD  
15  O OE1 . GLU A 3  ? 0.84798 0.85831 1.03264 -0.10690 0.05003  -0.09339 2   GLU A OE1 
16  O OE2 . GLU A 3  ? 0.85001 0.88333 1.07378 -0.11580 0.03389  -0.11682 2   GLU A OE2 
17  N N   . ILE A 4  ? 0.29351 0.30372 0.41316 -0.06979 -0.03371 -0.09600 3   ILE A N   
18  C CA  . ILE A 4  ? 0.23833 0.23201 0.32109 -0.06033 -0.02888 -0.08245 3   ILE A CA  
19  C C   . ILE A 4  ? 0.27695 0.27843 0.34843 -0.05060 -0.04516 -0.07657 3   ILE A C   
20  O O   . ILE A 4  ? 0.24112 0.24205 0.30204 -0.04295 -0.03964 -0.06465 3   ILE A O   
21  C CB  . ILE A 4  ? 0.26483 0.23596 0.31978 -0.06279 -0.02592 -0.08600 3   ILE A CB  
22  C CG1 . ILE A 4  ? 0.31532 0.27223 0.37771 -0.07087 -0.00855 -0.08885 3   ILE A CG1 
23  C CG2 . ILE A 4  ? 0.28284 0.24184 0.30471 -0.05318 -0.02198 -0.07546 3   ILE A CG2 
24  C CD1 . ILE A 4  ? 0.37347 0.30834 0.41584 -0.07448 -0.00671 -0.09677 3   ILE A CD1 
25  N N   . LYS A 5  ? 0.24824 0.25499 0.32065 -0.05111 -0.06684 -0.08478 4   LYS A N   
26  C CA  . LYS A 5  ? 0.36587 0.37291 0.42116 -0.04232 -0.08388 -0.07779 4   LYS A CA  
27  C C   . LYS A 5  ? 0.31228 0.33785 0.39631 -0.03588 -0.08635 -0.07354 4   LYS A C   
28  O O   . LYS A 5  ? 0.28552 0.30671 0.35251 -0.02803 -0.08948 -0.06257 4   LYS A O   
29  C CB  . LYS A 5  ? 0.37971 0.38288 0.42364 -0.04400 -0.10973 -0.08675 4   LYS A CB  
30  C CG  . LYS A 5  ? 0.60287 0.58529 0.59707 -0.03961 -0.11874 -0.07757 4   LYS A CG  
31  C CD  . LYS A 5  ? 0.70453 0.67658 0.67662 -0.04183 -0.14580 -0.08495 4   LYS A CD  
32  C CE  . LYS A 5  ? 0.83804 0.79882 0.79535 -0.05166 -0.14157 -0.09697 4   LYS A CE  
33  N NZ  . LYS A 5  ? 0.98323 0.94377 0.93831 -0.05478 -0.16822 -0.10764 4   LYS A NZ  
34  N N   . GLN A 6  ? 0.36816 0.41385 0.49592 -0.03998 -0.08307 -0.08305 5   GLN A N   
35  C CA  . GLN A 6  ? 0.31913 0.38288 0.47600 -0.03409 -0.08249 -0.08143 5   GLN A CA  
36  C C   . GLN A 6  ? 0.29112 0.34868 0.43567 -0.03219 -0.05989 -0.06904 5   GLN A C   
37  O O   . GLN A 6  ? 0.26521 0.32644 0.40959 -0.02426 -0.06161 -0.06180 5   GLN A O   
38  C CB  . GLN A 6  ? 0.46761 0.55642 0.67716 -0.04067 -0.08114 -0.09753 5   GLN A CB  
39  C CG  . GLN A 6  ? 0.72121 0.81737 0.94735 -0.04500 -0.09936 -0.11170 5   GLN A CG  
40  C CD  . GLN A 6  ? 0.87043 0.96985 1.09600 -0.03263 -0.12549 -0.11054 5   GLN A CD  
41  O OE1 . GLN A 6  ? 1.00435 1.08977 1.19948 -0.02399 -0.13915 -0.10006 5   GLN A OE1 
42  N NE2 . GLN A 6  ? 0.82054 0.93582 1.07847 -0.03215 -0.13193 -0.12127 5   GLN A NE2 
43  N N   . GLN A 7  ? 0.20183 0.24840 0.33623 -0.03920 -0.04002 -0.06687 6   GLN A N   
44  C CA  A GLN A 7  ? 0.20041 0.23833 0.31959 -0.03665 -0.02216 -0.05485 6   GLN A CA  
45  C CA  B GLN A 7  ? 0.20098 0.23872 0.31992 -0.03669 -0.02211 -0.05483 6   GLN A CA  
46  C C   . GLN A 7  ? 0.24293 0.26947 0.32954 -0.02759 -0.02736 -0.04298 6   GLN A C   
47  O O   . GLN A 7  ? 0.20679 0.23493 0.28944 -0.02209 -0.02270 -0.03448 6   GLN A O   
48  C CB  A GLN A 7  ? 0.19703 0.21974 0.30754 -0.04464 -0.00412 -0.05410 6   GLN A CB  
49  C CB  B GLN A 7  ? 0.20816 0.23040 0.31781 -0.04455 -0.00445 -0.05409 6   GLN A CB  
50  C CG  A GLN A 7  ? 0.24012 0.27044 0.37952 -0.05653 0.00784  -0.06372 6   GLN A CG  
51  C CG  B GLN A 7  ? 0.24877 0.27808 0.38630 -0.05614 0.00800  -0.06301 6   GLN A CG  
52  C CD  A GLN A 7  ? 0.36396 0.40010 0.51232 -0.05755 0.02244  -0.05945 6   GLN A CD  
53  C CD  B GLN A 7  ? 0.24990 0.25678 0.37288 -0.06446 0.02273  -0.06155 6   GLN A CD  
54  O OE1 A GLN A 7  ? 0.45431 0.49245 0.59254 -0.04840 0.02031  -0.05079 6   GLN A OE1 
55  O OE1 B GLN A 7  ? 0.23593 0.23090 0.34773 -0.06628 0.01797  -0.06532 6   GLN A OE1 
56  N NE2 A GLN A 7  ? 0.50105 0.53843 0.66665 -0.07020 0.03837  -0.06631 6   GLN A NE2 
57  N NE2 B GLN A 7  ? 0.20041 0.19812 0.32040 -0.06968 0.04038  -0.05608 6   GLN A NE2 
58  N N   . LEU A 8  ? 0.23910 0.25380 0.30176 -0.02730 -0.03583 -0.04347 7   LEU A N   
59  C CA  . LEU A 8  ? 0.24350 0.24765 0.27546 -0.02129 -0.03829 -0.03393 7   LEU A CA  
60  C C   . LEU A 8  ? 0.31315 0.32364 0.34697 -0.01526 -0.05251 -0.02971 7   LEU A C   
61  O O   . LEU A 8  ? 0.30259 0.30986 0.32400 -0.01063 -0.04864 -0.02022 7   LEU A O   
62  C CB  . LEU A 8  ? 0.32389 0.31336 0.32849 -0.02434 -0.04316 -0.03789 7   LEU A CB  
63  C CG  . LEU A 8  ? 0.21886 0.19720 0.21642 -0.02790 -0.02765 -0.04076 7   LEU A CG  
64  C CD1 . LEU A 8  ? 0.26548 0.23022 0.23968 -0.03237 -0.03254 -0.04906 7   LEU A CD1 
65  C CD2 . LEU A 8  ? 0.25120 0.22499 0.23919 -0.02232 -0.01323 -0.03114 7   LEU A CD2 
66  N N   . ALA A 9  ? 0.23452 0.25346 0.28575 -0.01499 -0.07022 -0.03736 8   ALA A N   
67  C CA  . ALA A 9  ? 0.29744 0.32005 0.35378 -0.00768 -0.08642 -0.03408 8   ALA A CA  
68  C C   . ALA A 9  ? 0.23976 0.27504 0.32002 -0.00378 -0.07568 -0.03127 8   ALA A C   
69  O O   . ALA A 9  ? 0.22435 0.25487 0.29462 0.00206  -0.07873 -0.02305 8   ALA A O   
70  C CB  . ALA A 9  ? 0.35338 0.38450 0.43100 -0.00667 -0.10972 -0.04499 8   ALA A CB  
71  N N   . GLU A 10 ? 0.22329 0.27263 0.33289 -0.00826 -0.06214 -0.03851 9   GLU A N   
72  C CA  . GLU A 10 ? 0.20593 0.26498 0.33311 -0.00620 -0.04975 -0.03689 9   GLU A CA  
73  C C   . GLU A 10 ? 0.22813 0.27458 0.32661 -0.00437 -0.03741 -0.02405 9   GLU A C   
74  O O   . GLU A 10 ? 0.19057 0.23868 0.28968 0.00053  -0.03643 -0.01930 9   GLU A O   
75  C CB  . GLU A 10 ? 0.31201 0.38381 0.46808 -0.01446 -0.03406 -0.04675 9   GLU A CB  
76  C CG  . GLU A 10 ? 0.66276 0.75679 0.86337 -0.01449 -0.04254 -0.06166 9   GLU A CG  
77  C CD  . GLU A 10 ? 0.98646 1.09110 1.20581 -0.00676 -0.04351 -0.06266 9   GLU A CD  
78  O OE1 . GLU A 10 ? 1.06536 1.17014 1.28797 0.00318  -0.06450 -0.06195 9   GLU A OE1 
79  O OE2 . GLU A 10 ? 1.05800 1.16766 1.28562 -0.01089 -0.02349 -0.06407 9   GLU A OE2 
80  N N   . ILE A 11 ? 0.16710 0.20133 0.24273 -0.00787 -0.02878 -0.01966 10  ILE A N   
81  C CA  . ILE A 11 ? 0.19262 0.21762 0.24656 -0.00542 -0.01868 -0.00937 10  ILE A CA  
82  C C   . ILE A 11 ? 0.19757 0.21731 0.23405 -0.00043 -0.02825 -0.00266 10  ILE A C   
83  O O   . ILE A 11 ? 0.16334 0.18324 0.19607 0.00267  -0.02424 0.00357  10  ILE A O   
84  C CB  . ILE A 11 ? 0.17265 0.18604 0.21057 -0.00853 -0.00960 -0.00830 10  ILE A CB  
85  C CG1 . ILE A 11 ? 0.14053 0.15294 0.19073 -0.01409 0.00248  -0.01178 10  ILE A CG1 
86  C CG2 . ILE A 11 ? 0.21660 0.22285 0.23520 -0.00433 -0.00390 0.00028  10  ILE A CG2 
87  C CD1 . ILE A 11 ? 0.15345 0.15205 0.19296 -0.01757 0.00824  -0.01371 10  ILE A CD1 
88  N N   . LYS A 12 ? 0.20354 0.21616 0.22639 -0.00080 -0.04110 -0.00391 11  LYS A N   
89  C CA  . LYS A 12 ? 0.27442 0.27646 0.27442 0.00159  -0.04903 0.00339  11  LYS A CA  
90  C C   . LYS A 12 ? 0.20965 0.21609 0.22385 0.00697  -0.05793 0.00538  11  LYS A C   
91  O O   . LYS A 12 ? 0.22756 0.22707 0.22888 0.00858  -0.05681 0.01282  11  LYS A O   
92  C CB  . LYS A 12 ? 0.35443 0.34328 0.33085 -0.00113 -0.06212 0.00170  11  LYS A CB  
93  C CG  . LYS A 12 ? 0.43143 0.41058 0.38318 -0.00634 -0.05063 0.00134  11  LYS A CG  
94  C CD  . LYS A 12 ? 0.62662 0.59302 0.55558 -0.01070 -0.06221 -0.00373 11  LYS A CD  
95  C CE  . LYS A 12 ? 0.62619 0.57330 0.51871 -0.01240 -0.07285 0.00298  11  LYS A CE  
96  N NZ  . LYS A 12 ? 0.61410 0.55954 0.51452 -0.00682 -0.09283 0.00698  11  LYS A NZ  
97  N N   . GLN A 13 ? 0.18408 0.20257 0.22776 0.00951  -0.06602 -0.00266 12  GLN A N   
98  C CA  . GLN A 13 ? 0.25603 0.28005 0.31904 0.01587  -0.07316 -0.00337 12  GLN A CA  
99  C C   . GLN A 13 ? 0.23195 0.26195 0.30132 0.01587  -0.05610 -0.00073 12  GLN A C   
100 O O   . GLN A 13 ? 0.19207 0.21743 0.25833 0.01974  -0.05847 0.00367  12  GLN A O   
101 C CB  . GLN A 13 ? 0.21844 0.25843 0.31904 0.01854  -0.08345 -0.01596 12  GLN A CB  
102 C CG  . GLN A 13 ? 0.27368 0.32189 0.40213 0.02648  -0.09065 -0.02039 12  GLN A CG  
103 C CD  . GLN A 13 ? 0.52361 0.55449 0.63726 0.03421  -0.11383 -0.01434 12  GLN A CD  
104 O OE1 . GLN A 13 ? 0.59353 0.60913 0.68179 0.03340  -0.12879 -0.01004 12  GLN A OE1 
105 N NE2 . GLN A 13 ? 0.48030 0.50892 0.60385 0.04035  -0.11469 -0.01381 12  GLN A NE2 
106 N N   . GLN A 14 ? 0.13556 0.17286 0.21111 0.01112  -0.03977 -0.00325 13  GLN A N   
107 C CA  . GLN A 14 ? 0.13953 0.17884 0.21436 0.01060  -0.02544 -0.00014 13  GLN A CA  
108 C C   . GLN A 14 ? 0.18705 0.21567 0.23635 0.01156  -0.02386 0.00996  13  GLN A C   
109 O O   . GLN A 14 ? 0.13827 0.16676 0.18693 0.01344  -0.02118 0.01266  13  GLN A O   
110 C CB  . GLN A 14 ? 0.20758 0.24946 0.28506 0.00474  -0.01032 -0.00260 13  GLN A CB  
111 C CG  . GLN A 14 ? 0.21772 0.27160 0.32294 0.00065  -0.00577 -0.01382 13  GLN A CG  
112 C CD  . GLN A 14 ? 0.27745 0.32633 0.37660 -0.00714 0.00976  -0.01388 13  GLN A CD  
113 O OE1 . GLN A 14 ? 0.26173 0.30039 0.34465 -0.00873 0.01010  -0.00966 13  GLN A OE1 
114 N NE2 . GLN A 14 ? 0.26074 0.31386 0.37026 -0.01240 0.02338  -0.01872 13  GLN A NE2 
115 N N   . LEU A 15 ? 0.15481 0.17529 0.18455 0.00945  -0.02437 0.01395  14  LEU A N   
116 C CA  . LEU A 15 ? 0.16125 0.17473 0.17175 0.00906  -0.02094 0.02117  14  LEU A CA  
117 C C   . LEU A 15 ? 0.21453 0.22068 0.21793 0.01056  -0.03036 0.02509  14  LEU A C   
118 O O   . LEU A 15 ? 0.18394 0.18840 0.18238 0.01020  -0.02639 0.02925  14  LEU A O   
119 C CB  . LEU A 15 ? 0.18531 0.19231 0.17878 0.00592  -0.01800 0.02181  14  LEU A CB  
120 C CG  . LEU A 15 ? 0.14753 0.15728 0.14582 0.00519  -0.00821 0.01890  14  LEU A CG  
121 C CD1 . LEU A 15 ? 0.17704 0.17945 0.16077 0.00244  -0.00694 0.01635  14  LEU A CD1 
122 C CD2 . LEU A 15 ? 0.15431 0.16686 0.15413 0.00735  0.00037  0.02258  14  LEU A CD2 
123 N N   . ALA A 16 ? 0.17773 0.17747 0.17997 0.01215  -0.04434 0.02374  15  ALA A N   
124 C CA  . ALA A 16 ? 0.22539 0.21248 0.21892 0.01435  -0.05576 0.02831  15  ALA A CA  
125 C C   . ALA A 16 ? 0.20783 0.20177 0.22183 0.01874  -0.05422 0.02618  15  ALA A C   
126 O O   . ALA A 16 ? 0.20404 0.18904 0.20901 0.01825  -0.05403 0.03107  15  ALA A O   
127 C CB  . ALA A 16 ? 0.27749 0.25541 0.26842 0.01734  -0.07500 0.02658  15  ALA A CB  
128 N N   . GLU A 17 ? 0.16560 0.17470 0.20695 0.02179  -0.05169 0.01770  16  GLU A N   
129 C CA  . GLU A 17 ? 0.20084 0.21652 0.26126 0.02529  -0.04816 0.01313  16  GLU A CA  
130 C C   . GLU A 17 ? 0.20277 0.21902 0.25248 0.02167  -0.03464 0.01700  16  GLU A C   
131 O O   . GLU A 17 ? 0.21595 0.22853 0.26689 0.02316  -0.03459 0.01711  16  GLU A O   
132 C CB  . GLU A 17 ? 0.23531 0.26797 0.32622 0.02663  -0.04417 0.00149  16  GLU A CB  
133 C CG  . GLU A 17 ? 0.19866 0.23387 0.30963 0.03228  -0.06139 -0.00506 16  GLU A CG  
134 C CD  . GLU A 17 ? 0.41728 0.47119 0.55735 0.03024  -0.05690 -0.01700 16  GLU A CD  
135 O OE1 . GLU A 17 ? 0.46071 0.52072 0.59791 0.02305  -0.03997 -0.01793 16  GLU A OE1 
136 O OE2 . GLU A 17 ? 0.33892 0.40030 0.50526 0.03563  -0.07128 -0.02571 16  GLU A OE2 
137 N N   . ILE A 18 ? 0.13857 0.15822 0.17818 0.01743  -0.02480 0.01964  17  ILE A N   
138 C CA  . ILE A 18 ? 0.12033 0.14059 0.15054 0.01514  -0.01573 0.02317  17  ILE A CA  
139 C C   . ILE A 18 ? 0.14906 0.16071 0.16544 0.01343  -0.01920 0.02919  17  ILE A C   
140 O O   . ILE A 18 ? 0.14950 0.16082 0.16512 0.01262  -0.01697 0.02975  17  ILE A O   
141 C CB  . ILE A 18 ? 0.16263 0.18601 0.18689 0.01288  -0.00765 0.02450  17  ILE A CB  
142 C CG1 . ILE A 18 ? 0.14586 0.17427 0.18068 0.01195  -0.00084 0.01901  17  ILE A CG1 
143 C CG2 . ILE A 18 ? 0.14183 0.16500 0.15640 0.01206  -0.00334 0.02876  17  ILE A CG2 
144 C CD1 . ILE A 18 ? 0.16344 0.18989 0.19308 0.00961  0.00488  0.01990  17  ILE A CD1 
145 N N   . LYS A 19 ? 0.17939 0.18259 0.18295 0.01139  -0.02405 0.03306  18  LYS A N   
146 C CA  . LYS A 19 ? 0.19203 0.18453 0.18004 0.00697  -0.02475 0.03850  18  LYS A CA  
147 C C   . LYS A 19 ? 0.16131 0.14332 0.15127 0.00868  -0.03250 0.03931  18  LYS A C   
148 O O   . LYS A 19 ? 0.18847 0.16550 0.17307 0.00463  -0.02965 0.04168  18  LYS A O   
149 C CB  . LYS A 19 ? 0.24400 0.22533 0.21205 0.00285  -0.02721 0.04199  18  LYS A CB  
150 C CG  . LYS A 19 ? 0.24223 0.23211 0.20726 0.00001  -0.01674 0.04038  18  LYS A CG  
151 C CD  . LYS A 19 ? 0.43612 0.41299 0.37721 -0.00588 -0.01666 0.04244  18  LYS A CD  
152 C CE  . LYS A 19 ? 0.55176 0.52809 0.48317 -0.01372 -0.00461 0.04353  18  LYS A CE  
153 N NZ  . LYS A 19 ? 0.61214 0.59146 0.53600 -0.01704 0.00504  0.03938  18  LYS A NZ  
154 N N   . TRP A 20 ? 0.17211 0.15076 0.17254 0.01480  -0.04279 0.03618  19  TRP A N   
155 C CA  . TRP A 20 ? 0.18358 0.15153 0.19000 0.01852  -0.05078 0.03531  19  TRP A CA  
156 C C   . TRP A 20 ? 0.22298 0.20104 0.24263 0.01884  -0.04190 0.02992  19  TRP A C   
157 O O   . TRP A 20 ? 0.17228 0.14044 0.18780 0.01701  -0.04264 0.03109  19  TRP A O   
158 C CB  . TRP A 20 ? 0.22939 0.19555 0.25204 0.02703  -0.06452 0.03036  19  TRP A CB  
159 C CG  . TRP A 20 ? 0.25221 0.19856 0.25482 0.02720  -0.07948 0.03712  19  TRP A CG  
160 C CD1 . TRP A 20 ? 0.27258 0.22098 0.27298 0.02841  -0.08717 0.03618  19  TRP A CD1 
161 C CD2 . TRP A 20 ? 0.31036 0.22797 0.28730 0.02479  -0.08901 0.04618  19  TRP A CD2 
162 N NE1 . TRP A 20 ? 0.34919 0.27292 0.32206 0.02676  -0.10008 0.04327  19  TRP A NE1 
163 C CE2 . TRP A 20 ? 0.34565 0.25081 0.30344 0.02370  -0.09904 0.04898  19  TRP A CE2 
164 C CE3 . TRP A 20 ? 0.34663 0.24801 0.31403 0.02154  -0.08723 0.05047  19  TRP A CE3 
165 C CZ2 . TRP A 20 ? 0.35211 0.23025 0.28061 0.01895  -0.10494 0.05543  19  TRP A CZ2 
166 C CZ3 . TRP A 20 ? 0.33529 0.20885 0.27472 0.01676  -0.09380 0.05763  19  TRP A CZ3 
167 C CH2 . TRP A 20 ? 0.38771 0.25056 0.30763 0.01540  -0.10169 0.05981  19  TRP A CH2 
168 N N   . GLN A 21 ? 0.12774 0.12269 0.16049 0.02016  -0.03354 0.02377  20  GLN A N   
169 C CA  . GLN A 21 ? 0.15666 0.15832 0.19529 0.01946  -0.02517 0.01851  20  GLN A CA  
170 C C   . GLN A 21 ? 0.20272 0.20209 0.22724 0.01375  -0.02142 0.02330  20  GLN A C   
171 O O   . GLN A 21 ? 0.15048 0.14625 0.17528 0.01251  -0.02087 0.02048  20  GLN A O   
172 C CB  . GLN A 21 ? 0.15327 0.16828 0.19893 0.01920  -0.01571 0.01347  20  GLN A CB  
173 C CG  . GLN A 21 ? 0.19800 0.22011 0.26513 0.02306  -0.01562 0.00446  20  GLN A CG  
174 C CD  . GLN A 21 ? 0.25520 0.28700 0.32411 0.01931  -0.00342 0.00071  20  GLN A CD  
175 O OE1 . GLN A 21 ? 0.27246 0.30446 0.33056 0.01654  -0.00138 0.00640  20  GLN A OE1 
176 N NE2 . GLN A 21 ? 0.22356 0.26113 0.30426 0.01839  0.00599  -0.00927 20  GLN A NE2 
177 N N   . LEU A 22 ? 0.13928 0.14162 0.15402 0.01012  -0.01885 0.02888  21  LEU A N   
178 C CA  . LEU A 22 ? 0.18502 0.18951 0.19341 0.00482  -0.01545 0.03130  21  LEU A CA  
179 C C   . LEU A 22 ? 0.19596 0.18718 0.19828 -0.00004 -0.01893 0.03395  21  LEU A C   
180 O O   . LEU A 22 ? 0.17182 0.16373 0.17538 -0.00421 -0.01746 0.03213  21  LEU A O   
181 C CB  . LEU A 22 ? 0.22849 0.24020 0.23285 0.00296  -0.01112 0.03438  21  LEU A CB  
182 C CG  . LEU A 22 ? 0.12765 0.14858 0.13568 0.00689  -0.00767 0.03259  21  LEU A CG  
183 C CD1 . LEU A 22 ? 0.17336 0.19719 0.17867 0.00672  -0.00460 0.03459  21  LEU A CD1 
184 C CD2 . LEU A 22 ? 0.13356 0.16037 0.14255 0.00711  -0.00678 0.03081  21  LEU A CD2 
185 N N   . ALA A 23 ? 0.19094 0.16750 0.18454 -0.00036 -0.02441 0.03834  22  ALA A N   
186 C CA  . ALA A 23 ? 0.18844 0.14530 0.17100 -0.00586 -0.02809 0.04231  22  ALA A CA  
187 C C   . ALA A 23 ? 0.27127 0.22084 0.26317 -0.00223 -0.03286 0.03759  22  ALA A C   
188 O O   . ALA A 23 ? 0.22114 0.16069 0.20912 -0.00838 -0.03207 0.03784  22  ALA A O   
189 C CB  . ALA A 23 ? 0.24409 0.18121 0.20948 -0.00603 -0.03587 0.04895  22  ALA A CB  
190 N N   . GLU A 24 ? 0.16577 0.12063 0.17178 0.00694  -0.03654 0.03165  23  GLU A N   
191 C CA  . GLU A 24 ? 0.19530 0.14492 0.21284 0.01107  -0.03891 0.02419  23  GLU A CA  
192 C C   . GLU A 24 ? 0.18828 0.14792 0.20701 0.00631  -0.03085 0.01889  23  GLU A C   
193 O O   . GLU A 24 ? 0.19859 0.14771 0.21729 0.00383  -0.03215 0.01540  23  GLU A O   
194 C CB  . GLU A 24 ? 0.20724 0.16519 0.24378 0.02085  -0.04121 0.01630  23  GLU A CB  
195 C CG  . GLU A 24 ? 0.19909 0.14539 0.23773 0.02705  -0.05430 0.01988  23  GLU A CG  
196 C CD  . GLU A 24 ? 0.43537 0.39664 0.49824 0.03544  -0.05602 0.01094  23  GLU A CD  
197 O OE1 . GLU A 24 ? 0.45123 0.43187 0.52336 0.03394  -0.04398 0.00448  23  GLU A OE1 
198 O OE2 . GLU A 24 ? 0.53060 0.48295 0.60329 0.04312  -0.07006 0.01005  23  GLU A OE2 
199 N N   . ILE A 25 ? 0.16610 0.14366 0.18452 0.00511  -0.02408 0.01810  24  ILE A N   
200 C CA  . ILE A 25 ? 0.14847 0.13421 0.16466 0.00120  -0.01991 0.01375  24  ILE A CA  
201 C C   . ILE A 25 ? 0.17723 0.15926 0.18915 -0.00713 -0.02111 0.01665  24  ILE A C   
202 O O   . ILE A 25 ? 0.19238 0.17098 0.20467 -0.01101 -0.02206 0.01138  24  ILE A O   
203 C CB  . ILE A 25 ? 0.15222 0.15293 0.16579 0.00247  -0.01531 0.01446  24  ILE A CB  
204 C CG1 . ILE A 25 ? 0.13617 0.13940 0.15331 0.00732  -0.01088 0.00882  24  ILE A CG1 
205 C CG2 . ILE A 25 ? 0.16024 0.16747 0.16845 -0.00151 -0.01562 0.01257  24  ILE A CG2 
206 C CD1 . ILE A 25 ? 0.14545 0.15718 0.15881 0.00835  -0.00652 0.01195  24  ILE A CD1 
207 N N   . LYS A 26 ? 0.15117 0.13371 0.15932 -0.01126 -0.01997 0.02367  25  LYS A N   
208 C CA  . LYS A 26 ? 0.16348 0.14275 0.16984 -0.02149 -0.01814 0.02524  25  LYS A CA  
209 C C   . LYS A 26 ? 0.25317 0.21053 0.25549 -0.02559 -0.02163 0.02449  25  LYS A C   
210 O O   . LYS A 26 ? 0.24922 0.20568 0.25473 -0.03327 -0.02079 0.02033  25  LYS A O   
211 C CB  . LYS A 26 ? 0.23929 0.21805 0.23896 -0.02614 -0.01369 0.03198  25  LYS A CB  
212 C CG  . LYS A 26 ? 0.37493 0.37577 0.38236 -0.02467 -0.00900 0.03073  25  LYS A CG  
213 C CD  . LYS A 26 ? 0.52845 0.54212 0.54675 -0.03352 -0.00425 0.02688  25  LYS A CD  
214 C CE  . LYS A 26 ? 0.53827 0.56327 0.55998 -0.03607 0.00370  0.02768  25  LYS A CE  
215 N NZ  . LYS A 26 ? 0.49558 0.53339 0.52248 -0.02528 0.00146  0.02707  25  LYS A NZ  
216 N N   . GLN A 27 ? 0.23684 0.17519 0.23335 -0.02025 -0.02700 0.02787  26  GLN A N   
217 C CA  . GLN A 27 ? 0.27322 0.18577 0.26517 -0.02270 -0.03208 0.02776  26  GLN A CA  
218 C C   . GLN A 27 ? 0.28330 0.19817 0.28616 -0.01956 -0.03295 0.01685  26  GLN A C   
219 O O   . GLN A 27 ? 0.30807 0.20848 0.30934 -0.02616 -0.03384 0.01387  26  GLN A O   
220 C CB  . GLN A 27 ? 0.32538 0.21632 0.31045 -0.01498 -0.04137 0.03336  26  GLN A CB  
221 C CG  . GLN A 27 ? 0.48967 0.34713 0.46723 -0.01617 -0.04925 0.03520  26  GLN A CG  
222 C CD  . GLN A 27 ? 0.75934 0.61231 0.75432 -0.00328 -0.05646 0.02570  26  GLN A CD  
223 O OE1 . GLN A 27 ? 0.79773 0.66698 0.80758 0.00755  -0.05796 0.02044  26  GLN A OE1 
224 N NE2 . GLN A 27 ? 0.88503 0.71580 0.87995 -0.00515 -0.05967 0.02204  26  GLN A NE2 
225 N N   . GLN A 28 ? 0.22192 0.15302 0.23373 -0.01098 -0.03149 0.01011  27  GLN A N   
226 C CA  . GLN A 28 ? 0.23407 0.16731 0.25130 -0.00948 -0.02995 -0.00155 27  GLN A CA  
227 C C   . GLN A 28 ? 0.23734 0.17854 0.25091 -0.01931 -0.02809 -0.00479 27  GLN A C   
228 O O   . GLN A 28 ? 0.28266 0.21406 0.29625 -0.02326 -0.02941 -0.01252 27  GLN A O   
229 C CB  . GLN A 28 ? 0.27176 0.22054 0.29426 -0.00158 -0.02552 -0.00756 27  GLN A CB  
230 C CG  . GLN A 28 ? 0.36430 0.31050 0.38986 0.00059  -0.02202 -0.02117 27  GLN A CG  
231 C CD  . GLN A 28 ? 0.48598 0.41491 0.52429 0.00746  -0.02561 -0.02739 27  GLN A CD  
232 O OE1 . GLN A 28 ? 0.52878 0.45228 0.57607 0.01428  -0.03111 -0.02259 27  GLN A OE1 
233 N NE2 . GLN A 28 ? 0.44314 0.36216 0.48239 0.00628  -0.02401 -0.03887 27  GLN A NE2 
234 N N   . LEU A 29 ? 0.20766 0.16678 0.22032 -0.02300 -0.02611 -0.00025 28  LEU A N   
235 C CA  . LEU A 29 ? 0.19160 0.16149 0.20633 -0.03135 -0.02709 -0.00444 28  LEU A CA  
236 C C   . LEU A 29 ? 0.36241 0.32034 0.37986 -0.04281 -0.02702 -0.00385 28  LEU A C   
237 O O   . LEU A 29 ? 0.26669 0.22674 0.28824 -0.05030 -0.02921 -0.01140 28  LEU A O   
238 C CB  . LEU A 29 ? 0.20126 0.19299 0.21947 -0.03068 -0.02628 -0.00055 28  LEU A CB  
239 C CG  . LEU A 29 ? 0.18009 0.18027 0.19195 -0.02165 -0.02645 -0.00130 28  LEU A CG  
240 C CD1 . LEU A 29 ? 0.35532 0.37168 0.37073 -0.01927 -0.02621 0.00420  28  LEU A CD1 
241 C CD2 . LEU A 29 ? 0.27002 0.26997 0.27342 -0.02198 -0.03017 -0.01015 28  LEU A CD2 
242 N N   . ALA A 30 ? 0.28727 0.23026 0.30005 -0.04554 -0.02474 0.00478  29  ALA A N   
243 C CA  . ALA A 30 ? 0.33444 0.26008 0.34449 -0.05870 -0.02262 0.00668  29  ALA A CA  
244 C C   . ALA A 30 ? 0.39143 0.28822 0.39641 -0.05864 -0.02717 0.00327  29  ALA A C   
245 O O   . ALA A 30 ? 0.52016 0.39966 0.52235 -0.07097 -0.02567 0.00304  29  ALA A O   
246 C CB  . ALA A 30 ? 0.39836 0.31362 0.39743 -0.06338 -0.01786 0.01808  29  ALA A CB  
247 N N   . GLY A 31 ? 0.41137 0.30230 0.41693 -0.04573 -0.03171 -0.00064 30  GLY A N   
248 C CA  . GLY A 31 ? 0.53584 0.40103 0.54108 -0.04344 -0.03607 -0.00679 30  GLY A CA  
249 C C   . GLY A 31 ? 0.80184 0.63290 0.79683 -0.04351 -0.04085 0.00290  30  GLY A C   
250 O O   . GLY A 31 ? 1.01410 0.83290 1.01059 -0.03065 -0.04740 0.00422  30  GLY A O   
251 C C   . ACE B 1  ? 0.54605 0.40905 0.59920 -0.09924 0.04386  -0.09613 0   ACE B C   
252 O O   . ACE B 1  ? 0.62250 0.48228 0.66602 -0.09739 0.03535  -0.10577 0   ACE B O   
253 C CH3 . ACE B 1  ? 0.33932 0.22693 0.39644 -0.09019 0.03953  -0.08605 0   ACE B CH3 
254 N N   . GLY B 2  ? 0.47543 0.31797 0.53291 -0.11022 0.05764  -0.09451 1   GLY B N   
255 C CA  . GLY B 2  ? 0.43911 0.28030 0.50115 -0.11496 0.06992  -0.08374 1   GLY B CA  
256 C C   . GLY B 2  ? 0.42123 0.25237 0.46172 -0.10055 0.07309  -0.06570 1   GLY B C   
257 O O   . GLY B 2  ? 0.42300 0.27053 0.46844 -0.09927 0.07555  -0.05837 1   GLY B O   
258 N N   . GLU B 3  ? 0.36671 0.17256 0.38578 -0.08916 0.07218  -0.06008 2   GLU B N   
259 C CA  . GLU B 3  ? 0.40850 0.20666 0.41077 -0.07435 0.07220  -0.04458 2   GLU B CA  
260 C C   . GLU B 3  ? 0.40616 0.23799 0.41362 -0.06371 0.06330  -0.04184 2   GLU B C   
261 O O   . GLU B 3  ? 0.36746 0.20662 0.37178 -0.05935 0.06467  -0.03104 2   GLU B O   
262 C CB  . GLU B 3  ? 0.49995 0.26914 0.48659 -0.06269 0.07092  -0.04289 2   GLU B CB  
263 C CG  . GLU B 3  ? 0.70329 0.46508 0.67715 -0.04587 0.06812  -0.02887 2   GLU B CG  
264 C CD  . GLU B 3  ? 0.96824 0.71007 0.92827 -0.04922 0.07336  -0.01399 2   GLU B CD  
265 O OE1 . GLU B 3  ? 1.06211 0.79765 1.02241 -0.06591 0.08237  -0.01424 2   GLU B OE1 
266 O OE2 . GLU B 3  ? 1.02680 0.75986 0.97524 -0.03573 0.06852  -0.00272 2   GLU B OE2 
267 N N   . ILE B 4  ? 0.32292 0.17231 0.33478 -0.06020 0.05408  -0.05140 3   ILE B N   
268 C CA  . ILE B 4  ? 0.29348 0.17045 0.30710 -0.05187 0.04550  -0.04847 3   ILE B CA  
269 C C   . ILE B 4  ? 0.26793 0.16609 0.29767 -0.05781 0.04518  -0.04614 3   ILE B C   
270 O O   . ILE B 4  ? 0.26256 0.17190 0.29071 -0.05086 0.04446  -0.03695 3   ILE B O   
271 C CB  . ILE B 4  ? 0.29166 0.17887 0.30219 -0.05129 0.03565  -0.05971 3   ILE B CB  
272 C CG1 . ILE B 4  ? 0.34987 0.21899 0.34413 -0.04371 0.03872  -0.06282 3   ILE B CG1 
273 C CG2 . ILE B 4  ? 0.26798 0.17917 0.27817 -0.04563 0.02625  -0.05614 3   ILE B CG2 
274 C CD1 . ILE B 4  ? 0.36734 0.23591 0.35307 -0.04802 0.03283  -0.07720 3   ILE B CD1 
275 N N   . LYS B 5  ? 0.27375 0.17835 0.32199 -0.07109 0.04635  -0.05609 4   LYS B N   
276 C CA  . LYS B 5  ? 0.25882 0.18608 0.32908 -0.07710 0.04764  -0.05749 4   LYS B CA  
277 C C   . LYS B 5  ? 0.26304 0.18096 0.32515 -0.07722 0.06057  -0.04550 4   LYS B C   
278 O O   . LYS B 5  ? 0.29167 0.22786 0.36143 -0.07399 0.06009  -0.04198 4   LYS B O   
279 C CB  . LYS B 5  ? 0.29484 0.22926 0.39080 -0.09296 0.04965  -0.07223 4   LYS B CB  
280 C CG  . LYS B 5  ? 0.36325 0.31833 0.47462 -0.09275 0.03165  -0.08532 4   LYS B CG  
281 C CD  . LYS B 5  ? 0.39411 0.35030 0.52812 -0.10869 0.03279  -0.10138 4   LYS B CD  
282 C CE  . LYS B 5  ? 0.42858 0.39893 0.57004 -0.10757 0.01130  -0.11428 4   LYS B CE  
283 N NZ  . LYS B 5  ? 0.40101 0.37056 0.56174 -0.12243 0.01089  -0.13014 4   LYS B NZ  
284 N N   . GLN B 6  ? 0.29606 0.18265 0.33966 -0.08054 0.07115  -0.03893 5   GLN B N   
285 C CA  . GLN B 6  ? 0.38602 0.25878 0.41477 -0.08164 0.08183  -0.02686 5   GLN B CA  
286 C C   . GLN B 6  ? 0.30746 0.18413 0.32124 -0.06514 0.07429  -0.01529 5   GLN B C   
287 O O   . GLN B 6  ? 0.33147 0.21621 0.34274 -0.06442 0.07758  -0.00934 5   GLN B O   
288 C CB  . GLN B 6  ? 0.33981 0.17209 0.34783 -0.08935 0.09249  -0.02146 5   GLN B CB  
289 C CG  . GLN B 6  ? 0.59049 0.41852 0.61386 -0.10997 0.10430  -0.03259 5   GLN B CG  
290 C CD  . GLN B 6  ? 0.89152 0.68688 0.89855 -0.11257 0.10619  -0.03133 5   GLN B CD  
291 O OE1 . GLN B 6  ? 0.97513 0.73933 0.95480 -0.10394 0.10486  -0.01919 5   GLN B OE1 
292 N NE2 . GLN B 6  ? 0.98534 0.78844 1.01088 -0.12378 0.10774  -0.04428 5   GLN B NE2 
293 N N   . GLN B 7  ? 0.27355 0.14622 0.27919 -0.05270 0.06502  -0.01380 6   GLN B N   
294 C CA  . GLN B 7  ? 0.28506 0.16488 0.28167 -0.03817 0.05817  -0.00511 6   GLN B CA  
295 C C   . GLN B 7  ? 0.25812 0.16969 0.26809 -0.03567 0.05180  -0.00754 6   GLN B C   
296 O O   . GLN B 7  ? 0.24017 0.15920 0.24577 -0.02973 0.05048  -0.00006 6   GLN B O   
297 C CB  . GLN B 7  ? 0.34015 0.21114 0.33031 -0.02734 0.05256  -0.00651 6   GLN B CB  
298 C CG  . GLN B 7  ? 0.40137 0.23792 0.37860 -0.02553 0.05634  -0.00298 6   GLN B CG  
299 C CD  . GLN B 7  ? 0.64802 0.46649 0.60922 -0.02171 0.05742  0.01066  6   GLN B CD  
300 O OE1 . GLN B 7  ? 0.55186 0.37724 0.50998 -0.00963 0.05085  0.01696  6   GLN B OE1 
301 N NE2 . GLN B 7  ? 0.84033 0.63385 0.78935 -0.03306 0.06564  0.01494  6   GLN B NE2 
302 N N   . LEU B 8  ? 0.21953 0.14794 0.24454 -0.03968 0.04603  -0.01797 7   LEU B N   
303 C CA  . LEU B 8  ? 0.23164 0.18550 0.26795 -0.03645 0.03770  -0.01949 7   LEU B CA  
304 C C   . LEU B 8  ? 0.23824 0.20299 0.28787 -0.04178 0.04384  -0.01899 7   LEU B C   
305 O O   . LEU B 8  ? 0.23719 0.21499 0.28893 -0.03598 0.04031  -0.01510 7   LEU B O   
306 C CB  . LEU B 8  ? 0.23543 0.20105 0.28247 -0.03941 0.02711  -0.03054 7   LEU B CB  
307 C CG  . LEU B 8  ? 0.23613 0.19222 0.26582 -0.03461 0.02179  -0.03237 7   LEU B CG  
308 C CD1 . LEU B 8  ? 0.21034 0.17546 0.24475 -0.03856 0.00922  -0.04292 7   LEU B CD1 
309 C CD2 . LEU B 8  ? 0.28604 0.24425 0.30150 -0.02411 0.02025  -0.02353 7   LEU B CD2 
310 N N   . ALA B 9  ? 0.22300 0.18148 0.28143 -0.05387 0.05470  -0.02391 8   ALA B N   
311 C CA  . ALA B 9  ? 0.24723 0.21448 0.31699 -0.06096 0.06509  -0.02523 8   ALA B CA  
312 C C   . ALA B 9  ? 0.29005 0.24424 0.33564 -0.05595 0.07077  -0.01246 8   ALA B C   
313 O O   . ALA B 9  ? 0.26989 0.23713 0.32121 -0.05515 0.07331  -0.01239 8   ALA B O   
314 C CB  . ALA B 9  ? 0.23907 0.19808 0.31915 -0.07757 0.07923  -0.03303 8   ALA B CB  
315 N N   . GLU B 10 ? 0.26359 0.19119 0.28271 -0.05216 0.07171  -0.00256 9   GLU B N   
316 C CA  . GLU B 10 ? 0.27638 0.19077 0.27167 -0.04607 0.07273  0.00945  9   GLU B CA  
317 C C   . GLU B 10 ? 0.27211 0.20550 0.27070 -0.03331 0.06118  0.01227  9   GLU B C   
318 O O   . GLU B 10 ? 0.27724 0.21314 0.26775 -0.03093 0.06203  0.01717  9   GLU B O   
319 C CB  . GLU B 10 ? 0.30060 0.18236 0.27092 -0.04243 0.07202  0.01850  9   GLU B CB  
320 C CG  . GLU B 10 ? 0.59300 0.44584 0.54923 -0.05640 0.08516  0.01985  9   GLU B CG  
321 C CD  . GLU B 10 ? 0.83966 0.66011 0.77935 -0.05248 0.08185  0.02504  9   GLU B CD  
322 O OE1 . GLU B 10 ? 0.86475 0.68201 0.79910 -0.03724 0.07009  0.03005  9   GLU B OE1 
323 O OE2 . GLU B 10 ? 0.88373 0.68165 0.81773 -0.06497 0.09159  0.02312  9   GLU B OE2 
324 N N   . ILE B 11 ? 0.21702 0.16166 0.22473 -0.02638 0.05115  0.00883  10  ILE B N   
325 C CA  . ILE B 11 ? 0.19557 0.15583 0.20495 -0.01665 0.04176  0.01127  10  ILE B CA  
326 C C   . ILE B 11 ? 0.20838 0.18862 0.23308 -0.01870 0.04051  0.00708  10  ILE B C   
327 O O   . ILE B 11 ? 0.20753 0.19392 0.22886 -0.01387 0.03815  0.01128  10  ILE B O   
328 C CB  . ILE B 11 ? 0.18195 0.14608 0.19321 -0.01201 0.03417  0.00752  10  ILE B CB  
329 C CG1 . ILE B 11 ? 0.19629 0.14205 0.19536 -0.00711 0.03577  0.01068  10  ILE B CG1 
330 C CG2 . ILE B 11 ? 0.16126 0.14041 0.17352 -0.00572 0.02624  0.00898  10  ILE B CG2 
331 C CD1 . ILE B 11 ? 0.25816 0.20422 0.25793 -0.00551 0.03270  0.00374  10  ILE B CD1 
332 N N   . LYS B 12 ? 0.19613 0.18702 0.24053 -0.02545 0.04111  -0.00255 11  LYS B N   
333 C CA  . LYS B 12 ? 0.17899 0.18921 0.24400 -0.02623 0.03935  -0.00876 11  LYS B CA  
334 C C   . LYS B 12 ? 0.17739 0.18524 0.23815 -0.02988 0.05137  -0.00679 11  LYS B C   
335 O O   . LYS B 12 ? 0.21396 0.23205 0.27959 -0.02544 0.04886  -0.00695 11  LYS B O   
336 C CB  . LYS B 12 ? 0.23366 0.25635 0.32557 -0.03319 0.03778  -0.02145 11  LYS B CB  
337 C CG  . LYS B 12 ? 0.32964 0.37471 0.44982 -0.03075 0.03098  -0.03006 11  LYS B CG  
338 C CD  . LYS B 12 ? 0.49332 0.55322 0.64444 -0.03578 0.02475  -0.04387 11  LYS B CD  
339 C CE  . LYS B 12 ? 0.59826 0.66315 0.76950 -0.04892 0.04265  -0.05358 11  LYS B CE  
340 N NZ  . LYS B 12 ? 0.67408 0.75322 0.87672 -0.05523 0.03624  -0.06800 11  LYS B NZ  
341 N N   . GLN B 13 ? 0.18166 0.17256 0.22941 -0.03856 0.06463  -0.00476 12  GLN B N   
342 C CA  . GLN B 13 ? 0.26825 0.25197 0.30393 -0.04430 0.07753  -0.00289 12  GLN B CA  
343 C C   . GLN B 13 ? 0.25803 0.23428 0.27040 -0.03509 0.07126  0.00757  12  GLN B C   
344 O O   . GLN B 13 ? 0.26902 0.25106 0.28015 -0.03534 0.07502  0.00599  12  GLN B O   
345 C CB  . GLN B 13 ? 0.35827 0.31768 0.37588 -0.05673 0.09237  -0.00065 12  GLN B CB  
346 C CG  . GLN B 13 ? 0.60284 0.57166 0.64690 -0.07006 0.10340  -0.01368 12  GLN B CG  
347 C CD  . GLN B 13 ? 0.69216 0.63199 0.71632 -0.08294 0.11637  -0.01033 12  GLN B CD  
348 O OE1 . GLN B 13 ? 0.77619 0.68593 0.76443 -0.08065 0.11578  0.00274  12  GLN B OE1 
349 N NE2 . GLN B 13 ? 0.53959 0.48802 0.58713 -0.09449 0.12473  -0.02263 12  GLN B NE2 
350 N N   . GLN B 14 ? 0.19218 0.15659 0.18846 -0.02710 0.06186  0.01658  13  GLN B N   
351 C CA  A GLN B 14 ? 0.21149 0.17233 0.19152 -0.01832 0.05421  0.02475  13  GLN B CA  
352 C CA  B GLN B 14 ? 0.21221 0.17306 0.19225 -0.01832 0.05421  0.02474  13  GLN B CA  
353 C C   . GLN B 14 ? 0.21695 0.19949 0.21313 -0.01226 0.04636  0.02131  13  GLN B C   
354 O O   . GLN B 14 ? 0.21666 0.20085 0.20546 -0.00984 0.04498  0.02345  13  GLN B O   
355 C CB  A GLN B 14 ? 0.22742 0.17564 0.19614 -0.01050 0.04594  0.03189  13  GLN B CB  
356 C CB  B GLN B 14 ? 0.22906 0.17722 0.19778 -0.01054 0.04598  0.03188  13  GLN B CB  
357 C CG  A GLN B 14 ? 0.30361 0.22352 0.25159 -0.01425 0.05080  0.03748  13  GLN B CG  
358 C CG  B GLN B 14 ? 0.30696 0.22709 0.25554 -0.01464 0.05117  0.03716  13  GLN B CG  
359 C CD  A GLN B 14 ? 0.41018 0.31830 0.35103 -0.00357 0.04080  0.04333  13  GLN B CD  
360 C CD  B GLN B 14 ? 0.36322 0.26446 0.28457 -0.01876 0.05564  0.04371  13  GLN B CD  
361 O OE1 A GLN B 14 ? 0.57514 0.47741 0.52208 -0.00253 0.04065  0.04086  13  GLN B OE1 
362 O OE1 B GLN B 14 ? 0.43537 0.33514 0.34492 -0.01149 0.04697  0.04916  13  GLN B OE1 
363 N NE2 A GLN B 14 ? 0.46239 0.36772 0.39265 0.00457  0.03208  0.04949  13  GLN B NE2 
364 N NE2 B GLN B 14 ? 0.39048 0.27657 0.30046 -0.03174 0.06958  0.04245  13  GLN B NE2 
365 N N   . LEU B 15 ? 0.17390 0.17014 0.18924 -0.01020 0.04021  0.01613  14  LEU B N   
366 C CA  . LEU B 15 ? 0.22128 0.23231 0.24818 -0.00497 0.03168  0.01407  14  LEU B CA  
367 C C   . LEU B 15 ? 0.20218 0.22291 0.24288 -0.00777 0.03641  0.00710  14  LEU B C   
368 O O   . LEU B 15 ? 0.18760 0.21301 0.22890 -0.00361 0.03232  0.00759  14  LEU B O   
369 C CB  . LEU B 15 ? 0.18211 0.19989 0.21984 -0.00308 0.02283  0.01074  14  LEU B CB  
370 C CG  . LEU B 15 ? 0.16423 0.17423 0.18798 0.00055  0.01916  0.01604  14  LEU B CG  
371 C CD1 . LEU B 15 ? 0.23923 0.25218 0.26744 0.00008  0.01206  0.01166  14  LEU B CD1 
372 C CD2 . LEU B 15 ? 0.17666 0.18792 0.19178 0.00588  0.01545  0.02188  14  LEU B CD2 
373 N N   . ALA B 16 ? 0.15991 0.18391 0.21376 -0.01537 0.04617  -0.00088 15  ALA B N   
374 C CA  . ALA B 16 ? 0.15876 0.19339 0.22906 -0.01859 0.05404  -0.01025 15  ALA B CA  
375 C C   . ALA B 16 ? 0.20366 0.22751 0.25041 -0.02010 0.06189  -0.00595 15  ALA B C   
376 O O   . ALA B 16 ? 0.22512 0.25621 0.27878 -0.01746 0.06189  -0.01064 15  ALA B O   
377 C CB  . ALA B 16 ? 0.20610 0.24672 0.29580 -0.02889 0.06658  -0.02095 15  ALA B CB  
378 N N   . GLU B 17 ? 0.19071 0.19489 0.20793 -0.02377 0.06680  0.00287  16  GLU B N   
379 C CA  . GLU B 17 ? 0.24961 0.23991 0.23862 -0.02519 0.07094  0.00783  16  GLU B CA  
380 C C   . GLU B 17 ? 0.25163 0.24615 0.23673 -0.01534 0.05711  0.01272  16  GLU B C   
381 O O   . GLU B 17 ? 0.21209 0.20607 0.18912 -0.01553 0.05866  0.01055  16  GLU B O   
382 C CB  . GLU B 17 ? 0.31943 0.28394 0.27633 -0.02967 0.07465  0.01745  16  GLU B CB  
383 C CG  . GLU B 17 ? 0.46213 0.41618 0.41403 -0.04369 0.09318  0.01256  16  GLU B CG  
384 C CD  . GLU B 17 ? 0.69922 0.62922 0.63145 -0.04741 0.09420  0.02105  16  GLU B CD  
385 O OE1 . GLU B 17 ? 0.69041 0.61751 0.63115 -0.05838 0.10697  0.01549  16  GLU B OE1 
386 O OE2 . GLU B 17 ? 0.76262 0.67645 0.67306 -0.03942 0.08212  0.03228  16  GLU B OE2 
387 N N   . ILE B 18 ? 0.18111 0.17973 0.17210 -0.00804 0.04490  0.01795  17  ILE B N   
388 C CA  . ILE B 18 ? 0.20478 0.20885 0.19564 -0.00088 0.03373  0.02134  17  ILE B CA  
389 C C   . ILE B 18 ? 0.15901 0.17537 0.16793 0.00051  0.03212  0.01409  17  ILE B C   
390 O O   . ILE B 18 ? 0.15202 0.16816 0.15563 0.00214  0.02939  0.01384  17  ILE B O   
391 C CB  . ILE B 18 ? 0.19695 0.20310 0.19156 0.00427  0.02509  0.02624  17  ILE B CB  
392 C CG1 . ILE B 18 ? 0.21140 0.20380 0.18862 0.00572  0.02441  0.03300  17  ILE B CG1 
393 C CG2 . ILE B 18 ? 0.15632 0.17067 0.15639 0.00881  0.01637  0.02741  17  ILE B CG2 
394 C CD1 . ILE B 18 ? 0.22049 0.21329 0.20332 0.00950  0.02056  0.03476  17  ILE B CD1 
395 N N   . LYS B 19 ? 0.14464 0.17070 0.17593 0.00015  0.03263  0.00728  18  LYS B N   
396 C CA  . LYS B 19 ? 0.14017 0.17593 0.19180 0.00334  0.02889  -0.00033 18  LYS B CA  
397 C C   . LYS B 19 ? 0.17712 0.21262 0.22766 0.00027  0.03904  -0.00761 18  LYS B C   
398 O O   . LYS B 19 ? 0.16015 0.19638 0.21384 0.00390  0.03483  -0.01021 18  LYS B O   
399 C CB  . LYS B 19 ? 0.17696 0.22335 0.25507 0.00367  0.02662  -0.00805 18  LYS B CB  
400 C CG  . LYS B 19 ? 0.20605 0.25222 0.28610 0.00849  0.01205  -0.00325 18  LYS B CG  
401 C CD  . LYS B 19 ? 0.36243 0.41838 0.46718 0.00850  0.00730  -0.01159 18  LYS B CD  
402 C CE  . LYS B 19 ? 0.39247 0.45995 0.52711 0.01208  0.00530  -0.02332 18  LYS B CE  
403 N NZ  . LYS B 19 ? 0.44162 0.52229 0.60642 0.01190  0.00019  -0.03378 18  LYS B NZ  
404 N N   . TRP B 20 ? 0.14063 0.17282 0.18471 -0.00759 0.05364  -0.01164 19  TRP B N   
405 C CA  . TRP B 20 ? 0.19522 0.22472 0.23253 -0.01273 0.06651  -0.01967 19  TRP B CA  
406 C C   . TRP B 20 ? 0.18640 0.20327 0.19407 -0.01151 0.06190  -0.01280 19  TRP B C   
407 O O   . TRP B 20 ? 0.22523 0.24253 0.23286 -0.01121 0.06432  -0.01980 19  TRP B O   
408 C CB  . TRP B 20 ? 0.29174 0.31491 0.31931 -0.02416 0.08474  -0.02336 19  TRP B CB  
409 C CG  . TRP B 20 ? 0.27459 0.31478 0.33845 -0.02805 0.09469  -0.03754 19  TRP B CG  
410 C CD1 . TRP B 20 ? 0.30851 0.35552 0.39038 -0.03095 0.09508  -0.03894 19  TRP B CD1 
411 C CD2 . TRP B 20 ? 0.24275 0.29695 0.33326 -0.02968 0.10582  -0.05453 19  TRP B CD2 
412 N NE1 . TRP B 20 ? 0.31538 0.38172 0.43576 -0.03441 0.10465  -0.05588 19  TRP B NE1 
413 C CE2 . TRP B 20 ? 0.19433 0.26548 0.32152 -0.03303 0.11118  -0.06578 19  TRP B CE2 
414 C CE3 . TRP B 20 ? 0.18724 0.24131 0.27564 -0.02852 0.11143  -0.06277 19  TRP B CE3 
415 C CZ2 . TRP B 20 ? 0.23661 0.31969 0.39327 -0.03328 0.11486  -0.08184 19  TRP B CZ2 
416 C CZ3 . TRP B 20 ? 0.21552 0.28376 0.33652 -0.02940 0.11984  -0.08038 19  TRP B CZ3 
417 C CH2 . TRP B 20 ? 0.25918 0.34056 0.41279 -0.03134 0.11947  -0.08867 19  TRP B CH2 
418 N N   . GLN B 21 ? 0.16421 0.17006 0.14851 -0.01056 0.05466  -0.00056 20  GLN B N   
419 C CA  . GLN B 21 ? 0.18135 0.17740 0.14123 -0.00903 0.04749  0.00496  20  GLN B CA  
420 C C   . GLN B 21 ? 0.17419 0.17943 0.14918 -0.00278 0.03648  0.00357  20  GLN B C   
421 O O   . GLN B 21 ? 0.19489 0.19629 0.15978 -0.00337 0.03465  0.00062  20  GLN B O   
422 C CB  . GLN B 21 ? 0.21531 0.20052 0.15557 -0.00711 0.03956  0.01683  20  GLN B CB  
423 C CG  . GLN B 21 ? 0.29928 0.26659 0.21518 -0.01408 0.04924  0.02018  20  GLN B CG  
424 C CD  . GLN B 21 ? 0.49570 0.44865 0.38337 -0.02217 0.05924  0.01620  20  GLN B CD  
425 O OE1 . GLN B 21 ? 0.49713 0.44277 0.36491 -0.02047 0.05095  0.01822  20  GLN B OE1 
426 N NE2 . GLN B 21 ? 0.53256 0.48168 0.41835 -0.03207 0.07779  0.00916  20  GLN B NE2 
427 N N   . LEU B 22 ? 0.14750 0.16216 0.14382 0.00211  0.02920  0.00543  21  LEU B N   
428 C CA  . LEU B 22 ? 0.17197 0.19035 0.17869 0.00633  0.01954  0.00533  21  LEU B CA  
429 C C   . LEU B 22 ? 0.18462 0.20536 0.20654 0.00728  0.02265  -0.00535 21  LEU B C   
430 O O   . LEU B 22 ? 0.19042 0.20769 0.21150 0.00850  0.01786  -0.00725 21  LEU B O   
431 C CB  . LEU B 22 ? 0.17161 0.19420 0.18941 0.00977  0.01160  0.01082  21  LEU B CB  
432 C CG  . LEU B 22 ? 0.11034 0.13167 0.11677 0.00998  0.00782  0.01944  21  LEU B CG  
433 C CD1 . LEU B 22 ? 0.27600 0.30012 0.29064 0.01156  0.00433  0.02231  21  LEU B CD1 
434 C CD2 . LEU B 22 ? 0.20507 0.22609 0.20616 0.00995  0.00180  0.02183  21  LEU B CD2 
435 N N   . ALA B 23 ? 0.17533 0.20239 0.21447 0.00679  0.03066  -0.01379 22  ALA B N   
436 C CA  . ALA B 23 ? 0.13512 0.16606 0.19333 0.00862  0.03515  -0.02692 22  ALA B CA  
437 C C   . ALA B 23 ? 0.17761 0.20095 0.21647 0.00374  0.04433  -0.03267 22  ALA B C   
438 O O   . ALA B 23 ? 0.22767 0.24890 0.27383 0.00630  0.04304  -0.04051 22  ALA B O   
439 C CB  . ALA B 23 ? 0.21456 0.25735 0.29867 0.00773  0.04431  -0.03751 22  ALA B CB  
440 N N   . GLU B 24 ? 0.18285 0.19881 0.19390 -0.00341 0.05263  -0.02886 23  GLU B N   
441 C CA  . GLU B 24 ? 0.19049 0.19547 0.17527 -0.00897 0.05959  -0.03365 23  GLU B CA  
442 C C   . GLU B 24 ? 0.22820 0.22733 0.20115 -0.00613 0.04559  -0.02856 23  GLU B C   
443 O O   . GLU B 24 ? 0.24804 0.24196 0.21479 -0.00768 0.04745  -0.03711 23  GLU B O   
444 C CB  . GLU B 24 ? 0.26708 0.25975 0.21833 -0.01713 0.06803  -0.02812 23  GLU B CB  
445 C CG  . GLU B 24 ? 0.37146 0.36746 0.33110 -0.02312 0.08411  -0.03310 23  GLU B CG  
446 C CD  . GLU B 24 ? 0.69732 0.67368 0.61625 -0.03244 0.09213  -0.02599 23  GLU B CD  
447 O OE1 . GLU B 24 ? 0.74190 0.70179 0.62512 -0.03683 0.09273  -0.02529 23  GLU B OE1 
448 O OE2 . GLU B 24 ? 0.53951 0.51421 0.45977 -0.03536 0.09614  -0.02069 23  GLU B OE2 
449 N N   . ILE B 25 ? 0.20316 0.20334 0.17346 -0.00301 0.03273  -0.01619 24  ILE B N   
450 C CA  . ILE B 25 ? 0.23951 0.23716 0.20346 -0.00185 0.02047  -0.01258 24  ILE B CA  
451 C C   . ILE B 25 ? 0.22768 0.22717 0.21287 0.00128  0.01671  -0.01851 24  ILE B C   
452 O O   . ILE B 25 ? 0.23671 0.23052 0.21632 -0.00048 0.01329  -0.02333 24  ILE B O   
453 C CB  . ILE B 25 ? 0.22375 0.22537 0.18719 0.00054  0.01035  -0.00054 24  ILE B CB  
454 C CG1 . ILE B 25 ? 0.21837 0.21293 0.15754 -0.00129 0.01039  0.00528  24  ILE B CG1 
455 C CG2 . ILE B 25 ? 0.16764 0.17171 0.13629 0.00092  -0.00059 0.00123  24  ILE B CG2 
456 C CD1 . ILE B 25 ? 0.25447 0.25381 0.19917 0.00262  0.00329  0.01486  24  ILE B CD1 
457 N N   . LYS B 26 ? 0.22130 0.22622 0.22968 0.00598  0.01579  -0.01826 25  LYS B N   
458 C CA  . LYS B 26 ? 0.27167 0.27319 0.29842 0.01015  0.01042  -0.02315 25  LYS B CA  
459 C C   . LYS B 26 ? 0.24647 0.24384 0.27667 0.00981  0.01809  -0.03762 25  LYS B C   
460 O O   . LYS B 26 ? 0.24099 0.22968 0.27331 0.01053  0.01317  -0.04178 25  LYS B O   
461 C CB  . LYS B 26 ? 0.31512 0.32131 0.36407 0.01610  0.00671  -0.02193 25  LYS B CB  
462 C CG  . LYS B 26 ? 0.45089 0.44786 0.50633 0.01973  -0.00626 -0.01621 25  LYS B CG  
463 C CD  . LYS B 26 ? 0.62896 0.62843 0.69590 0.02438  -0.01318 -0.01127 25  LYS B CD  
464 C CE  . LYS B 26 ? 0.77128 0.77681 0.86523 0.03121  -0.01261 -0.02291 25  LYS B CE  
465 N NZ  . LYS B 26 ? 0.86493 0.86603 0.97135 0.03797  -0.02712 -0.01918 25  LYS B NZ  
466 N N   . GLN B 27 ? 0.19837 0.20073 0.22916 0.00772  0.03169  -0.04647 26  GLN B N   
467 C CA  . GLN B 27 ? 0.23682 0.23638 0.27235 0.00673  0.04252  -0.06307 26  GLN B CA  
468 C C   . GLN B 27 ? 0.24608 0.23409 0.25069 0.00010  0.04356  -0.06524 26  GLN B C   
469 O O   . GLN B 27 ? 0.23701 0.21819 0.24450 0.00031  0.04591  -0.07725 26  GLN B O   
470 C CB  . GLN B 27 ? 0.26735 0.27596 0.31072 0.00350  0.06018  -0.07302 26  GLN B CB  
471 C CG  . GLN B 27 ? 0.30141 0.31018 0.35529 0.00218  0.07531  -0.09352 26  GLN B CG  
472 C CD  . GLN B 27 ? 0.48321 0.49766 0.57965 0.01334  0.06899  -0.10409 26  GLN B CD  
473 O OE1 . GLN B 27 ? 0.55453 0.57508 0.67473 0.02129  0.05591  -0.09719 26  GLN B OE1 
474 N NE2 . GLN B 27 ? 0.67512 0.68534 0.77988 0.01438  0.07725  -0.12141 26  GLN B NE2 
475 N N   . GLN B 28 ? 0.22113 0.20582 0.19659 -0.00525 0.04033  -0.05466 27  GLN B N   
476 C CA  . GLN B 28 ? 0.32075 0.29446 0.26651 -0.01099 0.03679  -0.05646 27  GLN B CA  
477 C C   . GLN B 28 ? 0.30403 0.27474 0.25989 -0.00898 0.02384  -0.05645 27  GLN B C   
478 O O   . GLN B 28 ? 0.39006 0.35173 0.33605 -0.01235 0.02413  -0.06656 27  GLN B O   
479 C CB  . GLN B 28 ? 0.38600 0.35674 0.30346 -0.01449 0.03049  -0.04399 27  GLN B CB  
480 C CG  . GLN B 28 ? 0.47851 0.44293 0.37229 -0.01978 0.04352  -0.04380 27  GLN B CG  
481 C CD  . GLN B 28 ? 0.67023 0.62092 0.52315 -0.02422 0.03527  -0.03579 27  GLN B CD  
482 O OE1 . GLN B 28 ? 0.76176 0.70559 0.59785 -0.02609 0.02514  -0.03836 27  GLN B OE1 
483 N NE2 . GLN B 28 ? 0.70659 0.65162 0.54348 -0.02571 0.03785  -0.02631 27  GLN B NE2 
484 N N   . LEU B 29 ? 0.29383 0.27010 0.26738 -0.00490 0.01352  -0.04584 28  LEU B N   
485 C CA  . LEU B 29 ? 0.31537 0.28656 0.29567 -0.00575 0.00280  -0.04449 28  LEU B CA  
486 C C   . LEU B 29 ? 0.43024 0.39240 0.42951 -0.00184 0.00413  -0.05400 28  LEU B C   
487 O O   . LEU B 29 ? 0.49688 0.44851 0.49455 -0.00480 -0.00029 -0.05945 28  LEU B O   
488 C CB  . LEU B 29 ? 0.28948 0.26722 0.27853 -0.00473 -0.00580 -0.03056 28  LEU B CB  
489 C CG  . LEU B 29 ? 0.36076 0.34716 0.33632 -0.00727 -0.00991 -0.02223 28  LEU B CG  
490 C CD1 . LEU B 29 ? 0.39760 0.39167 0.38536 -0.00571 -0.01421 -0.01115 28  LEU B CD1 
491 C CD2 . LEU B 29 ? 0.36785 0.35216 0.33107 -0.01298 -0.01747 -0.02615 28  LEU B CD2 
492 N N   . ALA B 30 ? 0.32572 0.29120 0.34496 0.00516  0.00884  -0.05683 29  ALA B N   
493 C CA  . ALA B 30 ? 0.37322 0.32922 0.41504 0.01182  0.00623  -0.06481 29  ALA B CA  
494 C C   . ALA B 30 ? 0.35672 0.31250 0.40830 0.01434  0.01855  -0.08394 29  ALA B C   
495 O O   . ALA B 30 ? 0.43888 0.38430 0.50875 0.02020  0.01595  -0.09359 29  ALA B O   
496 C CB  . ALA B 30 ? 0.40151 0.36046 0.46383 0.01972  -0.00089 -0.05669 29  ALA B CB  
497 N N   . GLY B 31 ? 0.31720 0.28208 0.35651 0.00971  0.03260  -0.09022 30  GLY B N   
498 C CA  . GLY B 31 ? 0.31619 0.28312 0.36624 0.01054  0.04861  -0.11003 30  GLY B CA  
499 C C   . GLY B 31 ? 0.40168 0.35494 0.43340 0.00522  0.05343  -0.12320 30  GLY B C   
500 O O   . GLY B 31 ? 0.46990 0.41631 0.46881 -0.00303 0.04931  -0.11725 30  GLY B O   
501 C C1  . PPI C .  ? 0.66783 0.58969 0.58022 0.00094  -0.06405 0.05419  101 PPI A C1  
502 C C2  . PPI C .  ? 0.53191 0.44985 0.43607 -0.00671 -0.05125 0.05820  101 PPI A C2  
503 C C3  . PPI C .  ? 0.52303 0.42930 0.43362 -0.00324 -0.05968 0.06061  101 PPI A C3  
504 O O1  . PPI C .  ? 0.65744 0.56120 0.54541 -0.00068 -0.07526 0.05734  101 PPI A O1  
505 O O2  . PPI C .  ? 0.58575 0.52851 0.52863 0.00783  -0.06324 0.04705  101 PPI A O2  
506 C C1  . PPI D .  ? 0.70158 0.78543 0.86963 0.00568  0.04676  -0.05528 101 PPI B C1  
507 C C2  . PPI D .  ? 0.57913 0.67687 0.77986 0.00579  0.05811  -0.07438 101 PPI B C2  
508 C C3  . PPI D .  ? 0.57034 0.65898 0.75977 0.01044  0.05739  -0.07522 101 PPI B C3  
509 O O1  . PPI D .  ? 0.69605 0.77839 0.85441 -0.00160 0.05287  -0.05111 101 PPI B O1  
510 O O2  . PPI D .  ? 0.74851 0.82190 0.90037 0.01233  0.03245  -0.04479 101 PPI B O2  
511 O O   . HOH E .  ? 0.87360 0.85399 0.85371 0.00282  -0.15231 -0.06295 201 HOH A O   
512 O O   . HOH E .  ? 0.75975 0.84455 0.93878 0.01367  -0.03019 -0.03677 202 HOH A O   
513 O O   . HOH E .  ? 0.42304 0.42820 0.45687 0.01055  -0.11747 -0.01480 203 HOH A O   
514 O O   . HOH E .  ? 0.86709 0.95228 1.04865 0.01066  -0.04976 -0.04117 204 HOH A O   
515 O O   . HOH E .  ? 0.32487 0.29510 0.33740 -0.04528 -0.03734 -0.03010 205 HOH A O   
516 O O   . HOH E .  ? 0.61279 0.71294 0.84753 0.03024  -0.06223 -0.05376 206 HOH A O   
517 O O   . HOH E .  ? 0.76430 0.63094 0.79375 0.00611  -0.04960 -0.00556 207 HOH A O   
518 O O   . HOH E .  ? 0.42556 0.39783 0.56581 0.06301  -0.07995 -0.01565 208 HOH A O   
519 O O   . HOH E .  ? 0.42574 0.41431 0.44963 -0.05110 -0.01244 0.01479  209 HOH A O   
520 O O   . HOH E .  ? 0.35189 0.26460 0.30507 -0.03131 -0.02411 0.05103  210 HOH A O   
521 O O   . HOH E .  ? 0.27316 0.24956 0.23560 -0.01208 -0.01271 0.04702  211 HOH A O   
522 O O   . HOH E .  ? 0.37126 0.36716 0.44017 -0.06803 -0.08765 -0.11314 212 HOH A O   
523 O O   . HOH E .  ? 0.41919 0.45640 0.53448 0.02742  0.00370  -0.02949 213 HOH A O   
524 O O   . HOH E .  ? 0.87622 1.01217 1.17013 -0.00071 -0.07457 -0.09332 214 HOH A O   
525 O O   . HOH E .  ? 0.80559 0.71763 0.83163 -0.10631 -0.01168 -0.00526 215 HOH A O   
526 O O   . HOH E .  ? 0.47481 0.44761 0.43478 -0.02514 -0.09841 -0.04538 216 HOH A O   
527 O O   . HOH E .  ? 0.38875 0.33826 0.52582 0.06419  -0.07615 -0.02065 217 HOH A O   
528 O O   . HOH E .  ? 0.56885 0.53925 0.51640 -0.01658 -0.08910 -0.02617 218 HOH A O   
529 O O   . HOH E .  ? 0.56931 0.48013 0.52869 -0.05354 -0.01154 0.04590  219 HOH A O   
530 O O   . HOH E .  ? 0.50048 0.44316 0.44932 -0.03675 -0.00767 0.05176  220 HOH A O   
531 O O   . HOH E .  ? 0.63020 0.62348 0.64974 -0.06489 0.00532  0.02335  221 HOH A O   
532 O O   . HOH F .  ? 0.92870 0.80593 0.94335 -0.08901 0.10227  -0.01208 201 HOH B O   
533 O O   . HOH F .  ? 0.87407 0.73436 0.74542 -0.05053 0.08994  0.04373  202 HOH B O   
534 O O   . HOH F .  ? 0.50680 0.48273 0.52058 -0.06514 0.11667  -0.01058 203 HOH B O   
535 O O   . HOH F .  ? 0.39472 0.27154 0.31870 0.02061  0.01874  0.05574  204 HOH B O   
536 O O   . HOH F .  ? 0.50876 0.41820 0.26163 -0.03616 0.01476  -0.03436 205 HOH B O   
537 O O   . HOH F .  ? 0.89705 0.88254 1.09561 -0.13659 0.03957  -0.12801 206 HOH B O   
538 O O   . HOH F .  ? 0.67109 0.73628 0.80201 -0.04779 0.11062  -0.05550 207 HOH B O   
539 O O   . HOH F .  ? 0.45753 0.47039 0.57125 -0.06837 0.08221  -0.03733 208 HOH B O   
540 O O   . HOH F .  ? 0.29087 0.32459 0.40395 0.02138  0.03433  -0.05891 209 HOH B O   
541 O O   . HOH F .  ? 0.58076 0.54480 0.51102 -0.03557 0.08785  0.00648  210 HOH B O   
542 O O   . HOH F .  ? 0.37299 0.31133 0.35215 -0.00893 0.01785  -0.09139 211 HOH B O   
543 O O   . HOH F .  ? 0.56743 0.57695 0.70039 -0.09364 0.10867  -0.05105 212 HOH B O   
544 O O   . HOH F .  ? 0.45847 0.38301 0.29396 -0.00835 0.01877  0.03902  213 HOH B O   
545 O O   . HOH F .  ? 0.52825 0.62843 0.75722 0.02830  -0.02075 -0.05467 214 HOH B O   
546 O O   . HOH F .  ? 0.31820 0.39678 0.47201 -0.00712 0.02580  -0.03494 215 HOH B O   
547 O O   . HOH F .  ? 0.46592 0.53872 0.60281 -0.01536 0.05979  -0.03993 216 HOH B O   
548 O O   . HOH F .  ? 0.46427 0.36625 0.58660 -0.13428 0.04473  -0.12076 217 HOH B O   
549 O O   . HOH F .  ? 0.67542 0.54152 0.58117 -0.07101 0.11159  0.02765  218 HOH B O   
550 O O   . HOH F .  ? 0.57327 0.58815 0.61886 -0.05795 0.12257  -0.03065 219 HOH B O   
551 O O   . HOH F .  ? 0.46651 0.45356 0.60555 0.04609  -0.01496 -0.05571 220 HOH B O   
# 
